data_2W40
#
_entry.id   2W40
#
_cell.length_a   101.915
_cell.length_b   100.717
_cell.length_c   107.812
_cell.angle_alpha   90.00
_cell.angle_beta   92.56
_cell.angle_gamma   90.00
#
_symmetry.space_group_name_H-M   'P 1 21 1'
#
loop_
_entity.id
_entity.type
_entity.pdbx_description
1 polymer 'GLYCEROL KINASE, PUTATIVE'
2 non-polymer 1,2-ETHANEDIOL
3 non-polymer GLYCEROL
4 water water
#
_entity_poly.entity_id   1
_entity_poly.type   'polypeptide(L)'
_entity_poly.pdbx_seq_one_letter_code
;GSMNVILSIDQSTQSTKVFFYDEELNIVHSNNLNHEQKCLKPGWYEHDPIEIMTNLYNLMNEGIKVLKDKYTSVIIKCIG
ITNQRETVIIWDRITGKPLYNAIVWLDTRVEELVTEFSAKYNNNDIQKKTGTYFNTYFSAFKILWLIQNNPEIKQKIDDG
TAVIGNINTWLIFNLTKGNCYTDVTNASRTLLMDINTLQWDEKMCKIFNITNMSVLPEIKSNCSNFGLVKSEHVPDYLNI
PITGCIGDQQSACIGQAIFDEGEAKCTYGTGVFLLINTGEKVVYSTCGLITTICYKFNDNDKPKYALEGSIGTAGSGVSW
LLKNKLIDDPSEASDIMEKCENTTGVIFVPAFSGLYAPRWRSDARASIYGMTFNTERSHIVRALLEGIAFQLNEIVDSLT
SDMGIEMLHVLRCDGGMTKNKPFMQFNSDIINTKIEVSKYKEVTSLGAAVLAGLEVKIWDSLDSVKSLLRRSDAVFHSKM
DDKKRKKKTSEWNKAVERTLIQL
;
_entity_poly.pdbx_strand_id   A,B,C,D
#
loop_
_chem_comp.id
_chem_comp.type
_chem_comp.name
_chem_comp.formula
EDO non-polymer 1,2-ETHANEDIOL 'C2 H6 O2'
GOL non-polymer GLYCEROL 'C3 H8 O3'
#
# COMPACT_ATOMS: atom_id res chain seq x y z
N MET A 3 -9.64 21.53 -22.80
CA MET A 3 -8.93 20.42 -22.13
C MET A 3 -8.20 21.03 -20.88
N ASN A 4 -8.71 20.71 -19.70
CA ASN A 4 -8.05 21.15 -18.48
C ASN A 4 -7.03 20.10 -18.10
N VAL A 5 -5.81 20.53 -17.79
CA VAL A 5 -4.72 19.58 -17.50
C VAL A 5 -3.89 20.03 -16.27
N ILE A 6 -3.26 19.02 -15.66
CA ILE A 6 -2.28 19.20 -14.60
C ILE A 6 -0.93 18.85 -15.20
N LEU A 7 0.09 19.70 -15.03
CA LEU A 7 1.44 19.38 -15.47
C LEU A 7 2.15 18.83 -14.26
N SER A 8 2.65 17.60 -14.38
CA SER A 8 3.51 16.97 -13.39
C SER A 8 4.92 16.81 -13.97
N ILE A 9 5.85 17.47 -13.30
CA ILE A 9 7.26 17.42 -13.66
C ILE A 9 7.97 16.40 -12.75
N ASP A 10 8.68 15.44 -13.32
CA ASP A 10 9.51 14.48 -12.55
C ASP A 10 10.97 14.67 -13.03
N GLN A 11 11.72 15.43 -12.24
CA GLN A 11 13.11 15.70 -12.51
C GLN A 11 13.89 14.61 -11.80
N SER A 12 14.17 13.52 -12.54
CA SER A 12 14.72 12.28 -12.01
C SER A 12 16.22 12.25 -12.12
N THR A 13 16.84 11.22 -11.54
CA THR A 13 18.28 11.08 -11.58
C THR A 13 18.80 11.12 -13.02
N GLN A 14 18.28 10.27 -13.86
CA GLN A 14 18.82 10.07 -15.17
C GLN A 14 18.15 10.83 -16.26
N SER A 15 16.95 11.34 -16.01
CA SER A 15 16.23 12.07 -17.01
C SER A 15 15.21 12.97 -16.38
N THR A 16 14.66 13.81 -17.22
CA THR A 16 13.59 14.73 -16.84
C THR A 16 12.37 14.31 -17.64
N LYS A 17 11.24 14.14 -16.95
CA LYS A 17 10.02 13.72 -17.53
C LYS A 17 8.94 14.75 -17.27
N VAL A 18 8.13 15.01 -18.29
CA VAL A 18 6.95 15.81 -18.08
C VAL A 18 5.67 14.93 -18.45
N PHE A 19 4.63 15.10 -17.64
CA PHE A 19 3.33 14.40 -17.81
C PHE A 19 2.27 15.43 -17.69
N PHE A 20 1.34 15.41 -18.63
CA PHE A 20 0.13 16.22 -18.59
C PHE A 20 -1.00 15.26 -18.34
N TYR A 21 -1.69 15.49 -17.22
CA TYR A 21 -2.76 14.69 -16.76
C TYR A 21 -4.09 15.40 -16.93
N ASP A 22 -5.13 14.70 -17.39
CA ASP A 22 -6.47 15.30 -17.37
C ASP A 22 -7.03 15.22 -15.96
N GLU A 23 -8.19 15.84 -15.71
CA GLU A 23 -8.75 15.82 -14.36
C GLU A 23 -9.24 14.47 -13.89
N GLU A 24 -9.22 13.46 -14.76
CA GLU A 24 -9.45 12.07 -14.33
C GLU A 24 -8.16 11.26 -14.08
N LEU A 25 -7.04 11.97 -14.13
CA LEU A 25 -5.68 11.37 -13.97
C LEU A 25 -5.25 10.44 -15.10
N ASN A 26 -5.83 10.66 -16.27
CA ASN A 26 -5.31 10.02 -17.48
C ASN A 26 -4.17 10.85 -17.99
N ILE A 27 -3.10 10.15 -18.35
CA ILE A 27 -2.00 10.81 -19.11
C ILE A 27 -2.42 11.21 -20.56
N VAL A 28 -2.48 12.52 -20.85
CA VAL A 28 -2.81 13.04 -22.20
C VAL A 28 -1.54 13.27 -23.05
N HIS A 29 -0.39 13.54 -22.41
CA HIS A 29 0.84 13.69 -23.16
C HIS A 29 1.93 13.47 -22.16
N SER A 30 3.03 12.86 -22.63
CA SER A 30 4.22 12.79 -21.79
C SER A 30 5.48 12.72 -22.69
N ASN A 31 6.60 13.12 -22.16
CA ASN A 31 7.86 13.05 -22.86
C ASN A 31 9.02 13.19 -21.85
N ASN A 32 10.22 12.86 -22.30
CA ASN A 32 11.37 12.95 -21.43
C ASN A 32 12.66 13.27 -22.24
N LEU A 33 13.70 13.70 -21.52
CA LEU A 33 15.00 13.93 -22.04
C LEU A 33 16.03 13.51 -21.00
N ASN A 34 17.02 12.77 -21.47
CA ASN A 34 18.11 12.39 -20.59
C ASN A 34 19.05 13.60 -20.38
N HIS A 35 19.77 13.62 -19.28
CA HIS A 35 20.91 14.50 -19.06
C HIS A 35 22.13 13.74 -18.58
N GLU A 36 23.29 14.30 -18.75
CA GLU A 36 24.57 13.62 -18.54
C GLU A 36 24.74 13.25 -17.10
N GLN A 37 25.12 11.98 -16.90
CA GLN A 37 25.62 11.54 -15.58
C GLN A 37 27.10 11.62 -15.58
N LYS A 38 27.65 12.65 -14.90
CA LYS A 38 29.07 12.92 -14.90
C LYS A 38 29.76 12.18 -13.75
N CYS A 39 30.60 11.22 -14.12
CA CYS A 39 31.33 10.42 -13.15
C CYS A 39 32.83 10.46 -13.50
N LEU A 40 33.42 11.62 -13.23
CA LEU A 40 34.80 12.02 -13.62
C LEU A 40 35.90 11.38 -12.92
N LYS A 41 35.69 11.01 -11.66
CA LYS A 41 36.67 10.46 -10.80
C LYS A 41 35.91 9.38 -10.02
N PRO A 42 36.63 8.38 -9.45
CA PRO A 42 35.98 7.45 -8.54
C PRO A 42 35.26 8.16 -7.40
N GLY A 43 33.96 7.85 -7.23
CA GLY A 43 33.23 8.53 -6.16
C GLY A 43 32.45 9.72 -6.56
N TRP A 44 32.88 10.38 -7.59
CA TRP A 44 32.24 11.65 -8.03
C TRP A 44 31.00 11.33 -8.90
N TYR A 45 29.96 12.11 -8.68
CA TYR A 45 28.74 11.97 -9.49
C TYR A 45 28.05 13.33 -9.48
N GLU A 46 28.01 13.94 -10.68
CA GLU A 46 27.52 15.25 -10.90
C GLU A 46 26.49 15.39 -12.01
N HIS A 47 25.63 16.41 -11.91
CA HIS A 47 24.78 16.83 -13.04
C HIS A 47 25.03 18.30 -13.36
N ASP A 48 24.76 18.70 -14.61
CA ASP A 48 24.84 20.07 -15.07
C ASP A 48 23.48 20.69 -14.78
N PRO A 49 23.41 21.61 -13.85
CA PRO A 49 22.08 22.18 -13.48
C PRO A 49 21.38 22.96 -14.56
N ILE A 50 22.19 23.59 -15.41
CA ILE A 50 21.68 24.36 -16.54
C ILE A 50 21.13 23.39 -17.58
N GLU A 51 21.81 22.27 -17.82
CA GLU A 51 21.28 21.21 -18.73
C GLU A 51 19.93 20.73 -18.29
N ILE A 52 19.76 20.50 -16.99
CA ILE A 52 18.45 20.03 -16.47
C ILE A 52 17.38 21.09 -16.78
N MET A 53 17.64 22.35 -16.46
CA MET A 53 16.67 23.42 -16.71
C MET A 53 16.36 23.57 -18.17
N THR A 54 17.38 23.55 -19.00
CA THR A 54 17.17 23.68 -20.46
C THR A 54 16.27 22.55 -21.00
N ASN A 55 16.56 21.33 -20.57
CA ASN A 55 15.76 20.18 -20.92
C ASN A 55 14.32 20.36 -20.45
N LEU A 56 14.11 20.81 -19.22
CA LEU A 56 12.73 21.00 -18.74
C LEU A 56 11.98 22.05 -19.53
N TYR A 57 12.62 23.18 -19.82
CA TYR A 57 11.92 24.20 -20.62
C TYR A 57 11.53 23.68 -21.96
N ASN A 58 12.43 22.94 -22.64
CA ASN A 58 12.11 22.34 -23.96
C ASN A 58 10.99 21.34 -23.88
N LEU A 59 10.98 20.51 -22.82
CA LEU A 59 9.89 19.57 -22.60
C LEU A 59 8.54 20.25 -22.36
N MET A 60 8.51 21.33 -21.57
CA MET A 60 7.28 22.07 -21.26
C MET A 60 6.76 22.73 -22.55
N ASN A 61 7.69 23.32 -23.30
CA ASN A 61 7.27 24.05 -24.49
C ASN A 61 6.73 23.09 -25.49
N GLU A 62 7.38 21.93 -25.65
CA GLU A 62 6.91 20.97 -26.62
C GLU A 62 5.59 20.37 -26.21
N GLY A 63 5.41 20.12 -24.91
CA GLY A 63 4.15 19.50 -24.51
C GLY A 63 2.96 20.42 -24.73
N ILE A 64 3.08 21.70 -24.41
CA ILE A 64 1.93 22.57 -24.58
C ILE A 64 1.66 22.76 -26.12
N LYS A 65 2.68 22.75 -26.94
CA LYS A 65 2.51 22.75 -28.42
C LYS A 65 1.72 21.54 -28.85
N VAL A 66 2.07 20.36 -28.32
CA VAL A 66 1.35 19.13 -28.65
C VAL A 66 -0.13 19.24 -28.22
N LEU A 67 -0.40 19.69 -26.99
CA LEU A 67 -1.77 19.74 -26.50
C LEU A 67 -2.62 20.75 -27.26
N LYS A 68 -2.03 21.88 -27.63
CA LYS A 68 -2.77 22.93 -28.31
C LYS A 68 -2.96 22.55 -29.78
N ASP A 69 -2.06 21.75 -30.38
CA ASP A 69 -2.33 21.08 -31.68
C ASP A 69 -3.52 20.10 -31.61
N LYS A 70 -3.73 19.48 -30.45
CA LYS A 70 -4.71 18.40 -30.28
C LYS A 70 -6.09 18.81 -29.76
N TYR A 71 -6.14 19.84 -28.92
CA TYR A 71 -7.37 20.29 -28.25
C TYR A 71 -7.67 21.74 -28.64
N THR A 72 -8.95 22.11 -28.60
CA THR A 72 -9.35 23.40 -29.19
C THR A 72 -8.89 24.56 -28.32
N SER A 73 -9.01 24.37 -27.01
CA SER A 73 -8.40 25.23 -26.04
C SER A 73 -7.73 24.30 -25.00
N VAL A 74 -6.64 24.76 -24.45
CA VAL A 74 -5.97 24.03 -23.34
C VAL A 74 -5.88 24.99 -22.17
N ILE A 75 -6.22 24.53 -20.98
CA ILE A 75 -5.94 25.26 -19.74
C ILE A 75 -5.05 24.38 -18.82
N ILE A 76 -3.85 24.86 -18.44
CA ILE A 76 -3.02 24.16 -17.47
C ILE A 76 -3.48 24.75 -16.12
N LYS A 77 -4.18 23.94 -15.36
CA LYS A 77 -4.74 24.36 -14.03
C LYS A 77 -3.63 24.62 -12.97
N CYS A 78 -2.60 23.83 -13.06
CA CYS A 78 -1.58 23.83 -12.03
C CYS A 78 -0.41 22.92 -12.42
N ILE A 79 0.69 23.12 -11.70
CA ILE A 79 1.92 22.37 -11.88
C ILE A 79 2.32 21.73 -10.57
N GLY A 80 2.65 20.45 -10.61
CA GLY A 80 3.31 19.71 -9.47
C GLY A 80 4.77 19.35 -9.87
N ILE A 81 5.65 19.40 -8.89
CA ILE A 81 7.08 19.11 -9.05
C ILE A 81 7.48 18.01 -8.11
N THR A 82 8.21 17.05 -8.65
CA THR A 82 8.82 16.01 -7.90
C THR A 82 10.21 15.75 -8.47
N ASN A 83 11.11 15.24 -7.66
CA ASN A 83 12.51 15.33 -7.97
C ASN A 83 13.34 14.28 -7.26
N GLN A 84 14.44 13.87 -7.96
CA GLN A 84 15.53 13.21 -7.29
C GLN A 84 15.95 13.98 -6.03
N ARG A 85 16.05 13.28 -4.91
CA ARG A 85 16.28 13.89 -3.62
C ARG A 85 17.79 14.02 -3.38
N GLU A 86 18.14 14.70 -2.31
CA GLU A 86 19.50 14.86 -1.79
C GLU A 86 20.48 15.67 -2.66
N THR A 87 20.38 15.48 -3.94
CA THR A 87 21.21 16.23 -4.93
C THR A 87 21.09 17.70 -4.59
N VAL A 88 22.27 18.36 -4.59
CA VAL A 88 22.35 19.74 -4.16
C VAL A 88 23.09 20.65 -5.12
N ILE A 89 22.56 21.88 -5.23
CA ILE A 89 23.17 22.94 -6.06
C ILE A 89 23.24 24.22 -5.17
N ILE A 90 24.38 24.94 -5.26
CA ILE A 90 24.54 26.25 -4.63
C ILE A 90 24.63 27.28 -5.79
N TRP A 91 23.84 28.34 -5.71
CA TRP A 91 23.81 29.35 -6.76
C TRP A 91 23.74 30.76 -6.28
N ASP A 92 24.06 31.71 -7.14
CA ASP A 92 23.88 33.12 -6.84
C ASP A 92 22.43 33.54 -6.77
N ARG A 93 22.00 34.21 -5.70
N ARG A 93 22.08 34.27 -5.74
CA ARG A 93 20.59 34.64 -5.63
CA ARG A 93 20.73 34.66 -5.53
C ARG A 93 20.18 35.55 -6.80
C ARG A 93 20.14 35.66 -6.54
N ILE A 94 20.97 36.59 -7.03
CA ILE A 94 20.53 37.54 -8.08
C ILE A 94 20.52 36.98 -9.49
N THR A 95 21.63 36.36 -9.91
CA THR A 95 21.78 35.93 -11.31
C THR A 95 21.20 34.55 -11.59
N GLY A 96 21.14 33.76 -10.54
CA GLY A 96 20.76 32.35 -10.64
C GLY A 96 21.88 31.46 -11.12
N LYS A 97 23.10 32.00 -11.20
CA LYS A 97 24.23 31.24 -11.75
C LYS A 97 24.70 30.19 -10.74
N PRO A 98 24.79 28.90 -11.16
CA PRO A 98 25.32 27.89 -10.29
C PRO A 98 26.78 28.14 -9.99
N LEU A 99 27.19 27.97 -8.74
CA LEU A 99 28.57 28.10 -8.28
C LEU A 99 29.44 26.88 -8.51
N TYR A 100 28.74 25.77 -8.83
CA TYR A 100 29.31 24.48 -9.08
C TYR A 100 28.21 23.61 -9.59
N ASN A 101 28.57 22.49 -10.20
CA ASN A 101 27.60 21.50 -10.70
C ASN A 101 26.72 21.02 -9.53
N ALA A 102 25.58 20.40 -9.85
CA ALA A 102 24.82 19.60 -8.85
C ALA A 102 25.78 18.45 -8.45
N ILE A 103 25.81 18.19 -7.14
CA ILE A 103 26.41 16.99 -6.60
C ILE A 103 25.32 16.05 -6.20
N VAL A 104 25.32 14.93 -6.91
CA VAL A 104 24.18 13.98 -6.89
C VAL A 104 24.18 13.15 -5.61
N TRP A 105 22.94 12.67 -5.27
CA TRP A 105 22.79 11.76 -4.13
C TRP A 105 23.74 10.55 -4.15
N LEU A 106 24.08 10.08 -5.36
CA LEU A 106 24.96 8.95 -5.58
C LEU A 106 26.44 9.26 -5.37
N ASP A 107 26.81 10.51 -5.25
CA ASP A 107 28.19 10.90 -5.07
C ASP A 107 28.68 10.42 -3.70
N THR A 108 29.94 9.95 -3.65
CA THR A 108 30.52 9.51 -2.40
C THR A 108 31.86 10.10 -2.10
N ARG A 109 32.18 11.27 -2.68
CA ARG A 109 33.46 11.92 -2.40
C ARG A 109 33.64 12.29 -0.98
N VAL A 110 32.53 12.41 -0.21
CA VAL A 110 32.61 12.89 1.20
C VAL A 110 32.86 11.75 2.19
N GLU A 111 33.21 10.56 1.66
CA GLU A 111 33.45 9.36 2.51
C GLU A 111 34.38 9.74 3.71
N GLU A 112 35.52 10.36 3.44
CA GLU A 112 36.52 10.70 4.48
C GLU A 112 35.98 11.70 5.51
N LEU A 113 35.20 12.68 5.05
CA LEU A 113 34.55 13.61 5.99
C LEU A 113 33.55 12.93 6.87
N VAL A 114 32.72 12.04 6.31
CA VAL A 114 31.75 11.32 7.13
C VAL A 114 32.45 10.54 8.21
N THR A 115 33.57 9.90 7.87
CA THR A 115 34.32 9.11 8.86
C THR A 115 34.81 10.05 9.99
N GLU A 116 35.41 11.18 9.59
CA GLU A 116 35.91 12.15 10.53
CA GLU A 116 35.89 12.20 10.55
C GLU A 116 34.78 12.65 11.45
N PHE A 117 33.62 13.03 10.85
CA PHE A 117 32.55 13.58 11.69
C PHE A 117 31.85 12.55 12.60
N SER A 118 31.84 11.33 12.15
CA SER A 118 31.20 10.23 12.89
C SER A 118 32.03 9.90 14.09
N ALA A 119 33.30 10.24 14.02
CA ALA A 119 34.22 10.02 15.15
C ALA A 119 34.04 11.18 16.17
N LYS A 120 33.84 12.41 15.70
CA LYS A 120 33.83 13.62 16.52
C LYS A 120 32.48 13.87 17.25
N TYR A 121 31.37 13.39 16.70
CA TYR A 121 30.06 13.70 17.17
C TYR A 121 29.38 12.44 17.63
N ASN A 122 28.38 12.64 18.45
CA ASN A 122 27.59 11.54 18.98
C ASN A 122 26.46 11.21 18.03
N ASN A 123 26.65 10.10 17.34
CA ASN A 123 25.80 9.68 16.22
C ASN A 123 24.34 9.49 16.57
N ASN A 124 24.07 8.99 17.77
CA ASN A 124 22.66 8.88 18.20
C ASN A 124 21.97 10.23 18.31
N ASP A 125 22.72 11.25 18.74
CA ASP A 125 22.19 12.61 18.76
C ASP A 125 21.84 13.14 17.39
N ILE A 126 22.65 12.80 16.38
CA ILE A 126 22.35 13.20 14.98
C ILE A 126 21.08 12.50 14.47
N GLN A 127 20.96 11.21 14.77
CA GLN A 127 19.78 10.47 14.41
C GLN A 127 18.55 11.04 15.11
N LYS A 128 18.66 11.30 16.43
CA LYS A 128 17.49 11.82 17.12
C LYS A 128 16.99 13.15 16.49
N LYS A 129 17.95 14.01 16.14
CA LYS A 129 17.65 15.34 15.58
C LYS A 129 17.03 15.28 14.18
N THR A 130 17.64 14.49 13.29
CA THR A 130 17.36 14.57 11.88
C THR A 130 16.69 13.34 11.22
N GLY A 131 16.69 12.24 11.93
CA GLY A 131 16.16 10.97 11.39
C GLY A 131 17.20 10.02 10.76
N THR A 132 18.48 10.48 10.70
CA THR A 132 19.52 9.68 10.09
C THR A 132 20.82 9.88 10.85
N TYR A 133 21.69 8.86 10.78
CA TYR A 133 23.14 9.03 11.05
C TYR A 133 23.80 9.80 9.91
N PHE A 134 24.97 10.38 10.18
CA PHE A 134 25.82 10.87 9.12
C PHE A 134 25.98 9.82 8.06
N ASN A 135 25.97 10.25 6.78
CA ASN A 135 26.17 9.36 5.64
C ASN A 135 26.66 10.20 4.45
N THR A 136 27.04 9.52 3.37
CA THR A 136 27.56 10.16 2.10
C THR A 136 26.39 10.61 1.16
N TYR A 137 25.15 10.31 1.59
CA TYR A 137 23.95 10.28 0.77
C TYR A 137 23.19 11.59 0.84
N PHE A 138 22.91 12.05 2.05
CA PHE A 138 22.17 13.30 2.27
C PHE A 138 22.97 14.55 1.86
N SER A 139 22.31 15.70 1.83
CA SER A 139 22.91 16.87 1.16
C SER A 139 24.13 17.42 1.96
N ALA A 140 24.06 17.32 3.30
CA ALA A 140 24.86 18.22 4.13
C ALA A 140 26.38 18.06 3.95
N PHE A 141 26.89 16.82 3.84
CA PHE A 141 28.33 16.65 3.63
C PHE A 141 28.80 17.18 2.31
N LYS A 142 27.93 17.16 1.36
CA LYS A 142 28.27 17.67 0.00
CA LYS A 142 28.23 17.67 -0.01
C LYS A 142 28.37 19.21 0.04
N ILE A 143 27.47 19.85 0.78
CA ILE A 143 27.51 21.28 1.04
C ILE A 143 28.82 21.58 1.79
N LEU A 144 29.14 20.83 2.85
CA LEU A 144 30.38 21.05 3.62
C LEU A 144 31.64 20.89 2.73
N TRP A 145 31.64 19.89 1.85
CA TRP A 145 32.78 19.67 0.90
C TRP A 145 32.95 20.93 0.01
N LEU A 146 31.84 21.42 -0.55
CA LEU A 146 31.85 22.69 -1.38
C LEU A 146 32.43 23.87 -0.58
N ILE A 147 31.92 24.07 0.64
CA ILE A 147 32.43 25.09 1.55
C ILE A 147 33.98 24.92 1.77
N GLN A 148 34.42 23.71 2.00
CA GLN A 148 35.82 23.50 2.32
C GLN A 148 36.74 23.61 1.12
N ASN A 149 36.20 23.37 -0.08
CA ASN A 149 37.00 23.32 -1.32
C ASN A 149 36.82 24.47 -2.32
N ASN A 150 35.82 25.32 -2.07
CA ASN A 150 35.48 26.42 -2.99
CA ASN A 150 35.47 26.43 -3.01
C ASN A 150 35.30 27.68 -2.18
N PRO A 151 36.37 28.52 -2.08
CA PRO A 151 36.26 29.69 -1.29
C PRO A 151 35.13 30.67 -1.71
N GLU A 152 34.80 30.73 -2.99
CA GLU A 152 33.65 31.54 -3.40
C GLU A 152 32.30 31.09 -2.77
N ILE A 153 32.08 29.77 -2.70
CA ILE A 153 30.88 29.24 -2.07
C ILE A 153 30.90 29.56 -0.59
N LYS A 154 32.03 29.31 0.07
CA LYS A 154 32.12 29.67 1.47
C LYS A 154 31.76 31.14 1.74
N GLN A 155 32.35 32.01 0.94
N GLN A 155 32.36 32.03 0.95
CA GLN A 155 32.19 33.45 1.12
CA GLN A 155 32.11 33.48 1.09
C GLN A 155 30.74 33.92 0.78
C GLN A 155 30.67 33.85 0.86
N LYS A 156 30.11 33.32 -0.23
CA LYS A 156 28.73 33.67 -0.62
C LYS A 156 27.68 33.10 0.35
N ILE A 157 27.95 31.96 0.96
CA ILE A 157 27.10 31.52 2.10
C ILE A 157 27.19 32.50 3.26
N ASP A 158 28.45 32.77 3.66
CA ASP A 158 28.70 33.64 4.86
C ASP A 158 28.00 35.00 4.63
N ASP A 159 28.12 35.60 3.43
CA ASP A 159 27.56 36.93 3.14
C ASP A 159 26.08 36.95 2.71
N GLY A 160 25.49 35.75 2.58
CA GLY A 160 24.09 35.65 2.33
C GLY A 160 23.69 35.92 0.93
N THR A 161 24.66 35.80 0.00
CA THR A 161 24.31 36.03 -1.40
C THR A 161 24.07 34.77 -2.27
N ALA A 162 24.32 33.64 -1.68
CA ALA A 162 24.08 32.33 -2.30
C ALA A 162 22.70 31.77 -1.82
N VAL A 163 22.19 30.79 -2.58
CA VAL A 163 21.04 29.94 -2.20
C VAL A 163 21.58 28.51 -2.27
N ILE A 164 21.26 27.72 -1.22
CA ILE A 164 21.58 26.28 -1.20
C ILE A 164 20.24 25.53 -1.40
N GLY A 165 20.14 24.74 -2.46
CA GLY A 165 18.94 24.10 -2.82
C GLY A 165 19.06 22.69 -3.35
N ASN A 166 18.01 21.89 -3.03
CA ASN A 166 17.78 20.63 -3.67
C ASN A 166 17.15 20.93 -5.07
N ILE A 167 16.95 19.90 -5.84
CA ILE A 167 16.50 20.12 -7.22
C ILE A 167 15.15 20.79 -7.25
N ASN A 168 14.22 20.40 -6.35
CA ASN A 168 12.91 21.14 -6.34
C ASN A 168 13.10 22.62 -6.17
N THR A 169 13.95 23.03 -5.22
CA THR A 169 14.19 24.43 -5.01
C THR A 169 14.72 25.11 -6.32
N TRP A 170 15.64 24.41 -7.00
CA TRP A 170 16.27 24.90 -8.20
C TRP A 170 15.27 25.12 -9.32
N LEU A 171 14.39 24.15 -9.47
CA LEU A 171 13.35 24.27 -10.49
C LEU A 171 12.40 25.42 -10.18
N ILE A 172 11.99 25.53 -8.94
CA ILE A 172 10.98 26.54 -8.60
C ILE A 172 11.60 27.90 -8.72
N PHE A 173 12.85 28.04 -8.26
CA PHE A 173 13.62 29.31 -8.38
C PHE A 173 13.63 29.78 -9.81
N ASN A 174 14.00 28.89 -10.71
CA ASN A 174 14.08 29.31 -12.12
C ASN A 174 12.73 29.59 -12.75
N LEU A 175 11.74 28.73 -12.50
CA LEU A 175 10.40 28.91 -13.11
C LEU A 175 9.71 30.19 -12.63
N THR A 176 9.88 30.51 -11.35
CA THR A 176 9.25 31.68 -10.74
C THR A 176 10.08 33.02 -10.80
N LYS A 177 11.28 32.92 -11.34
CA LYS A 177 12.25 33.95 -11.34
C LYS A 177 12.57 34.45 -9.95
N GLY A 178 12.85 33.52 -9.00
CA GLY A 178 13.34 33.92 -7.75
C GLY A 178 12.78 33.37 -6.45
N ASN A 179 11.63 32.66 -6.48
CA ASN A 179 11.09 32.09 -5.24
C ASN A 179 12.06 31.05 -4.74
N CYS A 180 12.31 31.13 -3.41
CA CYS A 180 13.15 30.15 -2.68
C CYS A 180 12.38 29.26 -1.66
N TYR A 181 11.93 28.11 -2.14
CA TYR A 181 11.07 27.25 -1.40
C TYR A 181 11.62 25.84 -1.43
N THR A 182 11.36 25.10 -0.36
CA THR A 182 11.42 23.65 -0.43
C THR A 182 10.12 23.09 0.21
N ASP A 183 9.96 21.77 0.23
CA ASP A 183 8.86 21.14 0.90
C ASP A 183 9.46 20.29 2.02
N VAL A 184 8.59 19.93 2.96
CA VAL A 184 9.01 19.09 4.09
C VAL A 184 9.74 17.80 3.77
N THR A 185 9.33 17.14 2.70
CA THR A 185 9.97 15.86 2.39
C THR A 185 11.42 16.07 1.87
N ASN A 186 11.62 17.10 1.03
CA ASN A 186 12.95 17.32 0.51
C ASN A 186 13.88 17.86 1.64
N ALA A 187 13.32 18.69 2.52
CA ALA A 187 14.09 19.29 3.64
C ALA A 187 14.61 18.19 4.55
N SER A 188 13.80 17.13 4.69
CA SER A 188 14.19 16.00 5.59
C SER A 188 15.39 15.19 5.03
N ARG A 189 15.75 15.42 3.73
CA ARG A 189 16.84 14.72 3.06
C ARG A 189 18.19 15.46 3.05
N THR A 190 18.24 16.55 3.79
CA THR A 190 19.40 17.44 3.84
C THR A 190 20.46 17.18 4.93
N LEU A 191 20.02 16.55 6.02
CA LEU A 191 20.71 16.41 7.29
C LEU A 191 20.75 17.74 8.06
N LEU A 192 19.88 18.72 7.70
CA LEU A 192 19.87 20.03 8.35
C LEU A 192 18.51 20.35 9.03
N MET A 193 17.49 19.51 8.83
CA MET A 193 16.17 19.76 9.37
C MET A 193 15.96 18.92 10.64
N ASP A 194 15.31 19.54 11.63
CA ASP A 194 14.79 18.85 12.80
C ASP A 194 13.58 18.02 12.38
N ILE A 195 13.66 16.69 12.43
CA ILE A 195 12.63 15.77 11.96
C ILE A 195 11.29 15.87 12.73
N ASN A 196 11.40 16.36 13.99
CA ASN A 196 10.23 16.56 14.89
C ASN A 196 9.59 17.94 14.72
N THR A 197 10.38 18.99 14.55
CA THR A 197 9.84 20.33 14.50
C THR A 197 9.59 20.82 13.07
N LEU A 198 10.24 20.14 12.15
CA LEU A 198 10.18 20.43 10.73
C LEU A 198 10.77 21.83 10.34
N GLN A 199 11.77 22.25 11.07
CA GLN A 199 12.48 23.49 10.88
C GLN A 199 13.95 23.22 10.66
N TRP A 200 14.62 24.14 9.95
CA TRP A 200 16.07 24.09 9.83
C TRP A 200 16.60 24.20 11.24
N ASP A 201 17.61 23.38 11.51
CA ASP A 201 18.21 23.23 12.86
C ASP A 201 19.54 23.98 12.91
N GLU A 202 19.63 24.93 13.83
CA GLU A 202 20.82 25.76 13.91
C GLU A 202 22.04 24.92 14.28
N LYS A 203 21.90 23.98 15.23
CA LYS A 203 23.05 23.12 15.55
C LYS A 203 23.56 22.30 14.37
N MET A 204 22.67 21.76 13.54
CA MET A 204 23.10 21.03 12.38
C MET A 204 23.84 21.94 11.40
N CYS A 205 23.32 23.12 11.20
CA CYS A 205 23.93 24.07 10.23
C CYS A 205 25.31 24.45 10.72
N LYS A 206 25.46 24.62 12.02
CA LYS A 206 26.75 24.87 12.59
C LYS A 206 27.78 23.76 12.33
N ILE A 207 27.35 22.50 12.54
CA ILE A 207 28.21 21.33 12.31
C ILE A 207 28.71 21.41 10.85
N PHE A 208 27.82 21.77 9.87
CA PHE A 208 28.15 21.71 8.45
C PHE A 208 28.69 23.05 7.96
N ASN A 209 29.03 23.94 8.89
CA ASN A 209 29.70 25.20 8.54
C ASN A 209 28.82 26.15 7.71
N ILE A 210 27.52 26.05 7.89
CA ILE A 210 26.53 26.96 7.27
C ILE A 210 26.27 28.02 8.30
N THR A 211 27.04 29.12 8.13
CA THR A 211 27.10 30.22 9.11
C THR A 211 25.98 31.20 8.99
N ASN A 212 25.22 31.10 7.95
CA ASN A 212 24.17 32.07 7.64
C ASN A 212 22.99 31.31 7.10
N MET A 213 21.96 31.19 7.93
CA MET A 213 20.82 30.36 7.60
C MET A 213 19.90 30.98 6.57
N SER A 214 20.09 32.27 6.26
CA SER A 214 19.27 32.87 5.25
C SER A 214 19.41 32.34 3.86
N VAL A 215 20.46 31.56 3.64
CA VAL A 215 20.65 30.90 2.33
C VAL A 215 19.78 29.70 2.05
N LEU A 216 19.12 29.25 3.11
CA LEU A 216 18.21 28.10 3.01
C LEU A 216 16.79 28.59 2.65
N PRO A 217 16.06 27.84 1.85
CA PRO A 217 14.72 28.17 1.44
C PRO A 217 13.70 27.91 2.53
N GLU A 218 12.54 28.57 2.45
CA GLU A 218 11.44 28.31 3.35
C GLU A 218 10.86 26.92 3.08
N ILE A 219 10.66 26.19 4.18
CA ILE A 219 10.06 24.87 4.11
C ILE A 219 8.52 25.00 4.09
N LYS A 220 7.91 24.49 3.06
CA LYS A 220 6.50 24.48 2.86
C LYS A 220 5.88 23.08 3.01
N SER A 221 4.59 23.04 3.17
CA SER A 221 3.85 21.78 3.03
C SER A 221 3.85 21.30 1.57
N ASN A 222 3.41 20.09 1.32
CA ASN A 222 3.46 19.52 -0.02
C ASN A 222 2.45 20.08 -0.98
N CYS A 223 1.29 20.48 -0.42
CA CYS A 223 0.26 21.28 -1.15
C CYS A 223 0.39 22.73 -0.69
N SER A 224 0.80 23.63 -1.56
CA SER A 224 1.15 25.02 -1.16
C SER A 224 1.14 25.94 -2.37
N ASN A 225 1.27 27.23 -2.10
CA ASN A 225 1.40 28.19 -3.16
C ASN A 225 2.95 28.42 -3.33
N PHE A 226 3.54 27.74 -4.32
CA PHE A 226 4.97 27.80 -4.59
C PHE A 226 5.32 28.95 -5.54
N GLY A 227 4.28 29.59 -6.07
CA GLY A 227 4.45 30.78 -6.91
C GLY A 227 3.89 30.61 -8.32
N LEU A 228 3.96 31.67 -9.07
CA LEU A 228 3.49 31.61 -10.45
C LEU A 228 4.69 31.53 -11.36
N VAL A 229 4.50 30.82 -12.46
CA VAL A 229 5.54 30.75 -13.45
C VAL A 229 5.66 32.15 -14.11
N LYS A 230 6.89 32.58 -14.19
CA LYS A 230 7.28 33.86 -14.79
C LYS A 230 8.41 33.76 -15.77
N SER A 231 9.10 32.61 -15.85
CA SER A 231 10.24 32.49 -16.74
C SER A 231 9.91 32.76 -18.22
N GLU A 232 10.73 33.62 -18.77
CA GLU A 232 10.62 33.94 -20.22
C GLU A 232 10.90 32.77 -21.17
N HIS A 233 11.50 31.74 -20.66
CA HIS A 233 11.79 30.51 -21.40
C HIS A 233 10.60 29.66 -21.66
N VAL A 234 9.53 29.84 -20.87
CA VAL A 234 8.25 29.09 -20.97
C VAL A 234 7.09 30.06 -21.03
N PRO A 235 7.03 30.85 -22.15
CA PRO A 235 6.08 31.97 -22.22
C PRO A 235 4.61 31.57 -22.11
N ASP A 236 4.21 30.41 -22.66
CA ASP A 236 2.83 29.95 -22.61
C ASP A 236 2.35 29.60 -21.20
N TYR A 237 3.28 29.45 -20.24
CA TYR A 237 3.00 29.06 -18.90
C TYR A 237 2.98 30.27 -17.97
N LEU A 238 3.07 31.47 -18.55
CA LEU A 238 3.06 32.69 -17.74
C LEU A 238 1.84 32.66 -16.78
N ASN A 239 2.10 32.88 -15.50
CA ASN A 239 1.07 32.92 -14.45
C ASN A 239 0.30 31.64 -14.13
N ILE A 240 0.80 30.51 -14.64
CA ILE A 240 0.34 29.23 -14.13
C ILE A 240 0.99 28.94 -12.74
N PRO A 241 0.18 28.54 -11.76
CA PRO A 241 0.68 28.31 -10.38
C PRO A 241 1.33 26.96 -10.24
N ILE A 242 2.34 26.95 -9.41
CA ILE A 242 3.01 25.73 -8.98
C ILE A 242 2.41 25.47 -7.59
N THR A 243 1.75 24.31 -7.45
CA THR A 243 0.87 24.06 -6.32
C THR A 243 1.17 22.77 -5.58
N GLY A 244 2.06 21.90 -6.14
CA GLY A 244 2.50 20.74 -5.34
C GLY A 244 3.98 20.51 -5.54
N CYS A 245 4.62 20.02 -4.46
CA CYS A 245 6.05 19.73 -4.49
C CYS A 245 6.37 18.68 -3.44
N ILE A 246 7.08 17.64 -3.84
CA ILE A 246 7.39 16.54 -2.98
C ILE A 246 8.66 15.80 -3.55
N GLY A 247 9.47 15.21 -2.70
CA GLY A 247 10.51 14.38 -3.22
C GLY A 247 9.99 13.12 -3.89
N ASP A 248 10.75 12.59 -4.82
CA ASP A 248 10.28 11.53 -5.66
C ASP A 248 9.74 10.25 -5.01
N GLN A 249 10.46 9.78 -4.02
CA GLN A 249 10.09 8.50 -3.43
C GLN A 249 8.81 8.68 -2.62
N GLN A 250 8.68 9.83 -1.95
CA GLN A 250 7.46 10.22 -1.26
C GLN A 250 6.30 10.46 -2.19
N SER A 251 6.56 10.99 -3.35
CA SER A 251 5.56 11.12 -4.38
C SER A 251 4.97 9.77 -4.76
N ALA A 252 5.82 8.75 -4.91
CA ALA A 252 5.39 7.41 -5.20
C ALA A 252 4.52 6.85 -4.09
N CYS A 253 4.69 7.31 -2.85
CA CYS A 253 3.79 6.96 -1.73
C CYS A 253 2.38 7.48 -1.98
N ILE A 254 2.28 8.75 -2.39
CA ILE A 254 1.02 9.36 -2.73
C ILE A 254 0.39 8.63 -3.91
N GLY A 255 1.18 8.34 -4.96
CA GLY A 255 0.66 7.71 -6.10
C GLY A 255 0.24 6.27 -5.95
N GLN A 256 0.76 5.58 -4.93
CA GLN A 256 0.42 4.20 -4.56
C GLN A 256 -0.72 4.27 -3.48
N ALA A 257 -1.15 5.47 -3.04
CA ALA A 257 -2.13 5.62 -1.91
C ALA A 257 -1.68 4.88 -0.62
N ILE A 258 -0.38 5.02 -0.25
CA ILE A 258 0.22 4.45 0.98
C ILE A 258 -0.07 5.37 2.15
N PHE A 259 -1.36 5.55 2.48
CA PHE A 259 -1.81 6.60 3.42
C PHE A 259 -2.04 6.12 4.83
N ASP A 260 -2.16 4.82 4.99
CA ASP A 260 -2.45 4.24 6.35
C ASP A 260 -1.23 3.71 7.02
N GLU A 261 -1.19 3.82 8.34
CA GLU A 261 -0.11 3.31 9.14
C GLU A 261 0.17 1.88 8.84
N GLY A 262 1.44 1.55 8.55
CA GLY A 262 1.84 0.18 8.23
C GLY A 262 1.80 -0.26 6.78
N GLU A 263 1.29 0.61 5.92
CA GLU A 263 1.32 0.36 4.50
C GLU A 263 2.71 0.74 3.93
N ALA A 264 3.16 -0.09 3.02
CA ALA A 264 4.53 0.03 2.45
C ALA A 264 4.54 -0.07 0.92
N LYS A 265 5.48 0.65 0.32
CA LYS A 265 5.70 0.54 -1.10
C LYS A 265 7.22 0.44 -1.40
N CYS A 266 7.54 -0.06 -2.58
CA CYS A 266 8.91 -0.12 -3.05
C CYS A 266 8.95 0.29 -4.51
N THR A 267 9.75 1.33 -4.81
CA THR A 267 9.92 1.84 -6.15
C THR A 267 11.23 1.36 -6.70
N TYR A 268 11.18 0.84 -7.92
CA TYR A 268 12.37 0.38 -8.64
C TYR A 268 12.67 1.40 -9.72
N GLY A 269 13.85 2.03 -9.62
CA GLY A 269 14.25 3.08 -10.61
C GLY A 269 15.76 3.08 -10.65
N THR A 270 16.34 4.27 -10.70
CA THR A 270 17.77 4.44 -10.70
C THR A 270 18.32 3.78 -9.46
N GLY A 271 17.66 4.00 -8.35
CA GLY A 271 17.90 3.23 -7.13
C GLY A 271 16.59 2.51 -6.76
N VAL A 272 16.58 1.84 -5.66
CA VAL A 272 15.34 1.15 -5.16
C VAL A 272 15.09 1.67 -3.79
N PHE A 273 13.82 2.02 -3.48
CA PHE A 273 13.47 2.76 -2.28
C PHE A 273 12.17 2.24 -1.71
N LEU A 274 12.29 1.62 -0.55
CA LEU A 274 11.14 1.09 0.20
C LEU A 274 10.82 2.07 1.28
N LEU A 275 9.55 2.49 1.33
CA LEU A 275 9.06 3.30 2.41
C LEU A 275 7.83 2.66 3.04
N ILE A 276 7.77 2.69 4.38
CA ILE A 276 6.55 2.30 5.17
C ILE A 276 6.06 3.48 5.94
N ASN A 277 4.74 3.72 5.84
CA ASN A 277 4.08 4.77 6.52
C ASN A 277 4.00 4.40 8.03
N THR A 278 4.51 5.27 8.90
CA THR A 278 4.48 4.99 10.34
C THR A 278 3.43 5.85 11.00
N GLY A 279 2.49 6.36 10.22
CA GLY A 279 1.45 7.29 10.77
C GLY A 279 2.04 8.57 11.34
N GLU A 280 1.46 9.11 12.39
CA GLU A 280 1.94 10.34 12.98
C GLU A 280 3.09 10.09 13.94
N LYS A 281 3.42 8.84 14.18
CA LYS A 281 4.53 8.49 15.10
C LYS A 281 5.90 8.56 14.37
N VAL A 282 6.89 9.21 15.00
CA VAL A 282 8.28 9.18 14.53
C VAL A 282 8.93 7.87 15.09
N VAL A 283 9.36 6.98 14.19
CA VAL A 283 9.98 5.76 14.55
C VAL A 283 11.46 5.88 14.21
N TYR A 284 12.30 5.75 15.22
CA TYR A 284 13.72 5.65 15.08
C TYR A 284 14.21 4.19 14.99
N SER A 285 14.96 3.87 13.91
CA SER A 285 15.40 2.55 13.57
CA SER A 285 15.37 2.52 13.59
C SER A 285 16.53 2.11 14.46
N THR A 286 16.61 0.83 14.80
CA THR A 286 17.84 0.29 15.34
C THR A 286 18.49 -0.68 14.38
N CYS A 287 18.13 -0.65 13.09
CA CYS A 287 18.47 -1.61 12.10
CA CYS A 287 18.77 -1.56 12.16
C CYS A 287 18.85 -0.97 10.76
N GLY A 288 19.28 0.27 10.75
CA GLY A 288 19.76 0.90 9.59
C GLY A 288 18.80 1.55 8.61
N LEU A 289 17.57 1.77 9.04
CA LEU A 289 16.58 2.46 8.21
C LEU A 289 16.57 3.96 8.62
N ILE A 290 16.16 4.78 7.67
CA ILE A 290 16.13 6.20 7.86
C ILE A 290 14.70 6.65 8.20
N THR A 291 14.63 7.51 9.21
CA THR A 291 13.35 8.17 9.59
C THR A 291 13.12 9.39 8.75
N THR A 292 12.06 9.40 7.98
CA THR A 292 11.76 10.49 7.10
C THR A 292 10.32 10.92 7.18
N ILE A 293 10.04 12.01 6.53
CA ILE A 293 8.64 12.47 6.36
C ILE A 293 8.05 11.77 5.15
N CYS A 294 6.86 11.24 5.28
CA CYS A 294 6.17 10.66 4.15
C CYS A 294 5.46 11.81 3.39
N TYR A 295 4.68 12.64 4.11
CA TYR A 295 4.02 13.78 3.53
C TYR A 295 3.37 14.63 4.60
N LYS A 296 3.13 15.89 4.22
CA LYS A 296 2.33 16.82 5.03
C LYS A 296 1.64 17.69 4.05
N PHE A 297 0.34 17.44 3.85
CA PHE A 297 -0.35 18.13 2.76
C PHE A 297 -0.51 19.58 3.03
N ASN A 298 -1.07 19.95 4.21
CA ASN A 298 -1.30 21.33 4.56
C ASN A 298 -0.60 21.78 5.81
N ASP A 299 -0.45 23.07 6.00
CA ASP A 299 0.31 23.59 7.13
C ASP A 299 -0.15 23.17 8.53
N ASN A 300 -1.48 23.04 8.63
CA ASN A 300 -2.29 22.59 9.81
C ASN A 300 -2.08 21.12 10.15
N ASP A 301 -1.78 20.30 9.15
CA ASP A 301 -1.64 18.85 9.33
C ASP A 301 -0.42 18.47 10.16
N LYS A 302 -0.60 17.48 11.05
CA LYS A 302 0.50 16.75 11.62
C LYS A 302 1.08 15.95 10.41
N PRO A 303 2.36 15.89 10.30
CA PRO A 303 2.93 15.07 9.25
C PRO A 303 2.74 13.60 9.49
N LYS A 304 2.71 12.85 8.39
CA LYS A 304 2.86 11.40 8.40
C LYS A 304 4.34 11.07 8.13
N TYR A 305 4.88 10.25 9.02
CA TYR A 305 6.24 9.79 8.98
C TYR A 305 6.40 8.47 8.25
N ALA A 306 7.66 8.11 7.97
CA ALA A 306 7.97 6.85 7.36
C ALA A 306 9.33 6.36 7.87
N LEU A 307 9.58 5.07 7.66
CA LEU A 307 10.91 4.43 7.63
C LEU A 307 11.24 4.08 6.21
N GLU A 308 12.48 4.35 5.83
CA GLU A 308 12.89 4.18 4.44
C GLU A 308 14.20 3.33 4.41
N GLY A 309 14.19 2.37 3.48
CA GLY A 309 15.40 1.62 3.05
C GLY A 309 15.75 1.94 1.63
N SER A 310 16.97 2.47 1.49
CA SER A 310 17.47 3.02 0.24
C SER A 310 18.57 2.13 -0.32
N ILE A 311 18.48 1.87 -1.62
CA ILE A 311 19.47 1.07 -2.38
C ILE A 311 19.93 1.90 -3.57
N GLY A 312 21.26 2.09 -3.64
CA GLY A 312 21.84 2.93 -4.70
C GLY A 312 21.93 2.40 -6.06
N THR A 313 22.20 1.12 -6.17
CA THR A 313 22.59 0.55 -7.45
C THR A 313 21.42 -0.32 -7.80
N ALA A 314 20.67 0.16 -8.77
CA ALA A 314 19.62 -0.56 -9.41
C ALA A 314 19.63 -0.25 -10.90
N GLY A 315 18.77 0.64 -11.40
CA GLY A 315 18.83 1.20 -12.74
C GLY A 315 20.20 1.81 -13.04
N SER A 316 20.77 2.46 -12.01
CA SER A 316 22.14 3.01 -12.11
C SER A 316 23.13 1.87 -12.47
N GLY A 317 22.91 0.67 -11.95
CA GLY A 317 23.74 -0.52 -12.24
C GLY A 317 23.53 -0.99 -13.67
N VAL A 318 22.29 -1.00 -14.11
CA VAL A 318 21.93 -1.37 -15.51
C VAL A 318 22.57 -0.41 -16.49
N SER A 319 22.56 0.86 -16.15
CA SER A 319 23.19 1.88 -16.98
CA SER A 319 23.20 1.91 -16.96
C SER A 319 24.70 1.68 -17.08
N TRP A 320 25.31 1.30 -15.97
CA TRP A 320 26.71 0.96 -15.99
C TRP A 320 27.03 -0.23 -16.88
N LEU A 321 26.22 -1.26 -16.71
CA LEU A 321 26.34 -2.47 -17.60
C LEU A 321 26.23 -2.06 -19.04
N LEU A 322 25.28 -1.22 -19.38
CA LEU A 322 25.06 -0.77 -20.76
C LEU A 322 26.30 0.00 -21.26
N LYS A 323 26.79 0.91 -20.44
CA LYS A 323 27.97 1.73 -20.82
C LYS A 323 29.19 0.85 -21.12
N ASN A 324 29.33 -0.21 -20.32
CA ASN A 324 30.46 -1.12 -20.42
C ASN A 324 30.23 -2.36 -21.24
N LYS A 325 29.15 -2.30 -22.07
CA LYS A 325 28.88 -3.29 -23.12
C LYS A 325 28.51 -4.70 -22.59
N LEU A 326 28.18 -4.80 -21.32
CA LEU A 326 27.76 -6.05 -20.76
C LEU A 326 26.32 -6.42 -21.06
N ILE A 327 25.53 -5.41 -21.39
CA ILE A 327 24.16 -5.56 -21.94
C ILE A 327 24.09 -4.60 -23.16
N ASP A 328 23.38 -5.04 -24.21
CA ASP A 328 23.28 -4.27 -25.45
C ASP A 328 22.15 -3.20 -25.39
N ASP A 329 21.10 -3.48 -24.61
CA ASP A 329 19.95 -2.55 -24.36
C ASP A 329 19.33 -2.94 -23.02
N PRO A 330 18.80 -1.98 -22.23
CA PRO A 330 18.17 -2.37 -20.95
C PRO A 330 17.02 -3.28 -21.12
N SER A 331 16.38 -3.18 -22.31
CA SER A 331 15.19 -3.94 -22.57
C SER A 331 15.38 -5.42 -22.31
N GLU A 332 16.61 -5.90 -22.50
CA GLU A 332 16.83 -7.33 -22.52
C GLU A 332 16.85 -8.06 -21.18
N ALA A 333 16.71 -7.32 -20.06
CA ALA A 333 16.89 -7.94 -18.78
C ALA A 333 15.91 -9.10 -18.59
N SER A 334 14.69 -8.99 -19.15
CA SER A 334 13.74 -10.03 -18.87
C SER A 334 14.14 -11.30 -19.54
N ASP A 335 14.42 -11.18 -20.85
CA ASP A 335 14.84 -12.34 -21.63
C ASP A 335 16.10 -12.83 -20.99
N ILE A 336 16.98 -11.92 -20.55
CA ILE A 336 18.23 -12.43 -19.87
C ILE A 336 17.85 -13.29 -18.69
N MET A 337 16.98 -12.83 -17.84
CA MET A 337 16.56 -13.66 -16.74
C MET A 337 15.73 -14.96 -17.05
N GLU A 338 14.92 -14.92 -18.12
CA GLU A 338 14.26 -16.14 -18.67
C GLU A 338 15.25 -17.16 -19.19
N LYS A 339 16.12 -16.68 -20.08
CA LYS A 339 17.07 -17.54 -20.71
C LYS A 339 18.16 -17.97 -19.72
N CYS A 340 18.47 -17.08 -18.79
CA CYS A 340 19.47 -17.37 -17.83
CA CYS A 340 19.50 -17.37 -17.80
C CYS A 340 18.85 -17.74 -16.50
N GLU A 341 18.75 -19.06 -16.24
CA GLU A 341 18.01 -19.52 -15.08
C GLU A 341 18.76 -19.37 -13.80
N ASN A 342 20.10 -19.33 -13.90
CA ASN A 342 20.95 -19.01 -12.73
C ASN A 342 22.20 -18.30 -13.19
N THR A 343 23.05 -17.91 -12.22
CA THR A 343 24.20 -17.07 -12.56
C THR A 343 25.55 -17.84 -12.73
N THR A 344 25.55 -19.15 -12.98
CA THR A 344 26.85 -19.97 -12.89
C THR A 344 27.56 -19.87 -11.55
N GLY A 345 26.81 -19.54 -10.47
CA GLY A 345 27.26 -19.30 -9.07
C GLY A 345 27.93 -17.90 -8.84
N VAL A 346 27.78 -17.05 -9.81
CA VAL A 346 28.35 -15.69 -9.73
C VAL A 346 27.45 -14.86 -8.80
N ILE A 347 28.10 -14.04 -7.96
CA ILE A 347 27.45 -13.06 -7.14
C ILE A 347 28.10 -11.70 -7.47
N PHE A 348 27.21 -10.72 -7.60
CA PHE A 348 27.62 -9.26 -7.93
C PHE A 348 27.11 -8.43 -6.77
N VAL A 349 28.03 -7.91 -5.93
CA VAL A 349 27.64 -7.02 -4.86
C VAL A 349 27.62 -5.60 -5.47
N PRO A 350 26.44 -5.05 -5.80
CA PRO A 350 26.35 -3.83 -6.66
C PRO A 350 26.48 -2.62 -5.71
N ALA A 351 27.71 -2.28 -5.41
CA ALA A 351 28.05 -1.30 -4.32
C ALA A 351 28.96 -0.22 -4.99
N PHE A 352 28.55 0.24 -6.17
CA PHE A 352 29.35 1.22 -6.95
C PHE A 352 29.60 2.50 -6.14
N SER A 353 28.58 2.89 -5.38
CA SER A 353 28.63 4.06 -4.48
C SER A 353 28.54 3.67 -3.01
N GLY A 354 29.05 2.49 -2.70
CA GLY A 354 28.99 1.93 -1.32
C GLY A 354 27.69 1.20 -1.16
N LEU A 355 27.53 0.74 0.04
CA LEU A 355 26.24 0.12 0.45
C LEU A 355 25.50 1.16 1.28
N TYR A 356 24.19 1.31 0.90
CA TYR A 356 23.23 2.18 1.56
CA TYR A 356 23.29 2.18 1.63
C TYR A 356 22.55 1.30 2.64
N ALA A 357 21.23 1.30 2.72
CA ALA A 357 20.57 0.60 3.85
C ALA A 357 20.68 -0.91 3.65
N PRO A 358 20.72 -1.66 4.73
CA PRO A 358 20.82 -1.19 6.14
C PRO A 358 22.23 -1.18 6.70
N ARG A 359 23.20 -1.62 5.92
CA ARG A 359 24.59 -1.70 6.43
C ARG A 359 25.43 -0.39 6.48
N TRP A 360 25.13 0.50 5.59
CA TRP A 360 25.70 1.82 5.52
C TRP A 360 27.20 1.71 5.54
N ARG A 361 27.75 1.11 4.48
CA ARG A 361 29.22 0.98 4.41
C ARG A 361 29.75 1.71 3.17
N SER A 362 30.24 2.94 3.39
CA SER A 362 30.78 3.80 2.31
C SER A 362 32.10 3.30 1.68
N ASP A 363 32.77 2.41 2.40
CA ASP A 363 34.01 1.76 1.98
C ASP A 363 33.78 0.59 1.06
N ALA A 364 32.57 0.06 0.99
CA ALA A 364 32.25 -0.95 0.03
C ALA A 364 32.38 -0.49 -1.44
N ARG A 365 32.84 -1.41 -2.30
CA ARG A 365 32.91 -1.10 -3.75
C ARG A 365 32.24 -2.28 -4.51
N ALA A 366 31.84 -2.05 -5.74
CA ALA A 366 31.18 -3.05 -6.51
C ALA A 366 32.18 -4.20 -6.82
N SER A 367 31.72 -5.45 -6.64
CA SER A 367 32.60 -6.61 -6.63
C SER A 367 31.82 -7.77 -7.24
N ILE A 368 32.53 -8.55 -8.04
CA ILE A 368 31.98 -9.73 -8.74
C ILE A 368 32.80 -10.95 -8.32
N TYR A 369 32.08 -12.04 -7.95
CA TYR A 369 32.67 -13.25 -7.42
C TYR A 369 32.18 -14.43 -8.24
N GLY A 370 33.03 -15.45 -8.32
CA GLY A 370 32.61 -16.81 -8.76
C GLY A 370 32.60 -17.10 -10.20
N MET A 371 33.31 -16.33 -10.98
CA MET A 371 33.32 -16.52 -12.39
C MET A 371 34.28 -17.61 -12.90
N THR A 372 33.84 -18.33 -13.96
CA THR A 372 34.63 -19.34 -14.62
C THR A 372 34.63 -19.03 -16.09
N PHE A 373 35.34 -19.80 -16.90
CA PHE A 373 35.33 -19.53 -18.34
C PHE A 373 33.94 -19.73 -18.96
N ASN A 374 33.12 -20.52 -18.31
CA ASN A 374 31.72 -20.71 -18.74
C ASN A 374 30.79 -19.46 -18.53
N THR A 375 31.25 -18.57 -17.64
CA THR A 375 30.47 -17.37 -17.31
C THR A 375 30.44 -16.48 -18.54
N GLU A 376 29.27 -15.91 -18.75
CA GLU A 376 28.99 -15.03 -19.85
C GLU A 376 28.47 -13.70 -19.31
N ARG A 377 28.38 -12.71 -20.18
CA ARG A 377 27.74 -11.40 -19.86
C ARG A 377 26.46 -11.57 -19.21
N SER A 378 25.62 -12.48 -19.71
CA SER A 378 24.31 -12.62 -19.18
C SER A 378 24.27 -13.05 -17.77
N HIS A 379 25.23 -13.90 -17.36
CA HIS A 379 25.25 -14.33 -15.98
C HIS A 379 25.58 -13.14 -15.02
N ILE A 380 26.48 -12.29 -15.48
CA ILE A 380 26.94 -11.07 -14.72
C ILE A 380 25.74 -10.07 -14.60
N VAL A 381 24.98 -9.90 -15.69
CA VAL A 381 23.76 -9.06 -15.72
C VAL A 381 22.77 -9.57 -14.73
N ARG A 382 22.55 -10.90 -14.76
CA ARG A 382 21.55 -11.50 -13.88
C ARG A 382 22.00 -11.40 -12.43
N ALA A 383 23.31 -11.53 -12.19
CA ALA A 383 23.85 -11.38 -10.84
C ALA A 383 23.58 -10.00 -10.31
N LEU A 384 23.79 -8.98 -11.13
CA LEU A 384 23.51 -7.61 -10.66
C LEU A 384 22.04 -7.46 -10.19
N LEU A 385 21.17 -8.01 -11.02
CA LEU A 385 19.72 -7.95 -10.75
C LEU A 385 19.37 -8.74 -9.51
N GLU A 386 19.96 -9.93 -9.29
CA GLU A 386 19.72 -10.67 -8.12
C GLU A 386 20.19 -9.90 -6.91
N GLY A 387 21.31 -9.19 -7.09
CA GLY A 387 21.82 -8.33 -6.04
C GLY A 387 20.87 -7.25 -5.48
N ILE A 388 20.03 -6.74 -6.34
CA ILE A 388 18.91 -5.83 -5.96
C ILE A 388 17.99 -6.50 -4.96
N ALA A 389 17.58 -7.72 -5.31
CA ALA A 389 16.70 -8.45 -4.45
C ALA A 389 17.31 -8.83 -3.08
N PHE A 390 18.57 -9.25 -3.06
CA PHE A 390 19.24 -9.58 -1.81
C PHE A 390 19.33 -8.36 -0.90
N GLN A 391 19.66 -7.21 -1.52
CA GLN A 391 19.69 -5.97 -0.73
C GLN A 391 18.27 -5.65 -0.20
N LEU A 392 17.27 -5.75 -1.07
CA LEU A 392 15.84 -5.54 -0.62
C LEU A 392 15.47 -6.43 0.55
N ASN A 393 15.90 -7.67 0.47
CA ASN A 393 15.64 -8.58 1.60
C ASN A 393 16.18 -8.11 2.95
N GLU A 394 17.40 -7.57 2.91
CA GLU A 394 17.98 -7.07 4.15
C GLU A 394 17.16 -5.89 4.74
N ILE A 395 16.64 -5.05 3.87
CA ILE A 395 15.83 -3.94 4.24
C ILE A 395 14.50 -4.43 4.87
N VAL A 396 13.85 -5.36 4.19
CA VAL A 396 12.58 -6.00 4.73
C VAL A 396 12.81 -6.60 6.10
N ASP A 397 13.95 -7.24 6.29
CA ASP A 397 14.31 -7.77 7.62
C ASP A 397 14.44 -6.69 8.70
N SER A 398 15.09 -5.57 8.34
CA SER A 398 15.18 -4.45 9.21
C SER A 398 13.81 -3.85 9.54
N LEU A 399 12.97 -3.77 8.53
CA LEU A 399 11.65 -3.13 8.67
C LEU A 399 10.77 -3.93 9.62
N THR A 400 10.72 -5.22 9.43
CA THR A 400 9.86 -6.09 10.31
C THR A 400 10.41 -5.98 11.73
N SER A 401 11.72 -5.97 11.93
CA SER A 401 12.27 -5.68 13.31
C SER A 401 11.83 -4.39 13.87
N ASP A 402 12.07 -3.30 13.14
CA ASP A 402 11.71 -1.98 13.64
C ASP A 402 10.20 -1.78 13.90
N MET A 403 9.39 -2.44 13.11
CA MET A 403 7.94 -2.25 13.20
C MET A 403 7.36 -3.22 14.20
N GLY A 404 8.13 -4.22 14.60
CA GLY A 404 7.69 -5.20 15.62
C GLY A 404 6.67 -6.13 15.07
N ILE A 405 6.84 -6.58 13.82
CA ILE A 405 5.94 -7.46 13.14
C ILE A 405 6.73 -8.64 12.64
N GLU A 406 6.01 -9.70 12.30
CA GLU A 406 6.65 -10.92 11.82
C GLU A 406 6.81 -10.86 10.34
N MET A 407 5.94 -10.15 9.64
CA MET A 407 5.95 -10.16 8.18
C MET A 407 5.19 -8.94 7.67
N LEU A 408 5.54 -8.48 6.47
CA LEU A 408 4.73 -7.46 5.81
C LEU A 408 3.59 -8.18 5.15
N HIS A 409 2.35 -7.69 5.28
CA HIS A 409 1.21 -8.36 4.60
C HIS A 409 1.38 -8.30 3.08
N VAL A 410 1.75 -7.11 2.60
CA VAL A 410 1.96 -6.93 1.17
C VAL A 410 2.92 -5.78 0.94
N LEU A 411 3.70 -5.89 -0.13
CA LEU A 411 4.55 -4.74 -0.57
C LEU A 411 4.09 -4.30 -1.90
N ARG A 412 3.65 -3.08 -2.02
CA ARG A 412 3.16 -2.56 -3.31
C ARG A 412 4.38 -2.00 -4.06
N CYS A 413 4.59 -2.44 -5.27
CA CYS A 413 5.77 -2.10 -6.07
C CYS A 413 5.42 -1.36 -7.33
N ASP A 414 6.34 -0.52 -7.79
CA ASP A 414 6.18 0.27 -9.01
C ASP A 414 7.54 0.51 -9.64
N GLY A 415 7.51 0.78 -10.93
CA GLY A 415 8.73 1.04 -11.65
C GLY A 415 8.87 0.17 -12.86
N GLY A 416 9.69 0.57 -13.79
CA GLY A 416 9.75 -0.21 -15.04
C GLY A 416 10.12 -1.64 -14.80
N MET A 417 11.06 -1.90 -13.88
CA MET A 417 11.45 -3.29 -13.53
C MET A 417 10.29 -4.23 -13.08
N THR A 418 9.19 -3.64 -12.69
CA THR A 418 8.13 -4.43 -12.03
C THR A 418 7.33 -5.16 -13.13
N LYS A 419 7.57 -4.79 -14.37
CA LYS A 419 6.98 -5.51 -15.55
C LYS A 419 7.69 -6.86 -15.84
N ASN A 420 8.87 -7.06 -15.22
CA ASN A 420 9.79 -8.14 -15.56
C ASN A 420 9.41 -9.24 -14.65
N LYS A 421 8.68 -10.25 -15.17
CA LYS A 421 8.04 -11.24 -14.30
C LYS A 421 9.08 -12.07 -13.57
N PRO A 422 10.08 -12.59 -14.29
CA PRO A 422 11.13 -13.40 -13.58
C PRO A 422 11.91 -12.60 -12.52
N PHE A 423 12.14 -11.34 -12.78
CA PHE A 423 12.77 -10.47 -11.77
C PHE A 423 11.87 -10.28 -10.53
N MET A 424 10.61 -9.89 -10.74
CA MET A 424 9.66 -9.74 -9.61
C MET A 424 9.47 -11.05 -8.85
N GLN A 425 9.47 -12.15 -9.57
CA GLN A 425 9.31 -13.43 -8.91
C GLN A 425 10.53 -13.78 -8.07
N PHE A 426 11.73 -13.46 -8.57
CA PHE A 426 12.91 -13.65 -7.77
C PHE A 426 12.82 -12.79 -6.50
N ASN A 427 12.38 -11.55 -6.68
CA ASN A 427 12.22 -10.62 -5.56
C ASN A 427 11.30 -11.21 -4.50
N SER A 428 10.11 -11.63 -4.92
CA SER A 428 9.13 -12.18 -4.01
C SER A 428 9.63 -13.45 -3.32
N ASP A 429 10.35 -14.28 -4.08
CA ASP A 429 11.07 -15.49 -3.49
C ASP A 429 12.06 -15.08 -2.39
N ILE A 430 12.95 -14.14 -2.72
CA ILE A 430 14.03 -13.78 -1.78
C ILE A 430 13.62 -12.96 -0.58
N ILE A 431 12.67 -12.01 -0.76
CA ILE A 431 12.20 -11.18 0.33
C ILE A 431 11.07 -11.90 1.09
N ASN A 432 10.66 -13.05 0.57
CA ASN A 432 9.51 -13.87 1.08
C ASN A 432 8.29 -12.99 1.53
N THR A 433 7.86 -12.16 0.60
CA THR A 433 6.82 -11.15 0.86
C THR A 433 5.94 -11.13 -0.40
N LYS A 434 4.60 -11.04 -0.20
CA LYS A 434 3.71 -10.84 -1.30
C LYS A 434 3.98 -9.50 -1.93
N ILE A 435 3.99 -9.47 -3.25
CA ILE A 435 4.30 -8.23 -4.00
C ILE A 435 3.09 -7.93 -4.82
N GLU A 436 2.61 -6.73 -4.70
CA GLU A 436 1.50 -6.34 -5.58
C GLU A 436 1.92 -5.14 -6.44
N VAL A 437 1.85 -5.29 -7.77
CA VAL A 437 2.31 -4.34 -8.70
C VAL A 437 1.25 -3.35 -9.12
N SER A 438 1.59 -2.04 -8.95
CA SER A 438 0.67 -1.00 -9.32
C SER A 438 0.31 -1.13 -10.82
N LYS A 439 -0.95 -0.84 -11.14
CA LYS A 439 -1.42 -0.68 -12.51
C LYS A 439 -0.71 0.48 -13.34
N TYR A 440 -0.24 1.48 -12.61
CA TYR A 440 0.34 2.73 -13.16
C TYR A 440 1.85 2.64 -13.20
N LYS A 441 2.43 3.07 -14.31
CA LYS A 441 3.88 2.90 -14.56
C LYS A 441 4.80 4.05 -14.10
N GLU A 442 4.18 5.20 -13.94
CA GLU A 442 4.88 6.43 -13.49
C GLU A 442 4.10 6.99 -12.27
N VAL A 443 4.10 6.19 -11.21
CA VAL A 443 3.45 6.56 -9.97
C VAL A 443 4.12 7.77 -9.32
N THR A 444 5.42 8.01 -9.56
CA THR A 444 6.06 9.23 -9.06
C THR A 444 5.32 10.51 -9.63
N SER A 445 5.11 10.52 -10.92
CA SER A 445 4.46 11.70 -11.52
C SER A 445 3.03 11.82 -11.08
N LEU A 446 2.36 10.68 -10.92
CA LEU A 446 0.99 10.67 -10.44
C LEU A 446 0.87 11.33 -9.09
N GLY A 447 1.76 11.01 -8.16
CA GLY A 447 1.75 11.62 -6.88
C GLY A 447 1.78 13.14 -6.90
N ALA A 448 2.65 13.70 -7.77
CA ALA A 448 2.78 15.18 -7.86
C ALA A 448 1.52 15.80 -8.45
N ALA A 449 0.90 15.09 -9.40
CA ALA A 449 -0.33 15.57 -10.07
C ALA A 449 -1.43 15.65 -9.01
N VAL A 450 -1.54 14.59 -8.20
CA VAL A 450 -2.49 14.58 -7.05
C VAL A 450 -2.29 15.74 -6.06
N LEU A 451 -1.07 15.98 -5.57
CA LEU A 451 -0.79 17.09 -4.72
C LEU A 451 -1.19 18.44 -5.38
N ALA A 452 -0.79 18.68 -6.63
CA ALA A 452 -0.99 19.94 -7.32
C ALA A 452 -2.48 20.21 -7.48
N GLY A 453 -3.20 19.17 -7.88
CA GLY A 453 -4.64 19.28 -8.13
C GLY A 453 -5.43 19.40 -6.85
N LEU A 454 -4.97 18.77 -5.73
CA LEU A 454 -5.63 18.98 -4.45
C LEU A 454 -5.49 20.41 -3.99
N GLU A 455 -4.33 21.00 -4.23
CA GLU A 455 -4.09 22.37 -3.75
C GLU A 455 -5.00 23.38 -4.46
N VAL A 456 -5.28 23.14 -5.73
CA VAL A 456 -6.27 24.00 -6.48
C VAL A 456 -7.73 23.42 -6.54
N LYS A 457 -7.99 22.39 -5.72
CA LYS A 457 -9.30 21.86 -5.43
C LYS A 457 -10.00 21.33 -6.69
N ILE A 458 -9.24 20.60 -7.51
CA ILE A 458 -9.83 19.94 -8.66
C ILE A 458 -10.78 18.85 -8.20
N TRP A 459 -10.48 18.16 -7.10
CA TRP A 459 -11.35 17.11 -6.61
C TRP A 459 -11.96 17.46 -5.22
N ASP A 460 -13.14 16.86 -4.96
CA ASP A 460 -13.83 16.93 -3.64
C ASP A 460 -12.86 16.67 -2.50
N SER A 461 -12.28 15.46 -2.50
CA SER A 461 -11.33 15.02 -1.45
C SER A 461 -10.14 14.25 -2.06
N LEU A 462 -9.12 14.00 -1.28
CA LEU A 462 -8.18 12.92 -1.60
C LEU A 462 -8.95 11.57 -1.67
N ASP A 463 -9.98 11.45 -0.85
CA ASP A 463 -10.82 10.23 -0.81
C ASP A 463 -11.49 9.83 -2.11
N SER A 464 -11.88 10.81 -2.90
CA SER A 464 -12.30 10.57 -4.28
C SER A 464 -11.20 9.95 -5.21
N VAL A 465 -9.93 10.37 -5.08
CA VAL A 465 -8.88 9.89 -5.98
C VAL A 465 -8.27 8.57 -5.50
N LYS A 466 -8.50 8.22 -4.22
CA LYS A 466 -7.83 7.05 -3.62
C LYS A 466 -8.11 5.73 -4.31
N SER A 467 -9.33 5.59 -4.88
CA SER A 467 -9.75 4.33 -5.54
C SER A 467 -8.91 4.04 -6.79
N LEU A 468 -8.76 5.11 -7.59
CA LEU A 468 -7.92 5.10 -8.78
C LEU A 468 -6.47 4.83 -8.36
N LEU A 469 -5.99 5.50 -7.32
CA LEU A 469 -4.57 5.31 -6.91
C LEU A 469 -4.24 3.86 -6.45
N ARG A 470 -5.23 3.17 -5.90
CA ARG A 470 -4.94 1.84 -5.31
C ARG A 470 -4.91 0.69 -6.32
N ARG A 471 -5.30 0.95 -7.57
CA ARG A 471 -5.45 -0.12 -8.58
C ARG A 471 -4.13 -0.90 -8.79
N SER A 472 -4.21 -2.23 -8.73
CA SER A 472 -3.06 -3.06 -9.01
C SER A 472 -3.45 -4.04 -10.13
N ASP A 473 -2.44 -4.60 -10.76
CA ASP A 473 -2.66 -5.54 -11.86
C ASP A 473 -1.94 -6.90 -11.77
N ALA A 474 -1.04 -7.06 -10.80
CA ALA A 474 -0.33 -8.32 -10.67
C ALA A 474 0.03 -8.52 -9.25
N VAL A 475 0.01 -9.79 -8.84
CA VAL A 475 0.51 -10.20 -7.53
C VAL A 475 1.49 -11.36 -7.69
N PHE A 476 2.64 -11.28 -6.97
CA PHE A 476 3.61 -12.33 -6.87
C PHE A 476 3.60 -12.83 -5.44
N HIS A 477 3.71 -14.17 -5.25
CA HIS A 477 3.98 -14.77 -3.94
C HIS A 477 5.23 -15.69 -4.14
N SER A 478 5.85 -16.04 -3.04
CA SER A 478 7.07 -16.83 -3.13
C SER A 478 6.77 -18.21 -3.68
N LYS A 479 7.58 -18.68 -4.63
CA LYS A 479 7.51 -20.08 -5.08
C LYS A 479 8.76 -20.88 -4.63
N MET A 480 9.59 -20.32 -3.78
CA MET A 480 10.86 -20.88 -3.46
C MET A 480 10.81 -21.41 -2.09
N ASP A 481 11.31 -22.63 -1.93
CA ASP A 481 11.32 -23.22 -0.62
C ASP A 481 12.35 -22.61 0.35
N ASP A 482 12.08 -22.68 1.64
CA ASP A 482 12.91 -22.06 2.66
C ASP A 482 14.39 -22.45 2.66
N LYS A 483 14.64 -23.73 2.40
CA LYS A 483 16.01 -24.27 2.30
C LYS A 483 16.78 -23.63 1.14
N LYS A 484 16.14 -23.44 -0.02
CA LYS A 484 16.79 -22.89 -1.21
C LYS A 484 16.99 -21.38 -0.96
N ARG A 485 15.97 -20.76 -0.35
CA ARG A 485 16.11 -19.31 0.04
C ARG A 485 17.29 -19.09 1.01
N LYS A 486 17.41 -19.95 2.03
CA LYS A 486 18.43 -19.81 3.02
C LYS A 486 19.77 -20.06 2.41
N LYS A 487 19.89 -21.00 1.50
CA LYS A 487 21.15 -21.21 0.80
C LYS A 487 21.62 -19.99 0.05
N LYS A 488 20.70 -19.42 -0.70
CA LYS A 488 21.05 -18.33 -1.63
C LYS A 488 21.38 -17.13 -0.77
N THR A 489 20.62 -16.89 0.27
CA THR A 489 20.88 -15.71 1.10
C THR A 489 22.21 -15.90 1.83
N SER A 490 22.53 -17.16 2.22
CA SER A 490 23.85 -17.46 2.78
C SER A 490 25.03 -17.17 1.81
N GLU A 491 24.88 -17.50 0.51
CA GLU A 491 25.82 -17.24 -0.56
C GLU A 491 26.02 -15.73 -0.78
N TRP A 492 24.89 -15.00 -0.76
CA TRP A 492 24.98 -13.50 -0.83
C TRP A 492 25.73 -12.96 0.41
N ASN A 493 25.40 -13.44 1.58
CA ASN A 493 25.96 -12.92 2.82
C ASN A 493 27.48 -13.14 2.86
N LYS A 494 27.95 -14.28 2.38
CA LYS A 494 29.38 -14.54 2.29
C LYS A 494 30.07 -13.63 1.31
N ALA A 495 29.43 -13.39 0.14
CA ALA A 495 29.96 -12.45 -0.81
C ALA A 495 30.10 -11.05 -0.21
N VAL A 496 29.08 -10.61 0.50
CA VAL A 496 29.10 -9.28 1.10
C VAL A 496 30.20 -9.26 2.14
N GLU A 497 30.31 -10.31 2.94
CA GLU A 497 31.38 -10.39 3.93
C GLU A 497 32.77 -10.28 3.29
N ARG A 498 33.02 -10.99 2.18
CA ARG A 498 34.27 -10.85 1.38
C ARG A 498 34.50 -9.42 0.94
N THR A 499 33.41 -8.74 0.57
CA THR A 499 33.48 -7.36 0.11
C THR A 499 33.85 -6.37 1.23
N LEU A 500 33.39 -6.67 2.43
CA LEU A 500 33.52 -5.78 3.58
C LEU A 500 34.65 -6.07 4.61
N ILE A 501 35.24 -7.26 4.57
CA ILE A 501 36.20 -7.67 5.58
C ILE A 501 37.34 -6.63 5.53
N GLN A 502 37.71 -6.15 6.72
CA GLN A 502 38.81 -5.21 6.84
C GLN A 502 40.12 -6.01 6.94
N LEU A 503 40.99 -5.79 5.94
CA LEU A 503 42.29 -6.44 5.89
C LEU A 503 43.53 -5.44 5.97
N GLY B 1 -31.31 -45.09 23.66
CA GLY B 1 -30.56 -45.54 22.43
C GLY B 1 -30.77 -46.98 22.00
N SER B 2 -30.24 -47.35 20.84
CA SER B 2 -29.56 -46.39 20.00
C SER B 2 -30.62 -45.46 19.41
N MET B 3 -30.58 -44.18 19.83
CA MET B 3 -31.50 -43.12 19.37
C MET B 3 -30.95 -42.72 17.97
N ASN B 4 -31.84 -42.78 16.97
CA ASN B 4 -31.44 -42.40 15.62
C ASN B 4 -31.74 -40.92 15.45
N VAL B 5 -30.78 -40.23 14.86
CA VAL B 5 -31.00 -38.80 14.62
C VAL B 5 -30.50 -38.35 13.22
N ILE B 6 -31.06 -37.23 12.77
CA ILE B 6 -30.68 -36.54 11.54
C ILE B 6 -30.06 -35.20 12.01
N LEU B 7 -28.86 -34.90 11.55
CA LEU B 7 -28.25 -33.60 11.86
C LEU B 7 -28.68 -32.66 10.73
N SER B 8 -29.34 -31.54 11.08
CA SER B 8 -29.63 -30.49 10.11
C SER B 8 -28.81 -29.20 10.52
N ILE B 9 -27.97 -28.71 9.61
CA ILE B 9 -27.10 -27.54 9.85
C ILE B 9 -27.77 -26.39 9.13
N ASP B 10 -28.04 -25.31 9.86
CA ASP B 10 -28.56 -24.06 9.27
C ASP B 10 -27.53 -22.95 9.49
N GLN B 11 -26.71 -22.68 8.47
CA GLN B 11 -25.66 -21.70 8.55
C GLN B 11 -26.33 -20.46 8.03
N SER B 12 -26.86 -19.70 8.99
CA SER B 12 -27.67 -18.55 8.74
C SER B 12 -26.86 -17.25 8.66
N THR B 13 -27.54 -16.15 8.36
CA THR B 13 -26.82 -14.87 8.21
C THR B 13 -26.10 -14.45 9.50
N GLN B 14 -26.83 -14.49 10.59
CA GLN B 14 -26.35 -13.93 11.90
C GLN B 14 -25.70 -14.95 12.82
N SER B 15 -25.99 -16.23 12.55
CA SER B 15 -25.58 -17.33 13.45
C SER B 15 -25.57 -18.64 12.67
N THR B 16 -24.87 -19.61 13.24
CA THR B 16 -24.82 -21.00 12.81
C THR B 16 -25.66 -21.80 13.82
N LYS B 17 -26.56 -22.65 13.33
CA LYS B 17 -27.46 -23.44 14.15
C LYS B 17 -27.30 -24.90 13.74
N VAL B 18 -27.32 -25.74 14.76
CA VAL B 18 -27.35 -27.21 14.55
C VAL B 18 -28.62 -27.77 15.24
N PHE B 19 -29.32 -28.65 14.53
CA PHE B 19 -30.50 -29.32 15.02
C PHE B 19 -30.35 -30.81 14.84
N PHE B 20 -30.65 -31.53 15.92
CA PHE B 20 -30.65 -32.99 15.85
C PHE B 20 -32.09 -33.37 15.94
N TYR B 21 -32.61 -33.92 14.85
CA TYR B 21 -34.01 -34.37 14.75
C TYR B 21 -34.07 -35.89 14.96
N ASP B 22 -35.07 -36.33 15.73
CA ASP B 22 -35.43 -37.75 15.70
C ASP B 22 -36.20 -38.07 14.41
N GLU B 23 -36.52 -39.35 14.21
CA GLU B 23 -37.16 -39.75 12.94
C GLU B 23 -38.63 -39.45 12.87
N GLU B 24 -39.20 -38.83 13.90
N GLU B 24 -39.17 -38.87 13.96
CA GLU B 24 -40.55 -38.29 13.82
CA GLU B 24 -40.53 -38.32 14.03
C GLU B 24 -40.51 -36.76 13.78
C GLU B 24 -40.51 -36.79 13.79
N LEU B 25 -39.29 -36.25 13.56
CA LEU B 25 -39.05 -34.82 13.31
C LEU B 25 -39.30 -33.91 14.54
N ASN B 26 -39.11 -34.51 15.73
CA ASN B 26 -38.99 -33.71 16.94
C ASN B 26 -37.51 -33.31 17.08
N ILE B 27 -37.23 -32.07 17.52
CA ILE B 27 -35.88 -31.69 17.87
C ILE B 27 -35.52 -32.29 19.23
N VAL B 28 -34.48 -33.09 19.24
CA VAL B 28 -33.92 -33.64 20.43
C VAL B 28 -32.76 -32.86 21.01
N HIS B 29 -32.10 -32.05 20.19
CA HIS B 29 -31.04 -31.13 20.68
C HIS B 29 -30.83 -30.10 19.59
N SER B 30 -30.65 -28.84 20.05
CA SER B 30 -30.27 -27.76 19.15
C SER B 30 -29.40 -26.73 19.88
N ASN B 31 -28.61 -26.04 19.12
CA ASN B 31 -27.76 -24.97 19.70
C ASN B 31 -27.38 -24.06 18.55
N ASN B 32 -26.91 -22.88 18.93
CA ASN B 32 -26.34 -21.93 17.96
C ASN B 32 -25.19 -21.07 18.56
N LEU B 33 -24.47 -20.46 17.65
CA LEU B 33 -23.35 -19.54 17.94
C LEU B 33 -23.44 -18.43 16.92
N ASN B 34 -23.45 -17.19 17.45
CA ASN B 34 -23.34 -16.05 16.55
C ASN B 34 -21.99 -15.99 15.89
N HIS B 35 -21.91 -15.24 14.74
CA HIS B 35 -20.64 -14.85 14.14
C HIS B 35 -20.71 -13.37 13.77
N GLU B 36 -19.53 -12.75 13.61
CA GLU B 36 -19.42 -11.28 13.45
C GLU B 36 -20.01 -10.85 12.14
N GLN B 37 -20.83 -9.81 12.22
CA GLN B 37 -21.41 -9.15 11.07
C GLN B 37 -20.48 -7.96 10.81
N LYS B 38 -19.58 -8.05 9.82
CA LYS B 38 -18.57 -7.03 9.68
C LYS B 38 -19.17 -5.98 8.66
N CYS B 39 -19.33 -4.77 9.15
CA CYS B 39 -19.82 -3.62 8.32
C CYS B 39 -18.87 -2.45 8.49
N LEU B 40 -17.70 -2.59 7.88
CA LEU B 40 -16.49 -1.74 8.07
C LEU B 40 -16.68 -0.36 7.43
N LYS B 41 -17.47 -0.30 6.37
CA LYS B 41 -17.65 0.86 5.54
C LYS B 41 -19.08 0.87 5.12
N PRO B 42 -19.62 2.07 4.73
CA PRO B 42 -21.06 2.05 4.26
C PRO B 42 -21.27 1.10 3.05
N GLY B 43 -22.25 0.19 3.15
CA GLY B 43 -22.47 -0.70 2.05
C GLY B 43 -21.67 -2.01 2.14
N TRP B 44 -20.66 -2.10 3.00
CA TRP B 44 -19.91 -3.34 3.06
C TRP B 44 -20.52 -4.25 4.12
N TYR B 45 -20.56 -5.55 3.85
CA TYR B 45 -21.12 -6.55 4.78
C TYR B 45 -20.35 -7.84 4.47
N GLU B 46 -19.55 -8.29 5.45
CA GLU B 46 -18.71 -9.45 5.33
C GLU B 46 -18.88 -10.39 6.57
N HIS B 47 -18.51 -11.65 6.35
CA HIS B 47 -18.35 -12.63 7.42
C HIS B 47 -16.96 -13.27 7.26
N ASP B 48 -16.43 -13.72 8.39
CA ASP B 48 -15.15 -14.47 8.42
C ASP B 48 -15.53 -15.94 8.16
N PRO B 49 -15.10 -16.49 7.01
CA PRO B 49 -15.46 -17.88 6.74
C PRO B 49 -14.91 -18.94 7.73
N ILE B 50 -13.72 -18.67 8.31
CA ILE B 50 -13.11 -19.58 9.25
C ILE B 50 -13.87 -19.55 10.56
N GLU B 51 -14.32 -18.37 10.96
CA GLU B 51 -15.12 -18.23 12.20
C GLU B 51 -16.36 -19.14 12.08
N ILE B 52 -17.05 -19.05 10.93
CA ILE B 52 -18.20 -19.86 10.62
C ILE B 52 -17.88 -21.35 10.77
N MET B 53 -16.81 -21.81 10.16
CA MET B 53 -16.45 -23.26 10.26
C MET B 53 -16.12 -23.67 11.68
N THR B 54 -15.32 -22.84 12.38
CA THR B 54 -15.00 -23.14 13.75
C THR B 54 -16.24 -23.27 14.65
N ASN B 55 -17.17 -22.32 14.48
CA ASN B 55 -18.43 -22.35 15.19
C ASN B 55 -19.19 -23.64 14.89
N LEU B 56 -19.22 -23.97 13.64
CA LEU B 56 -19.94 -25.22 13.20
C LEU B 56 -19.34 -26.48 13.87
N TYR B 57 -18.01 -26.61 13.87
CA TYR B 57 -17.35 -27.81 14.37
C TYR B 57 -17.56 -27.92 15.84
N ASN B 58 -17.47 -26.79 16.52
CA ASN B 58 -17.73 -26.74 17.95
C ASN B 58 -19.18 -27.13 18.33
N LEU B 59 -20.17 -26.65 17.55
CA LEU B 59 -21.56 -26.99 17.75
C LEU B 59 -21.81 -28.45 17.53
N MET B 60 -21.21 -28.98 16.44
CA MET B 60 -21.38 -30.42 16.09
C MET B 60 -20.80 -31.29 17.20
N ASN B 61 -19.63 -30.94 17.69
CA ASN B 61 -18.96 -31.76 18.73
C ASN B 61 -19.64 -31.68 20.06
N GLU B 62 -20.12 -30.49 20.41
CA GLU B 62 -20.97 -30.36 21.62
C GLU B 62 -22.26 -31.12 21.51
N GLY B 63 -22.89 -31.02 20.34
CA GLY B 63 -24.16 -31.72 20.16
C GLY B 63 -24.11 -33.23 20.33
N ILE B 64 -23.08 -33.81 19.78
CA ILE B 64 -22.93 -35.32 19.85
C ILE B 64 -22.66 -35.70 21.34
N LYS B 65 -21.90 -34.88 22.01
CA LYS B 65 -21.64 -35.07 23.42
C LYS B 65 -22.89 -35.06 24.28
N VAL B 66 -23.75 -34.05 24.11
CA VAL B 66 -24.99 -33.90 24.83
C VAL B 66 -25.87 -35.13 24.53
N LEU B 67 -25.96 -35.55 23.27
CA LEU B 67 -26.80 -36.66 22.93
C LEU B 67 -26.29 -37.94 23.53
N LYS B 68 -24.99 -38.11 23.51
CA LYS B 68 -24.36 -39.34 24.00
C LYS B 68 -24.48 -39.39 25.49
N ASP B 69 -24.46 -38.25 26.15
CA ASP B 69 -24.67 -38.26 27.59
C ASP B 69 -26.14 -38.61 27.95
N LYS B 70 -27.12 -38.29 27.12
CA LYS B 70 -28.54 -38.52 27.39
C LYS B 70 -29.00 -39.94 26.98
N TYR B 71 -28.48 -40.45 25.84
CA TYR B 71 -28.88 -41.70 25.21
C TYR B 71 -27.83 -42.80 25.32
N THR B 72 -28.31 -44.03 25.28
CA THR B 72 -27.46 -45.21 25.41
C THR B 72 -26.47 -45.38 24.25
N SER B 73 -26.92 -45.00 23.06
CA SER B 73 -26.06 -44.98 21.91
C SER B 73 -26.85 -44.06 21.01
N VAL B 74 -26.12 -43.36 20.17
CA VAL B 74 -26.68 -42.43 19.22
C VAL B 74 -26.18 -42.83 17.85
N ILE B 75 -27.12 -42.92 16.89
CA ILE B 75 -26.70 -43.12 15.47
C ILE B 75 -27.08 -41.88 14.66
N ILE B 76 -26.08 -41.24 14.10
CA ILE B 76 -26.34 -40.07 13.17
C ILE B 76 -26.56 -40.66 11.79
N LYS B 77 -27.79 -40.60 11.29
CA LYS B 77 -28.12 -41.30 10.06
C LYS B 77 -27.60 -40.55 8.81
N CYS B 78 -27.60 -39.23 8.91
CA CYS B 78 -27.26 -38.38 7.77
C CYS B 78 -27.22 -36.93 8.23
N ILE B 79 -26.76 -36.08 7.34
CA ILE B 79 -26.58 -34.65 7.56
C ILE B 79 -27.24 -33.92 6.37
N GLY B 80 -28.11 -32.98 6.67
CA GLY B 80 -28.59 -31.99 5.73
C GLY B 80 -28.03 -30.62 6.03
N ILE B 81 -27.79 -29.89 4.96
CA ILE B 81 -27.18 -28.56 5.03
C ILE B 81 -28.11 -27.55 4.36
N THR B 82 -28.31 -26.43 5.07
CA THR B 82 -28.96 -25.29 4.51
C THR B 82 -28.31 -24.01 4.98
N ASN B 83 -28.52 -22.96 4.16
CA ASN B 83 -27.64 -21.81 4.33
C ASN B 83 -28.14 -20.53 3.82
N GLN B 84 -27.69 -19.43 4.44
CA GLN B 84 -27.83 -18.09 3.84
C GLN B 84 -27.31 -18.15 2.38
N ARG B 85 -28.16 -17.67 1.52
CA ARG B 85 -27.91 -17.74 0.07
C ARG B 85 -27.06 -16.53 -0.40
N GLU B 86 -26.58 -16.61 -1.63
CA GLU B 86 -25.90 -15.48 -2.34
C GLU B 86 -24.50 -15.11 -1.80
N THR B 87 -24.32 -15.16 -0.47
CA THR B 87 -23.02 -14.88 0.17
C THR B 87 -22.05 -15.76 -0.50
N VAL B 88 -20.86 -15.15 -0.79
CA VAL B 88 -19.88 -15.87 -1.61
C VAL B 88 -18.46 -15.78 -0.99
N ILE B 89 -17.76 -16.89 -1.15
CA ILE B 89 -16.36 -17.01 -0.74
C ILE B 89 -15.57 -17.54 -1.93
N ILE B 90 -14.33 -17.02 -2.10
CA ILE B 90 -13.40 -17.60 -3.10
C ILE B 90 -12.20 -18.10 -2.28
N TRP B 91 -11.84 -19.37 -2.46
CA TRP B 91 -10.76 -20.00 -1.68
C TRP B 91 -9.79 -20.74 -2.57
N ASP B 92 -8.63 -21.02 -1.98
CA ASP B 92 -7.65 -21.82 -2.65
C ASP B 92 -8.05 -23.33 -2.59
N ARG B 93 -8.05 -23.94 -3.74
CA ARG B 93 -8.54 -25.29 -3.84
C ARG B 93 -7.70 -26.29 -3.02
N ILE B 94 -6.40 -26.20 -3.19
CA ILE B 94 -5.50 -27.21 -2.55
C ILE B 94 -5.44 -27.08 -1.05
N THR B 95 -5.26 -25.86 -0.53
CA THR B 95 -5.16 -25.60 0.92
C THR B 95 -6.47 -25.32 1.70
N GLY B 96 -7.52 -24.92 1.00
CA GLY B 96 -8.71 -24.47 1.58
C GLY B 96 -8.75 -23.09 2.14
N LYS B 97 -7.65 -22.34 1.96
CA LYS B 97 -7.52 -20.99 2.55
C LYS B 97 -8.39 -19.98 1.82
N PRO B 98 -9.26 -19.26 2.51
CA PRO B 98 -10.03 -18.23 1.86
C PRO B 98 -9.10 -17.14 1.28
N LEU B 99 -9.43 -16.60 0.11
CA LEU B 99 -8.62 -15.49 -0.44
C LEU B 99 -9.12 -14.11 -0.03
N TYR B 100 -10.27 -14.07 0.64
CA TYR B 100 -10.98 -12.89 1.10
C TYR B 100 -12.08 -13.39 1.98
N ASN B 101 -12.59 -12.51 2.83
CA ASN B 101 -13.80 -12.75 3.60
C ASN B 101 -14.97 -13.19 2.69
N ALA B 102 -16.00 -13.78 3.27
CA ALA B 102 -17.29 -13.97 2.59
C ALA B 102 -17.83 -12.52 2.39
N ILE B 103 -18.36 -12.24 1.25
CA ILE B 103 -19.10 -11.04 1.00
C ILE B 103 -20.60 -11.50 1.01
N VAL B 104 -21.32 -10.84 1.90
CA VAL B 104 -22.65 -11.29 2.32
C VAL B 104 -23.71 -10.83 1.30
N TRP B 105 -24.86 -11.53 1.25
CA TRP B 105 -25.95 -11.13 0.39
C TRP B 105 -26.39 -9.69 0.60
N LEU B 106 -26.29 -9.23 1.86
CA LEU B 106 -26.62 -7.84 2.27
C LEU B 106 -25.61 -6.73 1.84
N ASP B 107 -24.43 -7.13 1.37
CA ASP B 107 -23.42 -6.21 0.85
C ASP B 107 -23.94 -5.48 -0.38
N THR B 108 -23.67 -4.18 -0.40
CA THR B 108 -24.11 -3.33 -1.52
C THR B 108 -22.98 -2.52 -2.17
N ARG B 109 -21.72 -2.94 -1.96
CA ARG B 109 -20.57 -2.20 -2.51
C ARG B 109 -20.59 -2.17 -4.06
N VAL B 110 -21.34 -3.11 -4.68
CA VAL B 110 -21.29 -3.27 -6.14
C VAL B 110 -22.37 -2.41 -6.82
N GLU B 111 -23.01 -1.50 -6.04
CA GLU B 111 -24.03 -0.58 -6.64
C GLU B 111 -23.56 0.03 -7.95
N GLU B 112 -22.38 0.61 -8.00
CA GLU B 112 -21.94 1.37 -9.16
C GLU B 112 -21.70 0.45 -10.36
N LEU B 113 -21.13 -0.72 -10.08
CA LEU B 113 -20.95 -1.75 -11.11
C LEU B 113 -22.27 -2.24 -11.72
N VAL B 114 -23.29 -2.45 -10.84
CA VAL B 114 -24.62 -2.87 -11.32
C VAL B 114 -25.19 -1.83 -12.29
N THR B 115 -25.06 -0.54 -11.94
CA THR B 115 -25.50 0.55 -12.83
C THR B 115 -24.75 0.52 -14.17
N GLU B 116 -23.44 0.36 -14.11
CA GLU B 116 -22.64 0.27 -15.36
C GLU B 116 -23.00 -0.86 -16.23
N PHE B 117 -23.18 -2.04 -15.60
CA PHE B 117 -23.51 -3.24 -16.38
C PHE B 117 -24.95 -3.30 -16.90
N SER B 118 -25.87 -2.61 -16.22
CA SER B 118 -27.27 -2.45 -16.72
C SER B 118 -27.39 -1.61 -17.97
N ALA B 119 -26.37 -0.80 -18.17
CA ALA B 119 -26.13 -0.07 -19.41
C ALA B 119 -25.40 -0.98 -20.45
N LYS B 120 -24.36 -1.70 -20.06
CA LYS B 120 -23.48 -2.47 -20.96
C LYS B 120 -24.28 -3.59 -21.64
N TYR B 121 -25.23 -4.17 -20.87
CA TYR B 121 -26.01 -5.33 -21.29
C TYR B 121 -27.52 -5.01 -21.06
N ASN B 122 -28.37 -5.82 -21.66
CA ASN B 122 -29.84 -5.68 -21.51
C ASN B 122 -30.36 -6.60 -20.43
N ASN B 123 -30.80 -5.99 -19.30
CA ASN B 123 -31.38 -6.77 -18.21
C ASN B 123 -32.45 -7.76 -18.63
N ASN B 124 -33.22 -7.46 -19.71
CA ASN B 124 -34.26 -8.43 -20.17
C ASN B 124 -33.63 -9.79 -20.57
N ASP B 125 -32.47 -9.74 -21.25
CA ASP B 125 -31.73 -10.93 -21.59
C ASP B 125 -31.24 -11.65 -20.34
N ILE B 126 -30.72 -10.89 -19.39
CA ILE B 126 -30.23 -11.46 -18.11
C ILE B 126 -31.36 -12.21 -17.36
N GLN B 127 -32.54 -11.60 -17.31
CA GLN B 127 -33.70 -12.16 -16.68
C GLN B 127 -34.12 -13.46 -17.37
N LYS B 128 -34.17 -13.44 -18.71
CA LYS B 128 -34.58 -14.65 -19.40
C LYS B 128 -33.59 -15.79 -19.13
N LYS B 129 -32.30 -15.45 -19.06
CA LYS B 129 -31.30 -16.45 -18.82
C LYS B 129 -31.31 -17.01 -17.39
N THR B 130 -31.35 -16.12 -16.39
CA THR B 130 -31.06 -16.43 -15.01
C THR B 130 -32.23 -16.30 -14.04
N GLY B 131 -33.31 -15.65 -14.45
CA GLY B 131 -34.41 -15.35 -13.59
C GLY B 131 -34.43 -14.04 -12.83
N THR B 132 -33.34 -13.21 -12.98
CA THR B 132 -33.25 -11.98 -12.31
C THR B 132 -32.61 -11.00 -13.28
N TYR B 133 -32.94 -9.73 -13.00
CA TYR B 133 -32.09 -8.58 -13.42
C TYR B 133 -30.78 -8.54 -12.64
N PHE B 134 -29.77 -7.85 -13.21
CA PHE B 134 -28.64 -7.51 -12.42
C PHE B 134 -29.08 -6.77 -11.14
N ASN B 135 -28.38 -7.07 -10.04
CA ASN B 135 -28.64 -6.51 -8.79
C ASN B 135 -27.43 -6.63 -7.87
N THR B 136 -27.50 -5.99 -6.71
CA THR B 136 -26.40 -6.05 -5.75
C THR B 136 -26.37 -7.29 -4.84
N TYR B 137 -27.43 -8.08 -4.95
CA TYR B 137 -27.83 -9.12 -3.99
C TYR B 137 -27.21 -10.49 -4.36
N PHE B 138 -27.35 -10.91 -5.63
CA PHE B 138 -26.78 -12.20 -6.08
C PHE B 138 -25.29 -12.25 -6.05
N SER B 139 -24.74 -13.45 -6.23
CA SER B 139 -23.28 -13.57 -5.98
C SER B 139 -22.42 -12.86 -7.04
N ALA B 140 -22.90 -12.78 -8.28
CA ALA B 140 -21.99 -12.57 -9.42
C ALA B 140 -21.26 -11.23 -9.34
N PHE B 141 -21.94 -10.12 -8.98
CA PHE B 141 -21.16 -8.82 -8.97
C PHE B 141 -20.13 -8.77 -7.84
N LYS B 142 -20.37 -9.50 -6.76
N LYS B 142 -20.35 -9.54 -6.79
CA LYS B 142 -19.42 -9.58 -5.64
CA LYS B 142 -19.41 -9.68 -5.68
C LYS B 142 -18.18 -10.44 -6.07
C LYS B 142 -18.17 -10.40 -6.16
N ILE B 143 -18.38 -11.50 -6.87
CA ILE B 143 -17.27 -12.20 -7.50
C ILE B 143 -16.47 -11.26 -8.47
N LEU B 144 -17.19 -10.51 -9.30
CA LEU B 144 -16.55 -9.54 -10.21
C LEU B 144 -15.75 -8.50 -9.46
N TRP B 145 -16.34 -7.93 -8.42
CA TRP B 145 -15.63 -6.98 -7.57
C TRP B 145 -14.32 -7.57 -7.04
N LEU B 146 -14.38 -8.80 -6.56
CA LEU B 146 -13.18 -9.48 -6.06
C LEU B 146 -12.14 -9.59 -7.17
N ILE B 147 -12.51 -10.05 -8.34
CA ILE B 147 -11.60 -10.21 -9.50
C ILE B 147 -11.00 -8.86 -9.88
N GLN B 148 -11.81 -7.82 -9.85
CA GLN B 148 -11.33 -6.49 -10.28
C GLN B 148 -10.47 -5.85 -9.24
N ASN B 149 -10.64 -6.20 -7.98
CA ASN B 149 -9.87 -5.53 -6.91
C ASN B 149 -8.77 -6.36 -6.27
N ASN B 150 -8.56 -7.55 -6.76
CA ASN B 150 -7.63 -8.44 -6.11
C ASN B 150 -6.97 -9.33 -7.20
N PRO B 151 -5.77 -8.96 -7.61
CA PRO B 151 -5.16 -9.73 -8.68
C PRO B 151 -4.86 -11.16 -8.34
N GLU B 152 -4.63 -11.48 -7.10
CA GLU B 152 -4.43 -12.91 -6.74
C GLU B 152 -5.66 -13.73 -7.08
N ILE B 153 -6.84 -13.15 -6.80
CA ILE B 153 -8.11 -13.86 -7.10
C ILE B 153 -8.30 -14.00 -8.58
N LYS B 154 -8.07 -12.92 -9.31
CA LYS B 154 -8.13 -12.96 -10.75
C LYS B 154 -7.20 -14.05 -11.30
N GLN B 155 -5.95 -14.08 -10.79
CA GLN B 155 -4.93 -15.02 -11.30
C GLN B 155 -5.30 -16.48 -10.99
N LYS B 156 -5.87 -16.75 -9.81
CA LYS B 156 -6.18 -18.10 -9.39
C LYS B 156 -7.47 -18.60 -9.97
N ILE B 157 -8.39 -17.72 -10.32
CA ILE B 157 -9.53 -18.12 -11.15
C ILE B 157 -9.04 -18.49 -12.55
N ASP B 158 -8.24 -17.60 -13.19
CA ASP B 158 -7.70 -17.85 -14.48
C ASP B 158 -6.93 -19.18 -14.55
N ASP B 159 -6.12 -19.52 -13.54
CA ASP B 159 -5.33 -20.74 -13.54
C ASP B 159 -6.03 -21.98 -12.98
N GLY B 160 -7.30 -21.82 -12.52
CA GLY B 160 -8.03 -22.91 -12.00
C GLY B 160 -7.70 -23.38 -10.64
N THR B 161 -6.95 -22.61 -9.83
CA THR B 161 -6.55 -23.06 -8.50
C THR B 161 -7.44 -22.48 -7.37
N ALA B 162 -8.41 -21.64 -7.72
CA ALA B 162 -9.43 -21.18 -6.81
C ALA B 162 -10.75 -22.02 -6.95
N VAL B 163 -11.54 -21.96 -5.91
CA VAL B 163 -12.95 -22.40 -5.88
C VAL B 163 -13.81 -21.19 -5.56
N ILE B 164 -14.89 -21.01 -6.33
CA ILE B 164 -15.89 -19.99 -6.03
C ILE B 164 -17.11 -20.75 -5.46
N GLY B 165 -17.52 -20.36 -4.28
CA GLY B 165 -18.64 -21.13 -3.68
C GLY B 165 -19.50 -20.27 -2.76
N ASN B 166 -20.75 -20.64 -2.78
CA ASN B 166 -21.71 -20.20 -1.78
C ASN B 166 -21.42 -20.93 -0.41
N ILE B 167 -22.18 -20.57 0.64
CA ILE B 167 -21.90 -21.11 1.94
C ILE B 167 -22.04 -22.64 1.99
N ASN B 168 -23.06 -23.15 1.29
CA ASN B 168 -23.23 -24.63 1.20
C ASN B 168 -21.97 -25.30 0.71
N THR B 169 -21.41 -24.77 -0.38
CA THR B 169 -20.23 -25.32 -0.98
C THR B 169 -19.01 -25.26 -0.04
N TRP B 170 -18.87 -24.15 0.66
CA TRP B 170 -17.83 -23.96 1.69
C TRP B 170 -17.96 -25.04 2.79
N LEU B 171 -19.16 -25.20 3.36
N LEU B 171 -19.16 -25.20 3.36
CA LEU B 171 -19.35 -26.19 4.42
CA LEU B 171 -19.33 -26.20 4.41
C LEU B 171 -19.00 -27.60 3.94
C LEU B 171 -19.01 -27.60 3.94
N ILE B 172 -19.55 -27.98 2.79
CA ILE B 172 -19.33 -29.35 2.24
C ILE B 172 -17.84 -29.59 1.98
N PHE B 173 -17.20 -28.60 1.39
CA PHE B 173 -15.75 -28.64 1.05
C PHE B 173 -14.98 -28.95 2.32
N ASN B 174 -15.24 -28.21 3.40
CA ASN B 174 -14.50 -28.41 4.66
C ASN B 174 -14.83 -29.72 5.31
N LEU B 175 -16.12 -30.03 5.40
CA LEU B 175 -16.54 -31.29 6.06
C LEU B 175 -15.98 -32.56 5.38
N THR B 176 -15.98 -32.58 4.05
CA THR B 176 -15.55 -33.68 3.21
C THR B 176 -14.07 -33.69 2.85
N LYS B 177 -13.33 -32.63 3.30
CA LYS B 177 -11.95 -32.44 2.95
C LYS B 177 -11.72 -32.37 1.40
N GLY B 178 -12.57 -31.60 0.72
CA GLY B 178 -12.33 -31.14 -0.61
C GLY B 178 -13.42 -31.38 -1.66
N ASN B 179 -14.60 -31.96 -1.33
CA ASN B 179 -15.67 -32.09 -2.39
C ASN B 179 -16.15 -30.72 -2.77
N CYS B 180 -16.42 -30.50 -4.05
CA CYS B 180 -16.88 -29.18 -4.54
C CYS B 180 -18.24 -29.36 -5.24
N TYR B 181 -19.25 -29.10 -4.43
CA TYR B 181 -20.63 -29.28 -4.81
C TYR B 181 -21.47 -28.08 -4.43
N THR B 182 -22.49 -27.89 -5.26
CA THR B 182 -23.65 -27.06 -4.93
C THR B 182 -24.94 -27.76 -5.29
N ASP B 183 -26.03 -27.10 -4.94
CA ASP B 183 -27.37 -27.64 -5.35
C ASP B 183 -28.09 -26.63 -6.19
N VAL B 184 -29.09 -27.09 -6.92
CA VAL B 184 -29.75 -26.27 -7.90
C VAL B 184 -30.35 -25.00 -7.31
N THR B 185 -30.81 -25.02 -6.04
CA THR B 185 -31.38 -23.82 -5.49
C THR B 185 -30.31 -22.77 -5.20
N ASN B 186 -29.19 -23.19 -4.62
CA ASN B 186 -28.10 -22.23 -4.36
C ASN B 186 -27.50 -21.73 -5.68
N ALA B 187 -27.33 -22.62 -6.65
CA ALA B 187 -26.78 -22.20 -7.95
C ALA B 187 -27.66 -21.14 -8.62
N SER B 188 -28.97 -21.21 -8.43
CA SER B 188 -29.90 -20.21 -8.97
C SER B 188 -29.75 -18.77 -8.46
N ARG B 189 -28.95 -18.63 -7.35
CA ARG B 189 -28.77 -17.41 -6.59
C ARG B 189 -27.42 -16.73 -6.88
N THR B 190 -26.73 -17.20 -7.93
CA THR B 190 -25.43 -16.72 -8.27
C THR B 190 -25.39 -15.67 -9.39
N LEU B 191 -26.43 -15.69 -10.23
CA LEU B 191 -26.50 -14.94 -11.46
C LEU B 191 -25.64 -15.61 -12.60
N LEU B 192 -25.24 -16.85 -12.38
CA LEU B 192 -24.34 -17.60 -13.26
C LEU B 192 -25.00 -18.84 -13.90
N MET B 193 -26.18 -19.23 -13.43
CA MET B 193 -26.87 -20.43 -13.87
C MET B 193 -28.00 -20.10 -14.83
N ASP B 194 -28.12 -20.92 -15.85
CA ASP B 194 -29.24 -20.93 -16.80
C ASP B 194 -30.45 -21.50 -16.02
N ILE B 195 -31.46 -20.68 -15.79
CA ILE B 195 -32.61 -21.05 -14.96
C ILE B 195 -33.45 -22.18 -15.58
N ASN B 196 -33.37 -22.32 -16.89
CA ASN B 196 -34.05 -23.36 -17.64
C ASN B 196 -33.31 -24.67 -17.74
N THR B 197 -32.03 -24.62 -18.01
CA THR B 197 -31.27 -25.80 -18.23
C THR B 197 -30.58 -26.34 -16.96
N LEU B 198 -30.51 -25.48 -15.93
CA LEU B 198 -29.86 -25.84 -14.66
C LEU B 198 -28.33 -26.12 -14.81
N GLN B 199 -27.70 -25.41 -15.75
CA GLN B 199 -26.24 -25.50 -15.90
C GLN B 199 -25.63 -24.16 -15.76
N TRP B 200 -24.37 -24.14 -15.33
CA TRP B 200 -23.59 -22.91 -15.35
C TRP B 200 -23.58 -22.42 -16.82
N ASP B 201 -23.79 -21.13 -16.98
CA ASP B 201 -23.90 -20.45 -18.31
C ASP B 201 -22.61 -19.76 -18.70
N GLU B 202 -22.11 -20.11 -19.87
CA GLU B 202 -20.80 -19.56 -20.32
C GLU B 202 -20.91 -18.07 -20.54
N LYS B 203 -21.97 -17.66 -21.17
CA LYS B 203 -22.14 -16.21 -21.43
C LYS B 203 -22.15 -15.40 -20.09
N MET B 204 -22.86 -15.89 -19.05
CA MET B 204 -22.86 -15.14 -17.81
C MET B 204 -21.51 -15.11 -17.20
N CYS B 205 -20.82 -16.25 -17.27
CA CYS B 205 -19.47 -16.32 -16.75
C CYS B 205 -18.53 -15.34 -17.46
N LYS B 206 -18.71 -15.24 -18.77
CA LYS B 206 -17.91 -14.28 -19.55
C LYS B 206 -18.19 -12.84 -19.04
N ILE B 207 -19.47 -12.50 -18.84
CA ILE B 207 -19.85 -11.19 -18.35
C ILE B 207 -19.12 -10.87 -17.09
N PHE B 208 -19.06 -11.83 -16.14
CA PHE B 208 -18.49 -11.58 -14.80
C PHE B 208 -17.01 -11.93 -14.68
N ASN B 209 -16.34 -12.11 -15.82
CA ASN B 209 -14.86 -12.23 -15.91
C ASN B 209 -14.38 -13.53 -15.26
N ILE B 210 -15.28 -14.53 -15.22
CA ILE B 210 -14.98 -15.85 -14.85
C ILE B 210 -14.46 -16.64 -16.05
N THR B 211 -13.16 -16.59 -16.28
CA THR B 211 -12.52 -17.12 -17.50
C THR B 211 -12.33 -18.62 -17.54
N ASN B 212 -12.52 -19.26 -16.38
CA ASN B 212 -12.28 -20.70 -16.21
C ASN B 212 -13.37 -21.25 -15.35
N MET B 213 -14.27 -21.94 -16.03
CA MET B 213 -15.46 -22.44 -15.36
C MET B 213 -15.20 -23.64 -14.47
N SER B 214 -13.98 -24.18 -14.47
CA SER B 214 -13.64 -25.28 -13.58
C SER B 214 -13.61 -24.91 -12.13
N VAL B 215 -13.57 -23.60 -11.83
CA VAL B 215 -13.63 -23.15 -10.42
C VAL B 215 -15.00 -23.26 -9.81
N LEU B 216 -16.01 -23.50 -10.64
CA LEU B 216 -17.38 -23.63 -10.15
C LEU B 216 -17.69 -25.10 -9.77
N PRO B 217 -18.43 -25.26 -8.67
CA PRO B 217 -18.77 -26.62 -8.24
C PRO B 217 -19.87 -27.26 -9.06
N GLU B 218 -19.88 -28.59 -9.09
CA GLU B 218 -20.93 -29.37 -9.77
C GLU B 218 -22.27 -29.10 -9.11
N ILE B 219 -23.27 -28.84 -9.95
CA ILE B 219 -24.63 -28.58 -9.48
C ILE B 219 -25.34 -29.96 -9.31
N LYS B 220 -25.80 -30.20 -8.08
CA LYS B 220 -26.50 -31.40 -7.74
C LYS B 220 -27.97 -31.15 -7.43
N SER B 221 -28.72 -32.27 -7.39
CA SER B 221 -30.07 -32.19 -6.91
C SER B 221 -30.07 -31.99 -5.37
N ASN B 222 -31.21 -31.64 -4.80
CA ASN B 222 -31.28 -31.39 -3.33
C ASN B 222 -31.08 -32.65 -2.46
N CYS B 223 -31.56 -33.81 -2.95
CA CYS B 223 -31.31 -35.12 -2.36
C CYS B 223 -30.24 -35.80 -3.18
N SER B 224 -29.08 -36.01 -2.58
CA SER B 224 -27.94 -36.50 -3.32
C SER B 224 -26.82 -37.01 -2.41
N ASN B 225 -25.82 -37.65 -3.00
CA ASN B 225 -24.65 -38.07 -2.26
C ASN B 225 -23.63 -36.91 -2.32
N PHE B 226 -23.62 -36.08 -1.28
CA PHE B 226 -22.67 -34.94 -1.26
C PHE B 226 -21.28 -35.35 -0.67
N GLY B 227 -21.20 -36.59 -0.16
CA GLY B 227 -19.98 -37.08 0.44
C GLY B 227 -20.03 -37.48 1.87
N LEU B 228 -18.88 -38.00 2.27
CA LEU B 228 -18.65 -38.46 3.65
C LEU B 228 -17.98 -37.38 4.44
N VAL B 229 -18.39 -37.17 5.70
CA VAL B 229 -17.59 -36.31 6.56
C VAL B 229 -16.25 -37.02 6.86
N LYS B 230 -15.18 -36.28 6.60
CA LYS B 230 -13.81 -36.75 6.88
C LYS B 230 -12.97 -35.77 7.73
N SER B 231 -13.48 -34.54 7.94
CA SER B 231 -12.73 -33.52 8.67
C SER B 231 -12.31 -34.03 10.10
N GLU B 232 -11.01 -33.96 10.34
CA GLU B 232 -10.44 -34.26 11.67
C GLU B 232 -11.02 -33.40 12.83
N HIS B 233 -11.66 -32.30 12.52
CA HIS B 233 -12.20 -31.42 13.54
C HIS B 233 -13.49 -31.97 14.20
N VAL B 234 -14.09 -32.97 13.58
CA VAL B 234 -15.39 -33.54 14.02
C VAL B 234 -15.28 -35.10 13.90
N PRO B 235 -14.38 -35.65 14.71
CA PRO B 235 -14.10 -37.08 14.58
C PRO B 235 -15.27 -38.05 14.83
N ASP B 236 -16.20 -37.74 15.74
CA ASP B 236 -17.34 -38.59 15.94
C ASP B 236 -18.23 -38.70 14.71
N TYR B 237 -18.07 -37.79 13.78
CA TYR B 237 -18.86 -37.77 12.53
C TYR B 237 -18.18 -38.43 11.33
N LEU B 238 -17.06 -39.09 11.52
CA LEU B 238 -16.34 -39.73 10.44
C LEU B 238 -17.30 -40.70 9.74
N ASN B 239 -17.37 -40.56 8.40
CA ASN B 239 -18.10 -41.42 7.50
C ASN B 239 -19.61 -41.28 7.58
N ILE B 240 -20.11 -40.21 8.24
CA ILE B 240 -21.56 -39.88 8.18
C ILE B 240 -21.81 -39.16 6.89
N PRO B 241 -22.84 -39.54 6.13
CA PRO B 241 -23.01 -38.92 4.83
C PRO B 241 -23.81 -37.63 4.87
N ILE B 242 -23.47 -36.74 3.96
CA ILE B 242 -24.19 -35.50 3.75
C ILE B 242 -25.10 -35.75 2.57
N THR B 243 -26.42 -35.74 2.83
CA THR B 243 -27.40 -36.26 1.86
C THR B 243 -28.48 -35.31 1.40
N GLY B 244 -28.49 -34.09 1.98
CA GLY B 244 -29.39 -33.06 1.56
C GLY B 244 -28.70 -31.72 1.64
N CYS B 245 -29.00 -30.90 0.63
CA CYS B 245 -28.46 -29.58 0.56
C CYS B 245 -29.41 -28.67 -0.18
N ILE B 246 -29.78 -27.54 0.41
CA ILE B 246 -30.74 -26.57 -0.18
C ILE B 246 -30.50 -25.16 0.39
N GLY B 247 -30.79 -24.10 -0.40
CA GLY B 247 -30.77 -22.75 0.11
C GLY B 247 -31.84 -22.57 1.21
N ASP B 248 -31.56 -21.69 2.18
CA ASP B 248 -32.40 -21.58 3.36
C ASP B 248 -33.85 -21.27 3.10
N GLN B 249 -34.10 -20.39 2.16
CA GLN B 249 -35.51 -19.95 1.97
C GLN B 249 -36.30 -21.02 1.23
N GLN B 250 -35.67 -21.70 0.30
CA GLN B 250 -36.19 -22.94 -0.30
C GLN B 250 -36.39 -24.04 0.68
N SER B 251 -35.48 -24.18 1.63
CA SER B 251 -35.62 -25.16 2.74
C SER B 251 -36.90 -24.95 3.49
N ALA B 252 -37.24 -23.69 3.76
CA ALA B 252 -38.45 -23.29 4.43
C ALA B 252 -39.73 -23.65 3.67
N CYS B 253 -39.68 -23.65 2.32
CA CYS B 253 -40.70 -24.19 1.44
C CYS B 253 -40.95 -25.67 1.71
N ILE B 254 -39.88 -26.48 1.84
CA ILE B 254 -40.00 -27.91 2.10
C ILE B 254 -40.61 -28.04 3.51
N GLY B 255 -40.06 -27.33 4.47
CA GLY B 255 -40.55 -27.43 5.87
C GLY B 255 -42.00 -26.99 6.10
N GLN B 256 -42.48 -26.10 5.24
CA GLN B 256 -43.92 -25.59 5.20
C GLN B 256 -44.84 -26.49 4.31
N ALA B 257 -44.24 -27.44 3.58
CA ALA B 257 -44.92 -28.36 2.65
C ALA B 257 -45.64 -27.61 1.54
N ILE B 258 -45.00 -26.53 1.02
CA ILE B 258 -45.59 -25.71 -0.06
CA ILE B 258 -45.51 -25.70 -0.07
C ILE B 258 -45.18 -26.40 -1.40
N PHE B 259 -45.77 -27.58 -1.64
CA PHE B 259 -45.39 -28.43 -2.72
C PHE B 259 -46.33 -28.31 -3.90
N ASP B 260 -47.48 -27.68 -3.72
CA ASP B 260 -48.41 -27.55 -4.84
C ASP B 260 -48.35 -26.18 -5.49
N GLU B 261 -48.63 -26.15 -6.78
CA GLU B 261 -48.67 -24.92 -7.54
C GLU B 261 -49.65 -23.92 -6.88
N GLY B 262 -49.20 -22.67 -6.68
CA GLY B 262 -49.96 -21.69 -6.01
C GLY B 262 -49.79 -21.46 -4.54
N GLU B 263 -49.18 -22.41 -3.84
CA GLU B 263 -48.98 -22.32 -2.41
C GLU B 263 -47.83 -21.36 -2.18
N ALA B 264 -47.94 -20.60 -1.10
CA ALA B 264 -46.94 -19.54 -0.82
C ALA B 264 -46.57 -19.56 0.67
N LYS B 265 -45.30 -19.29 0.96
CA LYS B 265 -44.87 -19.10 2.34
C LYS B 265 -44.07 -17.83 2.45
N CYS B 266 -43.98 -17.34 3.68
CA CYS B 266 -43.17 -16.13 4.03
C CYS B 266 -42.40 -16.39 5.34
N THR B 267 -41.08 -16.27 5.27
CA THR B 267 -40.19 -16.49 6.39
C THR B 267 -39.69 -15.17 6.86
N TYR B 268 -39.83 -14.96 8.14
CA TYR B 268 -39.36 -13.79 8.85
C TYR B 268 -38.09 -14.14 9.64
N GLY B 269 -36.97 -13.58 9.17
CA GLY B 269 -35.70 -13.76 9.83
C GLY B 269 -34.86 -12.55 9.70
N THR B 270 -33.55 -12.76 9.42
CA THR B 270 -32.65 -11.62 9.17
C THR B 270 -33.20 -10.73 8.08
N GLY B 271 -33.71 -11.36 7.01
CA GLY B 271 -34.49 -10.70 6.00
C GLY B 271 -35.91 -11.34 5.99
N VAL B 272 -36.78 -10.93 5.12
CA VAL B 272 -38.10 -11.57 4.98
C VAL B 272 -38.19 -12.05 3.53
N PHE B 273 -38.57 -13.30 3.32
CA PHE B 273 -38.60 -13.90 1.98
C PHE B 273 -39.89 -14.65 1.75
N LEU B 274 -40.60 -14.21 0.71
CA LEU B 274 -41.87 -14.77 0.33
C LEU B 274 -41.63 -15.56 -1.01
N LEU B 275 -41.92 -16.87 -1.02
CA LEU B 275 -41.86 -17.65 -2.20
C LEU B 275 -43.21 -18.28 -2.52
N ILE B 276 -43.59 -18.24 -3.79
CA ILE B 276 -44.80 -18.99 -4.25
C ILE B 276 -44.36 -20.01 -5.28
N ASN B 277 -44.85 -21.23 -5.12
CA ASN B 277 -44.51 -22.37 -5.94
C ASN B 277 -45.30 -22.21 -7.24
N THR B 278 -44.59 -22.22 -8.37
CA THR B 278 -45.23 -22.01 -9.69
C THR B 278 -45.32 -23.31 -10.47
N GLY B 279 -45.16 -24.41 -9.75
CA GLY B 279 -45.08 -25.73 -10.35
C GLY B 279 -43.88 -25.92 -11.28
N GLU B 280 -44.09 -26.71 -12.35
CA GLU B 280 -43.06 -26.96 -13.33
C GLU B 280 -42.84 -25.78 -14.32
N LYS B 281 -43.68 -24.75 -14.23
CA LYS B 281 -43.69 -23.65 -15.19
C LYS B 281 -42.73 -22.59 -14.66
N VAL B 282 -41.88 -22.10 -15.53
CA VAL B 282 -41.04 -20.92 -15.27
C VAL B 282 -41.87 -19.65 -15.50
N VAL B 283 -42.07 -18.84 -14.45
CA VAL B 283 -42.80 -17.58 -14.52
C VAL B 283 -41.80 -16.44 -14.36
N TYR B 284 -41.70 -15.65 -15.40
CA TYR B 284 -40.88 -14.40 -15.41
C TYR B 284 -41.76 -13.21 -14.99
N SER B 285 -41.33 -12.55 -13.93
CA SER B 285 -42.07 -11.45 -13.36
C SER B 285 -41.96 -10.21 -14.27
N THR B 286 -43.01 -9.43 -14.30
CA THR B 286 -42.98 -8.04 -14.84
C THR B 286 -43.08 -6.95 -13.74
N CYS B 287 -43.01 -7.36 -12.48
N CYS B 287 -43.05 -7.44 -12.49
CA CYS B 287 -43.14 -6.38 -11.41
CA CYS B 287 -43.37 -6.67 -11.28
C CYS B 287 -42.27 -6.72 -10.23
C CYS B 287 -42.29 -6.80 -10.19
N GLY B 288 -41.02 -7.03 -10.56
CA GLY B 288 -39.95 -7.02 -9.61
C GLY B 288 -39.73 -8.23 -8.75
N LEU B 289 -40.34 -9.35 -9.10
CA LEU B 289 -40.06 -10.58 -8.36
C LEU B 289 -38.97 -11.40 -9.10
N ILE B 290 -38.29 -12.26 -8.36
CA ILE B 290 -37.22 -13.10 -8.91
C ILE B 290 -37.82 -14.45 -9.23
N THR B 291 -37.47 -14.98 -10.40
CA THR B 291 -37.72 -16.39 -10.77
C THR B 291 -36.61 -17.27 -10.20
N THR B 292 -36.96 -18.27 -9.43
CA THR B 292 -35.92 -19.13 -8.82
C THR B 292 -36.39 -20.56 -8.82
N ILE B 293 -35.48 -21.46 -8.51
CA ILE B 293 -35.84 -22.86 -8.29
C ILE B 293 -36.38 -23.03 -6.87
N CYS B 294 -37.53 -23.72 -6.76
CA CYS B 294 -38.06 -24.04 -5.45
C CYS B 294 -37.31 -25.28 -4.90
N TYR B 295 -37.30 -26.34 -5.70
CA TYR B 295 -36.61 -27.59 -5.37
C TYR B 295 -36.56 -28.55 -6.52
N LYS B 296 -35.60 -29.48 -6.48
CA LYS B 296 -35.47 -30.62 -7.41
C LYS B 296 -34.82 -31.69 -6.62
N PHE B 297 -35.64 -32.64 -6.13
CA PHE B 297 -35.12 -33.60 -5.17
C PHE B 297 -34.07 -34.54 -5.83
N ASN B 298 -34.52 -35.18 -6.94
CA ASN B 298 -33.72 -36.16 -7.67
C ASN B 298 -33.33 -35.74 -9.05
N ASP B 299 -32.27 -36.37 -9.52
CA ASP B 299 -31.67 -35.98 -10.80
C ASP B 299 -32.67 -36.04 -11.97
N ASN B 300 -33.49 -37.06 -11.98
CA ASN B 300 -34.47 -37.23 -13.10
C ASN B 300 -35.74 -36.41 -12.97
N ASP B 301 -35.90 -35.65 -11.88
CA ASP B 301 -37.11 -34.87 -11.66
C ASP B 301 -37.09 -33.59 -12.46
N LYS B 302 -38.27 -33.16 -13.00
CA LYS B 302 -38.39 -31.79 -13.48
C LYS B 302 -38.38 -30.89 -12.21
N PRO B 303 -37.62 -29.78 -12.26
CA PRO B 303 -37.63 -28.90 -11.10
C PRO B 303 -39.00 -28.25 -10.89
N LYS B 304 -39.33 -27.89 -9.61
CA LYS B 304 -40.40 -27.00 -9.32
C LYS B 304 -39.77 -25.56 -9.13
N TYR B 305 -40.39 -24.63 -9.78
CA TYR B 305 -40.02 -23.23 -9.78
C TYR B 305 -40.81 -22.40 -8.79
N ALA B 306 -40.34 -21.15 -8.57
CA ALA B 306 -40.93 -20.26 -7.65
C ALA B 306 -40.78 -18.84 -8.14
N LEU B 307 -41.62 -17.97 -7.65
CA LEU B 307 -41.42 -16.52 -7.65
C LEU B 307 -41.10 -16.10 -6.26
N GLU B 308 -40.13 -15.21 -6.12
CA GLU B 308 -39.64 -14.81 -4.78
C GLU B 308 -39.66 -13.30 -4.65
N GLY B 309 -40.14 -12.81 -3.51
CA GLY B 309 -39.97 -11.44 -3.07
C GLY B 309 -39.10 -11.44 -1.85
N SER B 310 -38.03 -10.68 -1.96
CA SER B 310 -37.00 -10.60 -0.96
C SER B 310 -36.96 -9.22 -0.30
N ILE B 311 -36.89 -9.16 1.03
CA ILE B 311 -36.76 -7.93 1.85
C ILE B 311 -35.46 -8.01 2.67
N GLY B 312 -34.56 -7.04 2.54
CA GLY B 312 -33.26 -7.19 3.23
C GLY B 312 -33.27 -6.78 4.68
N THR B 313 -34.08 -5.79 5.02
CA THR B 313 -34.06 -5.29 6.40
C THR B 313 -35.26 -5.75 7.13
N ALA B 314 -35.02 -6.73 8.01
CA ALA B 314 -36.03 -7.25 8.94
C ALA B 314 -35.38 -7.50 10.32
N GLY B 315 -35.00 -8.72 10.63
CA GLY B 315 -34.14 -9.00 11.81
C GLY B 315 -32.82 -8.25 11.75
N SER B 316 -32.29 -8.09 10.54
CA SER B 316 -31.11 -7.27 10.36
C SER B 316 -31.32 -5.84 10.95
N GLY B 317 -32.50 -5.27 10.74
CA GLY B 317 -32.90 -3.98 11.24
C GLY B 317 -33.01 -4.00 12.76
N VAL B 318 -33.60 -5.07 13.28
CA VAL B 318 -33.73 -5.18 14.75
C VAL B 318 -32.35 -5.24 15.40
N SER B 319 -31.44 -5.98 14.79
CA SER B 319 -30.04 -6.07 15.21
C SER B 319 -29.33 -4.70 15.23
N TRP B 320 -29.65 -3.90 14.23
CA TRP B 320 -29.13 -2.55 14.15
C TRP B 320 -29.66 -1.67 15.27
N LEU B 321 -30.97 -1.75 15.48
CA LEU B 321 -31.60 -1.04 16.63
C LEU B 321 -30.95 -1.44 17.93
N LEU B 322 -30.73 -2.71 18.11
CA LEU B 322 -30.06 -3.22 19.33
C LEU B 322 -28.64 -2.66 19.52
N LYS B 323 -27.82 -2.75 18.44
CA LYS B 323 -26.47 -2.28 18.52
C LYS B 323 -26.46 -0.84 18.87
N ASN B 324 -27.43 -0.05 18.34
CA ASN B 324 -27.47 1.43 18.56
C ASN B 324 -28.37 1.92 19.68
N LYS B 325 -28.75 0.96 20.53
CA LYS B 325 -29.41 1.26 21.82
C LYS B 325 -30.84 1.71 21.73
N LEU B 326 -31.46 1.57 20.57
CA LEU B 326 -32.86 1.88 20.38
C LEU B 326 -33.79 0.83 20.99
N ILE B 327 -33.27 -0.37 21.14
CA ILE B 327 -33.99 -1.48 21.80
C ILE B 327 -32.95 -2.12 22.71
N ASP B 328 -33.48 -2.50 23.87
CA ASP B 328 -32.69 -3.14 24.91
C ASP B 328 -32.57 -4.64 24.63
N ASP B 329 -33.56 -5.25 23.97
CA ASP B 329 -33.55 -6.71 23.66
C ASP B 329 -34.69 -7.01 22.69
N PRO B 330 -34.42 -7.82 21.60
CA PRO B 330 -35.40 -8.13 20.57
C PRO B 330 -36.70 -8.75 21.07
N SER B 331 -36.62 -9.34 22.28
CA SER B 331 -37.74 -10.04 22.85
C SER B 331 -38.84 -9.07 23.19
N GLU B 332 -38.43 -7.83 23.35
CA GLU B 332 -39.34 -6.76 23.75
C GLU B 332 -40.32 -6.31 22.65
N ALA B 333 -40.04 -6.62 21.36
CA ALA B 333 -40.74 -6.02 20.27
C ALA B 333 -42.27 -6.26 20.37
N SER B 334 -42.73 -7.37 20.97
CA SER B 334 -44.17 -7.58 21.04
C SER B 334 -44.77 -6.58 22.03
N ASP B 335 -44.08 -6.52 23.17
CA ASP B 335 -44.48 -5.63 24.22
C ASP B 335 -44.40 -4.22 23.67
N ILE B 336 -43.28 -3.89 23.04
CA ILE B 336 -43.22 -2.53 22.40
C ILE B 336 -44.46 -2.37 21.47
N MET B 337 -44.80 -3.33 20.61
CA MET B 337 -46.05 -3.20 19.82
C MET B 337 -47.40 -3.18 20.56
N GLU B 338 -47.50 -3.86 21.70
CA GLU B 338 -48.71 -3.75 22.51
C GLU B 338 -48.84 -2.39 23.13
N LYS B 339 -47.75 -2.00 23.80
CA LYS B 339 -47.74 -0.76 24.56
C LYS B 339 -47.81 0.45 23.68
N CYS B 340 -47.21 0.33 22.50
CA CYS B 340 -47.16 1.42 21.54
CA CYS B 340 -47.16 1.41 21.57
C CYS B 340 -48.13 1.08 20.42
N GLU B 341 -49.31 1.68 20.43
CA GLU B 341 -50.38 1.31 19.54
C GLU B 341 -50.25 1.94 18.16
N ASN B 342 -49.46 3.01 18.10
CA ASN B 342 -49.11 3.61 16.84
C ASN B 342 -47.74 4.24 16.94
N THR B 343 -47.21 4.72 15.81
CA THR B 343 -45.88 5.31 15.78
C THR B 343 -45.87 6.84 15.90
N THR B 344 -47.10 7.37 16.13
CA THR B 344 -47.39 8.83 16.06
C THR B 344 -46.92 9.47 14.79
N GLY B 345 -47.21 8.72 13.74
CA GLY B 345 -47.07 9.06 12.34
C GLY B 345 -45.60 8.97 11.90
N VAL B 346 -44.71 8.44 12.73
CA VAL B 346 -43.32 8.18 12.31
C VAL B 346 -43.36 7.04 11.26
N ILE B 347 -42.56 7.17 10.20
CA ILE B 347 -42.40 6.10 9.21
C ILE B 347 -40.89 5.91 9.13
N PHE B 348 -40.50 4.66 9.10
CA PHE B 348 -39.08 4.25 8.96
C PHE B 348 -39.02 3.43 7.67
N VAL B 349 -38.32 3.95 6.68
CA VAL B 349 -38.11 3.21 5.47
C VAL B 349 -36.81 2.36 5.67
N PRO B 350 -36.94 1.02 5.95
CA PRO B 350 -35.81 0.27 6.43
C PRO B 350 -35.02 -0.24 5.21
N ALA B 351 -34.04 0.58 4.79
CA ALA B 351 -33.35 0.42 3.46
C ALA B 351 -31.89 0.57 3.70
N PHE B 352 -31.41 -0.04 4.81
CA PHE B 352 -30.00 0.01 5.17
C PHE B 352 -29.06 -0.44 4.02
N SER B 353 -29.48 -1.48 3.33
CA SER B 353 -28.76 -1.99 2.14
C SER B 353 -29.56 -1.77 0.85
N GLY B 354 -30.35 -0.73 0.77
CA GLY B 354 -31.15 -0.43 -0.40
C GLY B 354 -32.52 -1.08 -0.24
N LEU B 355 -33.37 -0.87 -1.22
CA LEU B 355 -34.61 -1.65 -1.24
C LEU B 355 -34.42 -2.79 -2.24
N TYR B 356 -34.90 -3.97 -1.85
CA TYR B 356 -34.86 -5.20 -2.66
C TYR B 356 -36.25 -5.26 -3.38
N ALA B 357 -37.00 -6.41 -3.28
CA ALA B 357 -38.22 -6.53 -4.08
C ALA B 357 -39.34 -5.64 -3.52
N PRO B 358 -40.14 -5.07 -4.42
CA PRO B 358 -40.14 -5.16 -5.89
C PRO B 358 -39.49 -3.91 -6.62
N ARG B 359 -39.15 -2.86 -5.87
CA ARG B 359 -38.58 -1.63 -6.47
C ARG B 359 -37.14 -1.72 -6.94
N TRP B 360 -36.30 -2.49 -6.21
CA TRP B 360 -34.88 -2.74 -6.53
C TRP B 360 -34.15 -1.40 -6.76
N ARG B 361 -34.04 -0.66 -5.71
CA ARG B 361 -33.42 0.64 -5.65
C ARG B 361 -32.22 0.59 -4.69
N SER B 362 -31.06 0.39 -5.32
CA SER B 362 -29.83 0.21 -4.55
C SER B 362 -29.31 1.55 -3.93
N ASP B 363 -29.80 2.66 -4.48
CA ASP B 363 -29.57 4.03 -4.03
C ASP B 363 -30.38 4.43 -2.79
N ALA B 364 -31.41 3.67 -2.45
CA ALA B 364 -32.15 3.91 -1.25
C ALA B 364 -31.28 3.75 0.00
N ARG B 365 -31.52 4.61 1.01
CA ARG B 365 -30.86 4.41 2.33
C ARG B 365 -31.92 4.47 3.43
N ALA B 366 -31.61 3.87 4.57
CA ALA B 366 -32.57 3.86 5.67
C ALA B 366 -32.83 5.31 6.14
N SER B 367 -34.10 5.58 6.38
CA SER B 367 -34.57 6.98 6.59
C SER B 367 -35.76 6.92 7.55
N ILE B 368 -35.76 7.87 8.45
CA ILE B 368 -36.88 8.07 9.40
C ILE B 368 -37.50 9.43 9.26
N TYR B 369 -38.85 9.46 9.28
CA TYR B 369 -39.65 10.62 9.04
C TYR B 369 -40.66 10.81 10.16
N GLY B 370 -41.01 12.09 10.37
CA GLY B 370 -42.18 12.44 11.17
C GLY B 370 -42.04 12.52 12.68
N MET B 371 -40.80 12.66 13.11
CA MET B 371 -40.51 12.71 14.53
C MET B 371 -40.73 14.10 15.19
N THR B 372 -41.25 14.03 16.41
CA THR B 372 -41.51 15.16 17.25
C THR B 372 -40.80 14.92 18.62
N PHE B 373 -40.85 15.89 19.56
CA PHE B 373 -40.23 15.69 20.87
C PHE B 373 -40.92 14.56 21.65
N ASN B 374 -42.20 14.31 21.31
CA ASN B 374 -42.96 13.20 21.88
C ASN B 374 -42.45 11.82 21.45
N THR B 375 -41.79 11.77 20.30
CA THR B 375 -41.30 10.47 19.74
C THR B 375 -40.25 9.84 20.68
N GLU B 376 -40.45 8.55 20.94
CA GLU B 376 -39.54 7.77 21.78
C GLU B 376 -38.95 6.65 20.98
N ARG B 377 -37.96 6.01 21.57
CA ARG B 377 -37.36 4.80 20.95
C ARG B 377 -38.39 3.81 20.54
N SER B 378 -39.41 3.59 21.38
CA SER B 378 -40.45 2.60 21.10
C SER B 378 -41.15 2.87 19.77
N HIS B 379 -41.45 4.12 19.49
CA HIS B 379 -42.14 4.47 18.24
C HIS B 379 -41.24 4.19 17.05
N ILE B 380 -39.94 4.49 17.20
CA ILE B 380 -38.97 4.22 16.09
C ILE B 380 -38.84 2.73 15.81
N VAL B 381 -38.68 1.95 16.87
CA VAL B 381 -38.70 0.47 16.78
C VAL B 381 -40.00 -0.09 16.09
N ARG B 382 -41.14 0.38 16.54
CA ARG B 382 -42.40 0.02 15.92
C ARG B 382 -42.47 0.38 14.43
N ALA B 383 -41.95 1.58 14.08
CA ALA B 383 -42.01 2.03 12.72
C ALA B 383 -41.14 1.11 11.86
N LEU B 384 -39.99 0.66 12.37
CA LEU B 384 -39.14 -0.29 11.61
C LEU B 384 -39.97 -1.55 11.30
N LEU B 385 -40.66 -2.03 12.33
CA LEU B 385 -41.47 -3.30 12.16
C LEU B 385 -42.64 -3.09 11.21
N GLU B 386 -43.32 -1.94 11.31
CA GLU B 386 -44.33 -1.62 10.43
C GLU B 386 -43.77 -1.58 8.98
N GLY B 387 -42.57 -1.00 8.78
CA GLY B 387 -41.95 -1.00 7.43
C GLY B 387 -41.71 -2.36 6.83
N ILE B 388 -41.53 -3.38 7.64
CA ILE B 388 -41.49 -4.73 7.11
C ILE B 388 -42.84 -5.09 6.43
N ALA B 389 -43.95 -4.88 7.14
CA ALA B 389 -45.24 -5.12 6.61
C ALA B 389 -45.56 -4.36 5.36
N PHE B 390 -45.19 -3.06 5.30
CA PHE B 390 -45.50 -2.30 4.11
C PHE B 390 -44.73 -2.84 2.90
N GLN B 391 -43.48 -3.26 3.15
CA GLN B 391 -42.65 -3.84 2.04
C GLN B 391 -43.27 -5.16 1.54
N LEU B 392 -43.75 -5.94 2.51
CA LEU B 392 -44.36 -7.25 2.23
C LEU B 392 -45.60 -7.03 1.39
N ASN B 393 -46.37 -5.97 1.67
CA ASN B 393 -47.62 -5.68 0.96
C ASN B 393 -47.32 -5.38 -0.52
N GLU B 394 -46.21 -4.62 -0.76
CA GLU B 394 -45.74 -4.40 -2.16
C GLU B 394 -45.41 -5.66 -2.87
N ILE B 395 -44.77 -6.61 -2.18
CA ILE B 395 -44.46 -7.88 -2.78
C ILE B 395 -45.75 -8.69 -3.10
N VAL B 396 -46.71 -8.72 -2.17
CA VAL B 396 -47.94 -9.43 -2.39
C VAL B 396 -48.68 -8.83 -3.58
N ASP B 397 -48.66 -7.51 -3.70
CA ASP B 397 -49.26 -6.91 -4.92
C ASP B 397 -48.60 -7.35 -6.25
N SER B 398 -47.28 -7.42 -6.29
CA SER B 398 -46.56 -7.95 -7.44
C SER B 398 -46.92 -9.44 -7.73
N LEU B 399 -46.99 -10.22 -6.66
CA LEU B 399 -47.26 -11.67 -6.74
C LEU B 399 -48.62 -11.87 -7.40
N THR B 400 -49.64 -11.15 -6.91
CA THR B 400 -51.00 -11.39 -7.44
C THR B 400 -51.02 -10.93 -8.89
N SER B 401 -50.37 -9.84 -9.22
CA SER B 401 -50.24 -9.44 -10.67
C SER B 401 -49.57 -10.50 -11.55
N ASP B 402 -48.41 -10.97 -11.14
CA ASP B 402 -47.67 -12.00 -11.86
C ASP B 402 -48.41 -13.32 -11.97
N MET B 403 -49.18 -13.66 -10.93
CA MET B 403 -49.87 -14.96 -10.92
C MET B 403 -51.26 -14.87 -11.54
N GLY B 404 -51.75 -13.67 -11.81
CA GLY B 404 -53.04 -13.47 -12.53
C GLY B 404 -54.19 -13.83 -11.59
N ILE B 405 -54.02 -13.56 -10.31
CA ILE B 405 -55.03 -13.80 -9.24
C ILE B 405 -55.41 -12.47 -8.53
N GLU B 406 -56.54 -12.49 -7.85
CA GLU B 406 -57.05 -11.38 -7.11
C GLU B 406 -56.48 -11.34 -5.72
N MET B 407 -56.32 -12.50 -5.11
CA MET B 407 -55.86 -12.63 -3.76
C MET B 407 -55.14 -13.97 -3.59
N LEU B 408 -54.30 -14.03 -2.54
CA LEU B 408 -53.80 -15.30 -2.06
C LEU B 408 -54.79 -15.90 -1.00
N HIS B 409 -55.13 -17.20 -1.13
CA HIS B 409 -56.06 -17.85 -0.11
C HIS B 409 -55.49 -17.81 1.30
N VAL B 410 -54.21 -18.20 1.43
CA VAL B 410 -53.55 -18.11 2.69
C VAL B 410 -52.05 -17.87 2.43
N LEU B 411 -51.39 -17.18 3.35
CA LEU B 411 -49.93 -17.12 3.34
C LEU B 411 -49.46 -17.87 4.57
N ARG B 412 -48.67 -18.92 4.39
CA ARG B 412 -48.06 -19.67 5.50
C ARG B 412 -46.80 -18.92 5.97
N CYS B 413 -46.72 -18.59 7.24
CA CYS B 413 -45.60 -17.84 7.79
C CYS B 413 -44.85 -18.62 8.87
N ASP B 414 -43.54 -18.37 8.95
CA ASP B 414 -42.69 -18.88 9.98
C ASP B 414 -41.60 -17.91 10.36
N GLY B 415 -40.99 -18.14 11.48
CA GLY B 415 -39.92 -17.30 12.03
C GLY B 415 -40.20 -16.75 13.39
N GLY B 416 -39.16 -16.39 14.11
CA GLY B 416 -39.40 -15.90 15.49
C GLY B 416 -40.43 -14.76 15.58
N MET B 417 -40.41 -13.82 14.61
CA MET B 417 -41.36 -12.71 14.66
C MET B 417 -42.88 -13.13 14.59
N THR B 418 -43.15 -14.34 14.09
CA THR B 418 -44.55 -14.77 13.89
C THR B 418 -45.21 -15.13 15.21
N LYS B 419 -44.42 -15.16 16.29
CA LYS B 419 -44.96 -15.32 17.64
C LYS B 419 -45.48 -14.00 18.24
N ASN B 420 -45.16 -12.86 17.59
CA ASN B 420 -45.57 -11.54 17.99
C ASN B 420 -46.93 -11.29 17.42
N LYS B 421 -47.99 -11.44 18.24
CA LYS B 421 -49.37 -11.25 17.75
C LYS B 421 -49.67 -9.87 17.14
N PRO B 422 -49.31 -8.80 17.87
CA PRO B 422 -49.62 -7.49 17.27
C PRO B 422 -48.85 -7.27 15.97
N PHE B 423 -47.61 -7.71 15.89
CA PHE B 423 -46.87 -7.68 14.61
C PHE B 423 -47.55 -8.47 13.49
N MET B 424 -47.93 -9.70 13.73
CA MET B 424 -48.60 -10.52 12.72
C MET B 424 -49.94 -9.97 12.35
N GLN B 425 -50.68 -9.43 13.32
CA GLN B 425 -51.94 -8.80 13.09
C GLN B 425 -51.76 -7.59 12.12
N PHE B 426 -50.76 -6.77 12.38
CA PHE B 426 -50.51 -5.65 11.50
C PHE B 426 -50.10 -6.11 10.09
N ASN B 427 -49.33 -7.21 10.00
CA ASN B 427 -48.99 -7.74 8.66
C ASN B 427 -50.26 -8.17 7.95
N SER B 428 -51.11 -8.97 8.64
CA SER B 428 -52.40 -9.42 8.01
C SER B 428 -53.28 -8.25 7.55
N ASP B 429 -53.38 -7.25 8.43
CA ASP B 429 -54.13 -6.01 8.14
C ASP B 429 -53.59 -5.32 6.85
N ILE B 430 -52.29 -5.07 6.87
CA ILE B 430 -51.66 -4.26 5.78
C ILE B 430 -51.62 -5.03 4.45
N ILE B 431 -51.30 -6.33 4.51
CA ILE B 431 -51.24 -7.16 3.30
C ILE B 431 -52.58 -7.68 2.87
N ASN B 432 -53.60 -7.46 3.70
CA ASN B 432 -54.99 -7.92 3.52
C ASN B 432 -55.08 -9.42 3.09
N THR B 433 -54.34 -10.25 3.81
CA THR B 433 -54.24 -11.70 3.49
C THR B 433 -54.30 -12.50 4.78
N LYS B 434 -55.07 -13.60 4.76
CA LYS B 434 -55.01 -14.56 5.85
C LYS B 434 -53.64 -15.15 6.02
N ILE B 435 -53.18 -15.17 7.25
CA ILE B 435 -51.89 -15.73 7.60
C ILE B 435 -52.10 -16.92 8.54
N GLU B 436 -51.49 -18.00 8.17
CA GLU B 436 -51.37 -19.17 8.98
C GLU B 436 -49.95 -19.36 9.44
N VAL B 437 -49.76 -19.42 10.75
CA VAL B 437 -48.45 -19.60 11.33
C VAL B 437 -48.09 -21.08 11.58
N SER B 438 -46.94 -21.54 11.06
CA SER B 438 -46.50 -22.87 11.23
C SER B 438 -46.41 -23.22 12.67
N LYS B 439 -46.78 -24.47 12.95
CA LYS B 439 -46.57 -25.06 14.28
C LYS B 439 -45.05 -25.14 14.57
N TYR B 440 -44.32 -25.63 13.56
CA TYR B 440 -42.86 -25.88 13.73
C TYR B 440 -42.12 -24.51 13.81
N LYS B 441 -41.25 -24.23 14.75
CA LYS B 441 -40.57 -22.89 14.73
C LYS B 441 -39.40 -22.60 13.61
N GLU B 442 -38.54 -23.58 13.53
CA GLU B 442 -37.30 -23.55 12.75
C GLU B 442 -37.56 -24.36 11.48
N VAL B 443 -38.51 -23.91 10.69
CA VAL B 443 -38.89 -24.66 9.45
C VAL B 443 -37.73 -24.77 8.44
N THR B 444 -36.80 -23.80 8.45
CA THR B 444 -35.61 -23.92 7.58
C THR B 444 -34.82 -25.22 7.90
N SER B 445 -34.45 -25.47 9.16
CA SER B 445 -33.72 -26.66 9.48
C SER B 445 -34.57 -27.91 9.26
N LEU B 446 -35.89 -27.79 9.44
CA LEU B 446 -36.81 -28.92 9.22
C LEU B 446 -36.79 -29.36 7.76
N GLY B 447 -36.80 -28.41 6.80
CA GLY B 447 -36.72 -28.84 5.40
C GLY B 447 -35.43 -29.59 5.04
N ALA B 448 -34.30 -29.19 5.61
CA ALA B 448 -33.06 -29.82 5.29
C ALA B 448 -33.03 -31.25 5.89
N ALA B 449 -33.63 -31.44 7.09
CA ALA B 449 -33.71 -32.75 7.71
C ALA B 449 -34.55 -33.67 6.82
N VAL B 450 -35.65 -33.13 6.31
CA VAL B 450 -36.55 -33.87 5.41
C VAL B 450 -35.77 -34.37 4.18
N LEU B 451 -35.08 -33.44 3.51
CA LEU B 451 -34.30 -33.81 2.30
C LEU B 451 -33.28 -34.90 2.62
N ALA B 452 -32.51 -34.68 3.70
CA ALA B 452 -31.42 -35.59 4.08
C ALA B 452 -32.01 -36.98 4.38
N GLY B 453 -33.12 -37.00 5.13
CA GLY B 453 -33.76 -38.26 5.49
C GLY B 453 -34.38 -38.99 4.34
N LEU B 454 -34.95 -38.24 3.45
CA LEU B 454 -35.52 -38.84 2.21
C LEU B 454 -34.49 -39.56 1.36
N GLU B 455 -33.33 -38.98 1.31
CA GLU B 455 -32.23 -39.47 0.45
C GLU B 455 -31.71 -40.85 0.98
N VAL B 456 -31.72 -41.03 2.29
CA VAL B 456 -31.30 -42.30 2.93
C VAL B 456 -32.47 -43.24 3.32
N LYS B 457 -33.67 -42.85 2.90
CA LYS B 457 -34.90 -43.67 3.01
C LYS B 457 -35.35 -43.83 4.42
N ILE B 458 -35.28 -42.76 5.22
CA ILE B 458 -35.77 -42.87 6.62
C ILE B 458 -37.31 -43.07 6.62
N TRP B 459 -37.95 -42.40 5.69
CA TRP B 459 -39.35 -42.51 5.36
C TRP B 459 -39.37 -42.89 3.84
N ASP B 460 -40.44 -43.56 3.49
CA ASP B 460 -40.70 -43.96 2.07
C ASP B 460 -40.67 -42.83 1.01
N SER B 461 -41.42 -41.79 1.33
CA SER B 461 -41.50 -40.68 0.41
C SER B 461 -42.06 -39.50 1.12
N LEU B 462 -42.13 -38.41 0.36
CA LEU B 462 -42.56 -37.15 0.87
C LEU B 462 -43.94 -37.31 1.45
N ASP B 463 -44.79 -38.23 0.96
CA ASP B 463 -46.19 -38.22 1.43
C ASP B 463 -46.33 -38.74 2.83
N SER B 464 -45.37 -39.53 3.28
CA SER B 464 -45.33 -39.98 4.68
C SER B 464 -45.08 -38.81 5.66
N VAL B 465 -44.52 -37.67 5.20
CA VAL B 465 -44.23 -36.54 6.11
C VAL B 465 -45.09 -35.25 5.96
N LYS B 466 -45.74 -35.08 4.82
CA LYS B 466 -46.53 -33.87 4.51
C LYS B 466 -47.59 -33.45 5.57
N SER B 467 -48.43 -34.39 6.06
CA SER B 467 -49.42 -34.01 7.09
C SER B 467 -48.77 -33.45 8.37
N LEU B 468 -47.70 -34.12 8.89
CA LEU B 468 -46.80 -33.54 9.93
C LEU B 468 -46.40 -32.12 9.66
N LEU B 469 -45.79 -31.93 8.50
CA LEU B 469 -45.35 -30.63 8.12
C LEU B 469 -46.51 -29.59 8.12
N ARG B 470 -47.67 -29.94 7.60
CA ARG B 470 -48.71 -28.89 7.36
C ARG B 470 -49.34 -28.19 8.59
N ARG B 471 -48.94 -28.60 9.80
CA ARG B 471 -49.58 -28.14 11.00
C ARG B 471 -49.35 -26.69 11.27
N SER B 472 -50.38 -26.07 11.90
CA SER B 472 -50.37 -24.67 12.21
C SER B 472 -50.91 -24.45 13.60
N ASP B 473 -50.39 -23.43 14.27
CA ASP B 473 -50.84 -23.07 15.58
C ASP B 473 -51.50 -21.70 15.80
N ALA B 474 -51.56 -20.80 14.79
CA ALA B 474 -52.23 -19.53 14.96
C ALA B 474 -52.60 -19.13 13.52
N VAL B 475 -53.66 -18.36 13.46
CA VAL B 475 -54.17 -17.79 12.22
CA VAL B 475 -54.21 -17.81 12.23
C VAL B 475 -54.52 -16.33 12.50
N PHE B 476 -54.20 -15.49 11.52
CA PHE B 476 -54.50 -14.09 11.55
C PHE B 476 -55.36 -13.74 10.33
N HIS B 477 -56.38 -12.94 10.55
CA HIS B 477 -57.22 -12.37 9.50
C HIS B 477 -57.14 -10.84 9.64
N SER B 478 -57.38 -10.13 8.58
CA SER B 478 -57.38 -8.68 8.67
C SER B 478 -58.56 -8.16 9.50
N LYS B 479 -58.26 -7.20 10.38
CA LYS B 479 -59.29 -6.54 11.20
C LYS B 479 -59.35 -5.04 10.87
N MET B 480 -58.73 -4.64 9.75
CA MET B 480 -58.46 -3.27 9.48
C MET B 480 -59.39 -2.87 8.36
N ASP B 481 -60.05 -1.71 8.52
CA ASP B 481 -60.92 -1.12 7.53
C ASP B 481 -60.16 -0.77 6.23
N ASP B 482 -60.82 -0.81 5.06
CA ASP B 482 -60.11 -0.45 3.86
C ASP B 482 -59.66 1.00 3.84
N LYS B 483 -60.44 1.89 4.45
CA LYS B 483 -60.06 3.31 4.51
C LYS B 483 -58.78 3.55 5.28
N LYS B 484 -58.66 2.90 6.40
CA LYS B 484 -57.51 3.02 7.23
C LYS B 484 -56.29 2.43 6.53
N ARG B 485 -56.49 1.28 5.90
CA ARG B 485 -55.37 0.61 5.22
C ARG B 485 -54.86 1.55 4.10
N LYS B 486 -55.77 2.13 3.33
CA LYS B 486 -55.40 2.99 2.23
C LYS B 486 -54.70 4.22 2.76
N LYS B 487 -55.16 4.79 3.87
CA LYS B 487 -54.46 5.94 4.48
C LYS B 487 -53.06 5.56 4.93
N LYS B 488 -52.92 4.41 5.58
CA LYS B 488 -51.59 4.02 6.06
C LYS B 488 -50.63 3.73 4.91
N THR B 489 -51.12 3.05 3.91
CA THR B 489 -50.29 2.73 2.71
C THR B 489 -49.94 3.96 1.92
N SER B 490 -50.79 4.95 1.95
CA SER B 490 -50.50 6.25 1.29
C SER B 490 -49.40 6.97 2.08
N GLU B 491 -49.41 6.91 3.40
CA GLU B 491 -48.37 7.44 4.23
C GLU B 491 -47.00 6.79 4.00
N TRP B 492 -47.01 5.46 3.97
CA TRP B 492 -45.79 4.71 3.56
C TRP B 492 -45.26 5.14 2.19
N ASN B 493 -46.15 5.18 1.23
CA ASN B 493 -45.79 5.46 -0.15
C ASN B 493 -45.17 6.85 -0.30
N LYS B 494 -45.72 7.82 0.40
CA LYS B 494 -45.14 9.22 0.40
C LYS B 494 -43.73 9.26 1.02
N ALA B 495 -43.52 8.49 2.11
CA ALA B 495 -42.20 8.33 2.73
C ALA B 495 -41.20 7.68 1.78
N VAL B 496 -41.59 6.63 1.10
CA VAL B 496 -40.77 5.98 0.07
C VAL B 496 -40.42 6.99 -1.01
N GLU B 497 -41.40 7.73 -1.44
CA GLU B 497 -41.18 8.69 -2.46
C GLU B 497 -40.17 9.71 -2.03
N ARG B 498 -40.24 10.21 -0.77
CA ARG B 498 -39.30 11.20 -0.23
C ARG B 498 -37.89 10.58 -0.26
N THR B 499 -37.80 9.29 0.04
CA THR B 499 -36.54 8.61 0.19
C THR B 499 -35.88 8.40 -1.19
N LEU B 500 -36.69 8.25 -2.21
CA LEU B 500 -36.22 7.87 -3.56
C LEU B 500 -36.09 9.03 -4.57
N ILE B 501 -36.73 10.16 -4.28
CA ILE B 501 -36.86 11.25 -5.25
C ILE B 501 -35.45 11.72 -5.63
N GLN B 502 -35.25 11.92 -6.94
CA GLN B 502 -33.95 12.38 -7.43
C GLN B 502 -33.95 13.89 -7.45
N LEU B 503 -32.97 14.44 -6.73
CA LEU B 503 -32.88 15.92 -6.47
C LEU B 503 -31.54 16.56 -6.97
N SER C 2 65.11 -23.42 -55.50
CA SER C 2 64.82 -24.66 -54.72
C SER C 2 65.14 -24.49 -53.30
N MET C 3 64.14 -24.81 -52.49
CA MET C 3 64.11 -24.31 -51.16
C MET C 3 63.97 -25.49 -50.18
N ASN C 4 64.94 -25.64 -49.27
CA ASN C 4 64.77 -26.61 -48.19
C ASN C 4 64.03 -25.92 -47.04
N VAL C 5 63.06 -26.68 -46.49
CA VAL C 5 62.37 -26.19 -45.31
C VAL C 5 62.13 -27.24 -44.25
N ILE C 6 61.92 -26.74 -43.05
CA ILE C 6 61.58 -27.52 -41.85
C ILE C 6 60.12 -27.12 -41.52
N LEU C 7 59.25 -28.12 -41.40
CA LEU C 7 57.85 -27.81 -40.91
C LEU C 7 57.84 -27.93 -39.39
N SER C 8 57.42 -26.85 -38.71
CA SER C 8 57.25 -26.89 -37.26
C SER C 8 55.74 -26.72 -36.98
N ILE C 9 55.10 -27.73 -36.34
CA ILE C 9 53.69 -27.65 -36.04
C ILE C 9 53.60 -27.27 -34.54
N ASP C 10 52.84 -26.20 -34.22
CA ASP C 10 52.56 -25.83 -32.82
C ASP C 10 51.03 -25.92 -32.62
N GLN C 11 50.58 -27.01 -32.07
CA GLN C 11 49.20 -27.28 -31.81
C GLN C 11 48.93 -26.68 -30.42
N SER C 12 48.52 -25.43 -30.43
CA SER C 12 48.40 -24.64 -29.22
C SER C 12 47.00 -24.72 -28.64
N THR C 13 46.82 -24.08 -27.49
CA THR C 13 45.49 -24.21 -26.78
C THR C 13 44.37 -23.64 -27.63
N GLN C 14 44.54 -22.43 -28.16
CA GLN C 14 43.45 -21.72 -28.88
C GLN C 14 43.41 -21.90 -30.40
N SER C 15 44.57 -22.32 -30.96
CA SER C 15 44.73 -22.46 -32.40
C SER C 15 45.88 -23.42 -32.70
N THR C 16 45.89 -23.86 -33.95
CA THR C 16 46.93 -24.70 -34.51
C THR C 16 47.68 -23.78 -35.47
N LYS C 17 48.99 -23.83 -35.34
CA LYS C 17 49.94 -22.98 -36.10
C LYS C 17 50.89 -23.95 -36.87
N VAL C 18 51.14 -23.55 -38.11
CA VAL C 18 52.21 -24.17 -38.93
C VAL C 18 53.22 -23.10 -39.34
N PHE C 19 54.50 -23.47 -39.20
CA PHE C 19 55.65 -22.63 -39.52
C PHE C 19 56.55 -23.39 -40.40
N PHE C 20 56.86 -22.81 -41.54
CA PHE C 20 57.92 -23.35 -42.43
C PHE C 20 59.14 -22.46 -42.25
N TYR C 21 60.19 -23.06 -41.77
CA TYR C 21 61.46 -22.42 -41.56
C TYR C 21 62.47 -22.81 -42.63
N ASP C 22 63.20 -21.82 -43.11
CA ASP C 22 64.35 -22.14 -43.98
C ASP C 22 65.48 -22.62 -43.03
N GLU C 23 66.64 -23.02 -43.57
CA GLU C 23 67.70 -23.57 -42.77
C GLU C 23 68.55 -22.59 -42.01
N GLU C 24 68.25 -21.28 -42.19
CA GLU C 24 68.76 -20.20 -41.34
C GLU C 24 67.74 -19.72 -40.33
N LEU C 25 66.68 -20.54 -40.18
CA LEU C 25 65.66 -20.32 -39.16
C LEU C 25 64.90 -19.00 -39.36
N ASN C 26 64.79 -18.62 -40.61
CA ASN C 26 63.82 -17.58 -41.04
C ASN C 26 62.46 -18.25 -41.39
N ILE C 27 61.37 -17.67 -40.93
CA ILE C 27 60.09 -18.11 -41.36
C ILE C 27 59.81 -17.74 -42.80
N VAL C 28 59.61 -18.73 -43.64
CA VAL C 28 59.21 -18.51 -45.03
C VAL C 28 57.72 -18.62 -45.31
N HIS C 29 56.94 -19.27 -44.43
CA HIS C 29 55.50 -19.22 -44.51
C HIS C 29 54.98 -19.63 -43.13
N SER C 30 53.84 -19.05 -42.74
CA SER C 30 53.20 -19.49 -41.49
C SER C 30 51.68 -19.19 -41.60
N ASN C 31 50.88 -19.91 -40.84
CA ASN C 31 49.43 -19.62 -40.80
C ASN C 31 48.90 -20.36 -39.58
N ASN C 32 47.64 -20.08 -39.29
CA ASN C 32 46.95 -20.70 -38.14
C ASN C 32 45.45 -20.70 -38.31
N LEU C 33 44.82 -21.59 -37.58
CA LEU C 33 43.40 -21.72 -37.53
C LEU C 33 43.04 -21.94 -36.11
N ASN C 34 42.04 -21.17 -35.66
CA ASN C 34 41.47 -21.42 -34.34
C ASN C 34 40.62 -22.67 -34.35
N HIS C 35 40.42 -23.24 -33.14
CA HIS C 35 39.47 -24.32 -32.97
C HIS C 35 38.64 -23.93 -31.69
N GLU C 36 37.45 -24.52 -31.58
CA GLU C 36 36.49 -24.15 -30.54
C GLU C 36 37.04 -24.45 -29.17
N GLN C 37 36.90 -23.47 -28.26
CA GLN C 37 37.22 -23.69 -26.84
C GLN C 37 35.85 -23.97 -26.19
N LYS C 38 35.56 -25.23 -25.96
CA LYS C 38 34.26 -25.61 -25.45
C LYS C 38 34.24 -25.54 -23.91
N CYS C 39 33.43 -24.62 -23.39
CA CYS C 39 33.25 -24.44 -21.92
C CYS C 39 31.76 -24.50 -21.61
N LEU C 40 31.27 -25.76 -21.62
CA LEU C 40 29.84 -26.24 -21.54
CA LEU C 40 29.85 -25.86 -21.64
C LEU C 40 29.20 -25.90 -20.20
N LYS C 41 30.02 -26.06 -19.16
CA LYS C 41 29.57 -26.02 -17.79
C LYS C 41 30.69 -25.38 -16.97
N PRO C 42 30.37 -24.82 -15.77
CA PRO C 42 31.47 -24.25 -14.97
C PRO C 42 32.57 -25.27 -14.70
N GLY C 43 33.77 -24.90 -15.13
CA GLY C 43 34.93 -25.77 -14.88
C GLY C 43 35.26 -26.71 -16.04
N TRP C 44 34.35 -26.90 -17.03
CA TRP C 44 34.64 -27.83 -18.11
C TRP C 44 35.35 -27.04 -19.21
N TYR C 45 36.34 -27.68 -19.84
CA TYR C 45 37.10 -27.09 -20.93
C TYR C 45 37.56 -28.25 -21.81
N GLU C 46 36.97 -28.27 -23.02
CA GLU C 46 37.24 -29.30 -23.99
C GLU C 46 37.60 -28.76 -25.41
N HIS C 47 38.30 -29.61 -26.15
CA HIS C 47 38.55 -29.37 -27.59
C HIS C 47 37.99 -30.59 -28.36
N ASP C 48 37.62 -30.39 -29.61
CA ASP C 48 37.24 -31.44 -30.54
C ASP C 48 38.52 -31.94 -31.22
N PRO C 49 38.94 -33.18 -30.96
CA PRO C 49 40.21 -33.64 -31.55
C PRO C 49 40.24 -33.78 -33.06
N ILE C 50 39.08 -34.03 -33.66
CA ILE C 50 38.97 -34.16 -35.07
C ILE C 50 39.04 -32.78 -35.71
N GLU C 51 38.46 -31.77 -35.06
CA GLU C 51 38.58 -30.40 -35.57
C GLU C 51 40.04 -30.01 -35.60
N ILE C 52 40.78 -30.28 -34.52
CA ILE C 52 42.18 -29.99 -34.56
C ILE C 52 42.89 -30.66 -35.76
N MET C 53 42.69 -31.96 -35.94
CA MET C 53 43.35 -32.62 -37.06
C MET C 53 42.97 -32.02 -38.42
N THR C 54 41.67 -31.81 -38.62
CA THR C 54 41.22 -31.24 -39.88
C THR C 54 41.93 -29.91 -40.14
N ASN C 55 41.97 -29.08 -39.12
CA ASN C 55 42.64 -27.77 -39.24
C ASN C 55 44.12 -27.95 -39.58
N LEU C 56 44.79 -28.89 -38.92
CA LEU C 56 46.16 -29.19 -39.20
C LEU C 56 46.37 -29.55 -40.62
N TYR C 57 45.57 -30.53 -41.12
CA TYR C 57 45.74 -31.03 -42.52
C TYR C 57 45.60 -29.88 -43.50
N ASN C 58 44.58 -29.06 -43.25
CA ASN C 58 44.29 -27.92 -44.13
C ASN C 58 45.46 -26.92 -44.15
N LEU C 59 46.07 -26.69 -42.99
CA LEU C 59 47.13 -25.71 -42.87
C LEU C 59 48.41 -26.25 -43.57
N MET C 60 48.71 -27.55 -43.36
CA MET C 60 49.85 -28.24 -44.00
C MET C 60 49.68 -28.18 -45.55
N ASN C 61 48.48 -28.43 -46.05
CA ASN C 61 48.24 -28.48 -47.49
C ASN C 61 48.30 -27.10 -48.13
N GLU C 62 47.74 -26.11 -47.45
CA GLU C 62 47.83 -24.69 -47.96
C GLU C 62 49.26 -24.26 -47.97
N GLY C 63 50.04 -24.64 -46.96
CA GLY C 63 51.41 -24.14 -46.79
C GLY C 63 52.31 -24.67 -47.89
N ILE C 64 52.20 -25.93 -48.24
CA ILE C 64 53.05 -26.46 -49.31
C ILE C 64 52.61 -25.85 -50.69
N LYS C 65 51.34 -25.59 -50.85
CA LYS C 65 50.84 -24.95 -52.02
C LYS C 65 51.46 -23.53 -52.22
N VAL C 66 51.45 -22.77 -51.15
CA VAL C 66 51.99 -21.40 -51.14
C VAL C 66 53.49 -21.45 -51.44
N LEU C 67 54.19 -22.36 -50.79
CA LEU C 67 55.62 -22.49 -50.99
C LEU C 67 55.91 -22.90 -52.41
N LYS C 68 55.12 -23.80 -52.96
CA LYS C 68 55.39 -24.33 -54.29
C LYS C 68 55.06 -23.21 -55.29
N ASP C 69 54.10 -22.34 -54.96
CA ASP C 69 53.89 -21.10 -55.68
C ASP C 69 55.10 -20.11 -55.65
N LYS C 70 55.71 -19.81 -54.50
CA LYS C 70 56.91 -18.92 -54.40
C LYS C 70 58.20 -19.55 -54.99
N TYR C 71 58.46 -20.84 -54.75
CA TYR C 71 59.75 -21.44 -55.02
C TYR C 71 59.77 -22.44 -56.14
N THR C 72 60.97 -22.67 -56.66
CA THR C 72 61.06 -23.52 -57.88
C THR C 72 60.88 -25.02 -57.60
N SER C 73 61.46 -25.51 -56.51
CA SER C 73 61.05 -26.80 -55.97
C SER C 73 61.09 -26.54 -54.44
N VAL C 74 60.33 -27.34 -53.66
CA VAL C 74 60.36 -27.31 -52.19
C VAL C 74 60.74 -28.66 -51.67
N ILE C 75 61.75 -28.74 -50.78
CA ILE C 75 62.10 -29.98 -50.07
C ILE C 75 61.76 -29.79 -48.58
N ILE C 76 60.79 -30.57 -48.10
CA ILE C 76 60.47 -30.58 -46.63
C ILE C 76 61.42 -31.60 -46.01
N LYS C 77 62.37 -31.16 -45.23
CA LYS C 77 63.42 -32.01 -44.71
C LYS C 77 62.93 -32.90 -43.57
N CYS C 78 62.08 -32.28 -42.75
CA CYS C 78 61.59 -32.95 -41.53
C CYS C 78 60.46 -32.13 -40.93
N ILE C 79 59.82 -32.75 -39.91
CA ILE C 79 58.69 -32.16 -39.19
C ILE C 79 59.01 -32.21 -37.71
N GLY C 80 58.87 -31.09 -37.00
CA GLY C 80 58.87 -31.07 -35.52
C GLY C 80 57.46 -30.71 -35.02
N ILE C 81 57.11 -31.35 -33.90
CA ILE C 81 55.80 -31.23 -33.30
C ILE C 81 55.95 -30.68 -31.89
N THR C 82 55.14 -29.63 -31.58
CA THR C 82 55.00 -29.16 -30.22
C THR C 82 53.58 -28.82 -29.94
N ASN C 83 53.23 -28.77 -28.67
CA ASN C 83 51.79 -28.81 -28.34
C ASN C 83 51.48 -28.35 -26.95
N GLN C 84 50.28 -27.82 -26.79
CA GLN C 84 49.67 -27.59 -25.50
C GLN C 84 49.79 -28.93 -24.70
N ARG C 85 50.32 -28.83 -23.50
CA ARG C 85 50.60 -29.97 -22.67
C ARG C 85 49.30 -30.36 -21.87
N GLU C 86 49.36 -31.50 -21.15
CA GLU C 86 48.38 -31.98 -20.19
C GLU C 86 47.04 -32.41 -20.81
N THR C 87 46.59 -31.66 -21.77
CA THR C 87 45.37 -31.94 -22.51
C THR C 87 45.46 -33.41 -22.96
N VAL C 88 44.35 -34.13 -22.77
CA VAL C 88 44.36 -35.61 -22.93
C VAL C 88 43.15 -36.04 -23.78
N ILE C 89 43.45 -37.01 -24.62
CA ILE C 89 42.43 -37.69 -25.49
C ILE C 89 42.67 -39.22 -25.27
N ILE C 90 41.55 -39.93 -25.19
CA ILE C 90 41.55 -41.41 -25.16
C ILE C 90 40.78 -41.82 -26.45
N TRP C 91 41.44 -42.64 -27.25
CA TRP C 91 40.86 -43.05 -28.51
C TRP C 91 40.98 -44.56 -28.75
N ASP C 92 40.21 -45.05 -29.71
CA ASP C 92 40.23 -46.43 -30.14
C ASP C 92 41.51 -46.67 -30.98
N ARG C 93 42.33 -47.66 -30.62
CA ARG C 93 43.56 -47.95 -31.33
CA ARG C 93 43.59 -47.89 -31.35
C ARG C 93 43.40 -48.29 -32.80
N ILE C 94 42.46 -49.18 -33.07
CA ILE C 94 42.32 -49.74 -34.42
C ILE C 94 41.71 -48.76 -35.40
N THR C 95 40.65 -48.05 -35.00
CA THR C 95 40.02 -47.05 -35.86
C THR C 95 40.54 -45.57 -35.74
N GLY C 96 41.18 -45.24 -34.64
CA GLY C 96 41.55 -43.91 -34.33
C GLY C 96 40.44 -42.97 -33.82
N LYS C 97 39.23 -43.50 -33.65
CA LYS C 97 38.06 -42.73 -33.19
C LYS C 97 38.21 -42.31 -31.72
N PRO C 98 38.11 -41.02 -31.42
CA PRO C 98 38.11 -40.55 -30.05
C PRO C 98 36.92 -41.11 -29.30
N LEU C 99 37.14 -41.47 -28.04
CA LEU C 99 36.06 -41.99 -27.23
C LEU C 99 35.38 -40.85 -26.47
N TYR C 100 36.02 -39.66 -26.45
CA TYR C 100 35.52 -38.49 -25.82
C TYR C 100 36.29 -37.32 -26.38
N ASN C 101 35.79 -36.09 -26.20
CA ASN C 101 36.58 -34.89 -26.55
C ASN C 101 37.92 -34.88 -25.84
N ALA C 102 38.85 -34.05 -26.33
CA ALA C 102 40.01 -33.72 -25.51
C ALA C 102 39.49 -32.96 -24.26
N ILE C 103 40.04 -33.30 -23.06
CA ILE C 103 39.86 -32.52 -21.87
C ILE C 103 41.15 -31.72 -21.65
N VAL C 104 40.97 -30.39 -21.71
CA VAL C 104 42.10 -29.45 -21.84
C VAL C 104 42.75 -29.28 -20.47
N TRP C 105 43.99 -28.83 -20.51
CA TRP C 105 44.76 -28.52 -19.26
C TRP C 105 43.98 -27.59 -18.34
N LEU C 106 43.30 -26.62 -18.91
CA LEU C 106 42.48 -25.61 -18.20
C LEU C 106 41.18 -26.14 -17.52
N ASP C 107 40.80 -27.38 -17.85
CA ASP C 107 39.59 -27.98 -17.28
C ASP C 107 39.83 -28.19 -15.78
N THR C 108 38.80 -27.94 -15.01
CA THR C 108 38.88 -28.15 -13.57
C THR C 108 37.76 -28.98 -12.95
N ARG C 109 37.09 -29.80 -13.76
CA ARG C 109 35.97 -30.60 -13.31
C ARG C 109 36.42 -31.60 -12.25
N VAL C 110 37.74 -31.90 -12.23
CA VAL C 110 38.22 -32.91 -11.29
C VAL C 110 38.54 -32.39 -9.91
N GLU C 111 38.18 -31.13 -9.64
CA GLU C 111 38.45 -30.50 -8.32
C GLU C 111 38.03 -31.45 -7.20
N GLU C 112 36.79 -31.94 -7.26
N GLU C 112 36.82 -31.98 -7.24
CA GLU C 112 36.25 -32.81 -6.19
CA GLU C 112 36.37 -32.81 -6.09
C GLU C 112 37.09 -34.11 -5.97
C GLU C 112 37.11 -34.16 -5.93
N LEU C 113 37.48 -34.76 -7.07
CA LEU C 113 38.36 -35.96 -7.11
C LEU C 113 39.68 -35.68 -6.53
N VAL C 114 40.27 -34.53 -6.93
CA VAL C 114 41.58 -34.20 -6.33
C VAL C 114 41.53 -34.00 -4.79
N THR C 115 40.48 -33.33 -4.28
CA THR C 115 40.24 -33.21 -2.85
C THR C 115 40.14 -34.59 -2.20
N GLU C 116 39.43 -35.50 -2.83
CA GLU C 116 39.26 -36.88 -2.29
C GLU C 116 40.55 -37.70 -2.23
N PHE C 117 41.28 -37.71 -3.38
CA PHE C 117 42.48 -38.45 -3.43
C PHE C 117 43.58 -37.84 -2.62
N SER C 118 43.66 -36.50 -2.57
CA SER C 118 44.72 -35.85 -1.78
C SER C 118 44.71 -36.24 -0.30
N ALA C 119 43.53 -36.59 0.21
CA ALA C 119 43.45 -37.02 1.63
C ALA C 119 43.88 -38.44 1.87
N LYS C 120 44.07 -39.18 0.80
CA LYS C 120 44.45 -40.60 0.84
C LYS C 120 45.86 -40.97 0.52
N TYR C 121 46.66 -40.01 0.02
CA TYR C 121 48.05 -40.20 -0.38
C TYR C 121 48.93 -39.09 0.26
N ASN C 122 50.16 -39.45 0.53
CA ASN C 122 51.16 -38.57 1.07
C ASN C 122 51.64 -37.70 -0.15
N ASN C 123 51.34 -36.42 -0.05
CA ASN C 123 51.64 -35.42 -1.20
C ASN C 123 53.15 -35.43 -1.46
N ASN C 124 54.01 -35.57 -0.45
CA ASN C 124 55.47 -35.56 -0.67
C ASN C 124 55.96 -36.79 -1.44
N ASP C 125 55.28 -37.91 -1.25
CA ASP C 125 55.57 -39.09 -1.98
C ASP C 125 55.18 -38.95 -3.44
N ILE C 126 54.03 -38.37 -3.69
CA ILE C 126 53.59 -38.11 -5.08
C ILE C 126 54.61 -37.16 -5.81
N GLN C 127 55.04 -36.15 -5.08
CA GLN C 127 55.95 -35.14 -5.59
C GLN C 127 57.28 -35.74 -5.88
N LYS C 128 57.79 -36.60 -4.99
CA LYS C 128 59.11 -37.25 -5.20
C LYS C 128 59.02 -38.14 -6.45
N LYS C 129 57.90 -38.81 -6.63
CA LYS C 129 57.78 -39.70 -7.76
C LYS C 129 57.71 -38.96 -9.10
N THR C 130 56.81 -37.95 -9.14
CA THR C 130 56.36 -37.34 -10.39
C THR C 130 56.82 -35.94 -10.63
N GLY C 131 57.24 -35.22 -9.60
CA GLY C 131 57.50 -33.81 -9.69
C GLY C 131 56.45 -32.77 -9.33
N THR C 132 55.27 -33.28 -8.97
CA THR C 132 54.13 -32.47 -8.62
C THR C 132 53.27 -33.15 -7.54
N TYR C 133 52.53 -32.29 -6.84
CA TYR C 133 51.38 -32.79 -6.02
C TYR C 133 50.19 -33.04 -6.95
N PHE C 134 49.18 -33.80 -6.47
CA PHE C 134 47.91 -33.89 -7.20
C PHE C 134 47.41 -32.49 -7.46
N ASN C 135 46.84 -32.33 -8.66
CA ASN C 135 46.22 -31.09 -9.06
C ASN C 135 45.19 -31.33 -10.16
N THR C 136 44.50 -30.28 -10.56
CA THR C 136 43.49 -30.38 -11.59
C THR C 136 44.04 -30.24 -13.00
N TYR C 137 45.35 -30.01 -13.05
CA TYR C 137 46.08 -29.43 -14.23
C TYR C 137 46.66 -30.59 -15.11
N PHE C 138 47.40 -31.53 -14.46
CA PHE C 138 47.99 -32.70 -15.13
C PHE C 138 46.99 -33.67 -15.70
N SER C 139 47.42 -34.59 -16.55
CA SER C 139 46.46 -35.42 -17.30
C SER C 139 45.72 -36.42 -16.39
N ALA C 140 46.42 -36.90 -15.36
CA ALA C 140 46.00 -38.16 -14.66
C ALA C 140 44.55 -38.07 -14.13
N PHE C 141 44.21 -36.98 -13.46
CA PHE C 141 42.80 -36.94 -12.91
C PHE C 141 41.74 -36.82 -13.95
N LYS C 142 42.10 -36.24 -15.10
CA LYS C 142 41.19 -36.26 -16.28
C LYS C 142 41.00 -37.66 -16.84
N ILE C 143 42.05 -38.44 -16.85
CA ILE C 143 41.94 -39.77 -17.35
C ILE C 143 41.02 -40.53 -16.36
N LEU C 144 41.32 -40.38 -15.05
CA LEU C 144 40.50 -41.00 -14.03
C LEU C 144 39.01 -40.63 -14.16
N TRP C 145 38.73 -39.39 -14.34
CA TRP C 145 37.38 -38.97 -14.53
C TRP C 145 36.73 -39.68 -15.71
N LEU C 146 37.42 -39.76 -16.84
CA LEU C 146 36.91 -40.45 -18.06
C LEU C 146 36.58 -41.93 -17.76
N ILE C 147 37.45 -42.62 -17.07
CA ILE C 147 37.29 -44.02 -16.68
C ILE C 147 36.09 -44.17 -15.75
N GLN C 148 35.94 -43.27 -14.78
CA GLN C 148 34.85 -43.32 -13.84
C GLN C 148 33.52 -42.98 -14.44
N ASN C 149 33.48 -42.20 -15.52
CA ASN C 149 32.24 -41.70 -16.01
C ASN C 149 31.83 -42.32 -17.35
N ASN C 150 32.65 -43.21 -17.91
CA ASN C 150 32.38 -43.80 -19.23
C ASN C 150 32.85 -45.25 -19.22
N PRO C 151 31.94 -46.19 -19.00
CA PRO C 151 32.38 -47.58 -18.96
C PRO C 151 33.01 -48.06 -20.23
N GLU C 152 32.67 -47.53 -21.41
CA GLU C 152 33.39 -47.91 -22.63
C GLU C 152 34.90 -47.63 -22.56
N ILE C 153 35.20 -46.47 -22.01
CA ILE C 153 36.61 -46.13 -21.78
C ILE C 153 37.30 -47.05 -20.79
N LYS C 154 36.63 -47.28 -19.66
CA LYS C 154 37.15 -48.20 -18.71
C LYS C 154 37.42 -49.58 -19.35
N GLN C 155 36.42 -50.07 -20.07
CA GLN C 155 36.51 -51.41 -20.69
C GLN C 155 37.67 -51.52 -21.70
N LYS C 156 37.82 -50.49 -22.50
CA LYS C 156 38.82 -50.49 -23.57
C LYS C 156 40.22 -50.21 -23.04
N ILE C 157 40.38 -49.52 -21.90
CA ILE C 157 41.70 -49.50 -21.24
C ILE C 157 42.01 -50.90 -20.69
N ASP C 158 41.00 -51.47 -20.02
CA ASP C 158 41.18 -52.81 -19.50
C ASP C 158 41.60 -53.84 -20.57
N ASP C 159 40.96 -53.83 -21.72
CA ASP C 159 41.29 -54.76 -22.77
C ASP C 159 42.39 -54.38 -23.75
N GLY C 160 43.01 -53.23 -23.51
CA GLY C 160 44.08 -52.72 -24.35
C GLY C 160 43.73 -52.24 -25.72
N THR C 161 42.48 -51.94 -25.95
CA THR C 161 42.06 -51.44 -27.27
C THR C 161 41.93 -49.90 -27.37
N ALA C 162 42.26 -49.22 -26.28
CA ALA C 162 42.33 -47.77 -26.24
C ALA C 162 43.82 -47.32 -26.27
N VAL C 163 44.02 -46.06 -26.69
CA VAL C 163 45.29 -45.33 -26.53
C VAL C 163 44.93 -44.11 -25.67
N ILE C 164 45.79 -43.83 -24.66
CA ILE C 164 45.66 -42.60 -23.87
C ILE C 164 46.84 -41.72 -24.35
N GLY C 165 46.52 -40.55 -24.83
CA GLY C 165 47.56 -39.67 -25.34
C GLY C 165 47.38 -38.19 -25.13
N ASN C 166 48.51 -37.52 -24.94
CA ASN C 166 48.51 -36.11 -25.06
C ASN C 166 48.41 -35.64 -26.53
N ILE C 167 48.39 -34.34 -26.80
CA ILE C 167 48.12 -33.85 -28.13
C ILE C 167 49.24 -34.27 -29.12
N ASN C 168 50.48 -34.31 -28.61
CA ASN C 168 51.57 -34.78 -29.44
C ASN C 168 51.39 -36.17 -29.95
N THR C 169 50.98 -37.07 -29.02
CA THR C 169 50.67 -38.46 -29.34
C THR C 169 49.54 -38.57 -30.39
N TRP C 170 48.52 -37.73 -30.21
CA TRP C 170 47.36 -37.70 -31.09
C TRP C 170 47.84 -37.29 -32.56
N LEU C 171 48.60 -36.22 -32.64
CA LEU C 171 49.05 -35.75 -33.93
C LEU C 171 49.92 -36.79 -34.64
N ILE C 172 50.86 -37.39 -33.92
CA ILE C 172 51.78 -38.35 -34.53
C ILE C 172 51.01 -39.61 -34.94
N PHE C 173 50.06 -40.05 -34.11
CA PHE C 173 49.23 -41.21 -34.43
C PHE C 173 48.47 -40.98 -35.73
N ASN C 174 47.87 -39.83 -35.90
CA ASN C 174 47.14 -39.59 -37.12
C ASN C 174 48.03 -39.41 -38.31
N LEU C 175 49.09 -38.63 -38.17
CA LEU C 175 50.01 -38.38 -39.34
C LEU C 175 50.70 -39.63 -39.89
N THR C 176 51.03 -40.53 -38.98
CA THR C 176 51.78 -41.75 -39.23
C THR C 176 50.89 -42.97 -39.49
N LYS C 177 49.55 -42.82 -39.34
CA LYS C 177 48.59 -43.89 -39.43
C LYS C 177 48.85 -44.99 -38.42
N GLY C 178 49.19 -44.58 -37.20
CA GLY C 178 49.12 -45.52 -36.04
C GLY C 178 50.26 -45.54 -35.07
N ASN C 179 51.37 -44.82 -35.29
CA ASN C 179 52.46 -44.86 -34.31
C ASN C 179 51.98 -44.24 -33.00
N CYS C 180 52.41 -44.80 -31.88
CA CYS C 180 52.02 -44.38 -30.56
C CYS C 180 53.29 -44.05 -29.77
N TYR C 181 53.55 -42.74 -29.75
CA TYR C 181 54.71 -42.20 -29.12
C TYR C 181 54.38 -40.96 -28.33
N THR C 182 55.21 -40.75 -27.33
CA THR C 182 55.31 -39.45 -26.67
C THR C 182 56.79 -39.15 -26.47
N ASP C 183 57.02 -38.01 -25.89
CA ASP C 183 58.38 -37.58 -25.52
C ASP C 183 58.46 -37.31 -24.04
N VAL C 184 59.68 -37.35 -23.51
CA VAL C 184 59.88 -37.22 -22.07
C VAL C 184 59.29 -35.94 -21.44
N THR C 185 59.25 -34.83 -22.15
CA THR C 185 58.63 -33.60 -21.64
C THR C 185 57.10 -33.69 -21.47
N ASN C 186 56.41 -34.21 -22.51
CA ASN C 186 55.00 -34.42 -22.42
C ASN C 186 54.63 -35.51 -21.41
N ALA C 187 55.42 -36.59 -21.37
CA ALA C 187 55.16 -37.66 -20.39
C ALA C 187 55.24 -37.11 -18.96
N SER C 188 56.10 -36.12 -18.72
CA SER C 188 56.31 -35.57 -17.37
C SER C 188 55.10 -34.72 -16.85
N ARG C 189 54.13 -34.48 -17.80
CA ARG C 189 52.98 -33.63 -17.57
C ARG C 189 51.71 -34.43 -17.26
N THR C 190 51.91 -35.71 -17.12
CA THR C 190 50.75 -36.65 -17.03
C THR C 190 50.38 -37.07 -15.58
N LEU C 191 51.35 -36.97 -14.65
CA LEU C 191 51.24 -37.46 -13.26
C LEU C 191 51.41 -38.99 -13.21
N LEU C 192 51.82 -39.60 -14.37
CA LEU C 192 52.03 -41.04 -14.53
C LEU C 192 53.49 -41.48 -14.69
N MET C 193 54.41 -40.52 -14.94
CA MET C 193 55.78 -40.88 -15.21
C MET C 193 56.61 -40.68 -13.93
N ASP C 194 57.58 -41.56 -13.72
CA ASP C 194 58.61 -41.44 -12.68
C ASP C 194 59.61 -40.37 -13.18
N ILE C 195 59.63 -39.23 -12.50
CA ILE C 195 60.45 -38.07 -12.95
C ILE C 195 61.97 -38.32 -13.00
N ASN C 196 62.44 -39.28 -12.18
CA ASN C 196 63.86 -39.68 -12.11
C ASN C 196 64.20 -40.78 -13.12
N THR C 197 63.33 -41.78 -13.29
CA THR C 197 63.66 -42.89 -14.18
C THR C 197 63.16 -42.73 -15.63
N LEU C 198 62.23 -41.77 -15.85
CA LEU C 198 61.70 -41.49 -17.14
C LEU C 198 60.88 -42.62 -17.71
N GLN C 199 60.30 -43.42 -16.80
CA GLN C 199 59.38 -44.48 -17.20
C GLN C 199 58.00 -44.34 -16.64
N TRP C 200 57.00 -44.83 -17.33
CA TRP C 200 55.63 -44.92 -16.77
C TRP C 200 55.72 -45.68 -15.46
N ASP C 201 55.05 -45.16 -14.45
CA ASP C 201 55.12 -45.73 -13.09
C ASP C 201 53.88 -46.57 -12.79
N GLU C 202 54.13 -47.83 -12.43
CA GLU C 202 53.05 -48.77 -12.16
C GLU C 202 52.14 -48.33 -11.00
N LYS C 203 52.76 -47.78 -9.95
CA LYS C 203 52.02 -47.33 -8.80
C LYS C 203 51.10 -46.16 -9.14
N MET C 204 51.62 -45.15 -9.87
CA MET C 204 50.76 -44.08 -10.28
C MET C 204 49.62 -44.58 -11.18
N CYS C 205 49.93 -45.46 -12.11
CA CYS C 205 48.88 -46.02 -12.98
C CYS C 205 47.78 -46.68 -12.17
N LYS C 206 48.17 -47.39 -11.12
CA LYS C 206 47.19 -48.06 -10.22
C LYS C 206 46.32 -47.07 -9.52
N ILE C 207 46.91 -45.97 -9.06
CA ILE C 207 46.12 -44.96 -8.40
C ILE C 207 45.05 -44.45 -9.35
N PHE C 208 45.43 -44.25 -10.62
CA PHE C 208 44.53 -43.63 -11.55
C PHE C 208 43.66 -44.59 -12.34
N ASN C 209 43.67 -45.85 -11.94
CA ASN C 209 42.84 -46.96 -12.53
C ASN C 209 43.18 -47.32 -13.94
N ILE C 210 44.45 -47.09 -14.29
CA ILE C 210 44.97 -47.48 -15.58
C ILE C 210 45.48 -48.89 -15.40
N THR C 211 44.59 -49.88 -15.67
CA THR C 211 44.87 -51.27 -15.33
C THR C 211 45.73 -52.00 -16.33
N ASN C 212 45.94 -51.39 -17.51
CA ASN C 212 46.68 -52.02 -18.60
C ASN C 212 47.60 -50.94 -19.16
N MET C 213 48.85 -51.06 -18.80
CA MET C 213 49.80 -50.01 -19.14
C MET C 213 50.16 -49.99 -20.63
N SER C 214 49.73 -51.02 -21.36
CA SER C 214 49.94 -51.06 -22.78
C SER C 214 49.28 -49.98 -23.58
N VAL C 215 48.27 -49.32 -23.00
CA VAL C 215 47.58 -48.21 -23.62
C VAL C 215 48.38 -46.94 -23.68
N LEU C 216 49.49 -46.90 -22.92
CA LEU C 216 50.39 -45.75 -22.87
C LEU C 216 51.44 -45.85 -23.98
N PRO C 217 51.70 -44.72 -24.63
CA PRO C 217 52.70 -44.72 -25.70
C PRO C 217 54.12 -44.78 -25.21
N GLU C 218 55.01 -45.23 -26.07
CA GLU C 218 56.42 -45.31 -25.74
C GLU C 218 57.00 -43.90 -25.53
N ILE C 219 57.78 -43.73 -24.49
CA ILE C 219 58.43 -42.42 -24.15
C ILE C 219 59.78 -42.31 -24.91
N LYS C 220 59.86 -41.31 -25.77
CA LYS C 220 61.00 -41.09 -26.63
C LYS C 220 61.79 -39.88 -26.17
N SER C 221 63.01 -39.77 -26.65
CA SER C 221 63.79 -38.52 -26.47
C SER C 221 63.21 -37.47 -27.44
N ASN C 222 63.60 -36.23 -27.25
CA ASN C 222 63.03 -35.13 -28.02
C ASN C 222 63.45 -35.08 -29.52
N CYS C 223 64.66 -35.56 -29.83
CA CYS C 223 65.11 -35.75 -31.20
C CYS C 223 65.05 -37.29 -31.43
N SER C 224 64.25 -37.75 -32.36
CA SER C 224 64.03 -39.19 -32.52
C SER C 224 63.36 -39.51 -33.84
N ASN C 225 63.24 -40.78 -34.20
CA ASN C 225 62.45 -41.21 -35.34
C ASN C 225 61.05 -41.47 -34.84
N PHE C 226 60.20 -40.49 -35.01
CA PHE C 226 58.78 -40.64 -34.68
C PHE C 226 57.91 -41.27 -35.77
N GLY C 227 58.51 -41.47 -36.96
CA GLY C 227 57.85 -42.08 -38.06
C GLY C 227 57.76 -41.24 -39.25
N LEU C 228 57.21 -41.88 -40.24
CA LEU C 228 56.94 -41.33 -41.56
C LEU C 228 55.50 -40.88 -41.67
N VAL C 229 55.30 -39.71 -42.24
CA VAL C 229 53.95 -39.28 -42.59
C VAL C 229 53.42 -40.21 -43.71
N LYS C 230 52.21 -40.75 -43.43
CA LYS C 230 51.52 -41.58 -44.33
C LYS C 230 50.06 -41.18 -44.55
N SER C 231 49.53 -40.23 -43.77
CA SER C 231 48.15 -39.88 -43.90
C SER C 231 47.75 -39.45 -45.30
N GLU C 232 46.66 -40.03 -45.77
CA GLU C 232 46.16 -39.68 -47.11
C GLU C 232 45.60 -38.26 -47.21
N HIS C 233 45.37 -37.62 -46.04
CA HIS C 233 44.94 -36.25 -46.03
C HIS C 233 45.98 -35.24 -46.40
N VAL C 234 47.27 -35.62 -46.39
CA VAL C 234 48.43 -34.73 -46.60
C VAL C 234 49.40 -35.44 -47.58
N PRO C 235 48.89 -35.64 -48.80
CA PRO C 235 49.59 -36.48 -49.78
C PRO C 235 50.96 -35.96 -50.19
N ASP C 236 51.15 -34.64 -50.25
CA ASP C 236 52.49 -34.08 -50.56
C ASP C 236 53.55 -34.35 -49.50
N TYR C 237 53.09 -34.69 -48.32
CA TYR C 237 53.99 -34.99 -47.17
C TYR C 237 54.35 -36.47 -46.99
N LEU C 238 53.92 -37.30 -47.97
CA LEU C 238 54.20 -38.70 -47.95
C LEU C 238 55.69 -38.97 -47.72
N ASN C 239 56.01 -39.80 -46.71
CA ASN C 239 57.35 -40.21 -46.35
C ASN C 239 58.32 -39.14 -45.84
N ILE C 240 57.75 -38.00 -45.44
CA ILE C 240 58.50 -36.98 -44.74
C ILE C 240 58.55 -37.42 -43.28
N PRO C 241 59.75 -37.41 -42.65
CA PRO C 241 59.89 -37.93 -41.27
C PRO C 241 59.56 -36.86 -40.19
N ILE C 242 59.00 -37.33 -39.09
CA ILE C 242 58.71 -36.54 -37.92
C ILE C 242 59.89 -36.85 -37.00
N THR C 243 60.68 -35.83 -36.73
CA THR C 243 61.98 -36.04 -36.10
C THR C 243 62.22 -35.24 -34.82
N GLY C 244 61.26 -34.42 -34.42
CA GLY C 244 61.34 -33.78 -33.13
C GLY C 244 60.00 -33.61 -32.52
N CYS C 245 59.93 -33.75 -31.20
CA CYS C 245 58.71 -33.62 -30.45
C CYS C 245 58.96 -33.20 -29.06
N ILE C 246 58.26 -32.19 -28.61
CA ILE C 246 58.48 -31.58 -27.27
C ILE C 246 57.22 -30.81 -26.85
N GLY C 247 56.94 -30.75 -25.54
CA GLY C 247 55.91 -29.92 -24.98
C GLY C 247 56.20 -28.41 -25.26
N ASP C 248 55.13 -27.63 -25.50
CA ASP C 248 55.27 -26.26 -25.94
C ASP C 248 56.15 -25.40 -25.08
N GLN C 249 55.97 -25.47 -23.77
CA GLN C 249 56.72 -24.50 -22.90
C GLN C 249 58.23 -24.91 -22.87
N GLN C 250 58.53 -26.22 -22.86
CA GLN C 250 59.89 -26.72 -23.02
C GLN C 250 60.45 -26.36 -24.40
N SER C 251 59.60 -26.40 -25.41
CA SER C 251 60.01 -25.96 -26.79
C SER C 251 60.54 -24.53 -26.75
N ALA C 252 59.84 -23.66 -26.03
CA ALA C 252 60.23 -22.29 -25.89
C ALA C 252 61.57 -22.11 -25.17
N CYS C 253 61.92 -23.00 -24.23
CA CYS C 253 63.27 -23.10 -23.62
C CYS C 253 64.36 -23.37 -24.65
N ILE C 254 64.05 -24.24 -25.62
CA ILE C 254 65.05 -24.50 -26.64
CA ILE C 254 64.97 -24.56 -26.74
C ILE C 254 65.13 -23.30 -27.59
N GLY C 255 64.01 -22.76 -28.00
CA GLY C 255 63.99 -21.53 -28.82
C GLY C 255 64.60 -20.28 -28.20
N GLN C 256 64.65 -20.23 -26.87
CA GLN C 256 65.25 -19.07 -26.17
C GLN C 256 66.74 -19.44 -25.85
N ALA C 257 67.19 -20.65 -26.15
CA ALA C 257 68.55 -21.19 -25.81
C ALA C 257 68.88 -21.11 -24.32
N ILE C 258 67.91 -21.41 -23.45
CA ILE C 258 68.15 -21.42 -22.02
C ILE C 258 68.64 -22.84 -21.66
N PHE C 259 69.88 -23.10 -22.04
CA PHE C 259 70.51 -24.39 -21.91
C PHE C 259 71.40 -24.54 -20.73
N ASP C 260 71.78 -23.42 -20.08
CA ASP C 260 72.67 -23.51 -18.92
C ASP C 260 71.89 -23.47 -17.63
N GLU C 261 72.38 -24.20 -16.65
CA GLU C 261 71.83 -24.14 -15.32
C GLU C 261 71.68 -22.68 -14.84
N GLY C 262 70.48 -22.40 -14.30
CA GLY C 262 70.09 -21.10 -13.83
C GLY C 262 69.45 -20.12 -14.80
N GLU C 263 69.53 -20.40 -16.07
CA GLU C 263 68.89 -19.61 -17.02
C GLU C 263 67.38 -19.90 -16.98
N ALA C 264 66.63 -18.82 -17.20
CA ALA C 264 65.15 -18.79 -17.07
C ALA C 264 64.45 -18.05 -18.19
N LYS C 265 63.28 -18.56 -18.61
CA LYS C 265 62.45 -17.86 -19.59
C LYS C 265 61.01 -17.82 -19.06
N CYS C 266 60.26 -16.92 -19.63
CA CYS C 266 58.83 -16.78 -19.38
C CYS C 266 58.12 -16.54 -20.69
N THR C 267 57.16 -17.42 -21.03
CA THR C 267 56.33 -17.30 -22.19
C THR C 267 54.96 -16.80 -21.81
N TYR C 268 54.50 -15.79 -22.55
CA TYR C 268 53.20 -15.20 -22.40
C TYR C 268 52.37 -15.66 -23.60
N GLY C 269 51.33 -16.40 -23.30
CA GLY C 269 50.44 -16.96 -24.28
C GLY C 269 49.03 -17.11 -23.69
N THR C 270 48.32 -18.18 -24.09
CA THR C 270 47.06 -18.53 -23.41
C THR C 270 47.20 -18.55 -21.90
N GLY C 271 48.24 -19.19 -21.41
CA GLY C 271 48.72 -19.01 -20.02
C GLY C 271 50.09 -18.34 -20.02
N VAL C 272 50.71 -18.23 -18.86
CA VAL C 272 52.04 -17.72 -18.73
C VAL C 272 52.82 -18.83 -18.02
N PHE C 273 54.00 -19.15 -18.54
CA PHE C 273 54.81 -20.28 -18.02
C PHE C 273 56.28 -19.86 -17.88
N LEU C 274 56.79 -19.87 -16.63
CA LEU C 274 58.18 -19.57 -16.35
C LEU C 274 58.87 -20.89 -16.07
N LEU C 275 59.96 -21.17 -16.82
CA LEU C 275 60.79 -22.30 -16.52
C LEU C 275 62.22 -21.86 -16.26
N ILE C 276 62.80 -22.46 -15.24
CA ILE C 276 64.25 -22.29 -15.01
C ILE C 276 64.96 -23.60 -15.17
N ASN C 277 66.10 -23.61 -15.89
CA ASN C 277 66.90 -24.78 -16.09
C ASN C 277 67.71 -25.08 -14.82
N THR C 278 67.54 -26.29 -14.28
CA THR C 278 68.23 -26.71 -13.05
C THR C 278 69.37 -27.67 -13.38
N GLY C 279 69.77 -27.71 -14.66
CA GLY C 279 70.84 -28.62 -15.11
C GLY C 279 70.43 -30.08 -14.93
N GLU C 280 71.39 -30.94 -14.62
CA GLU C 280 71.09 -32.40 -14.43
C GLU C 280 70.42 -32.75 -13.06
N LYS C 281 70.33 -31.76 -12.16
CA LYS C 281 69.85 -31.94 -10.79
C LYS C 281 68.35 -31.77 -10.81
N VAL C 282 67.68 -32.73 -10.18
CA VAL C 282 66.25 -32.66 -9.90
C VAL C 282 66.11 -31.81 -8.66
N VAL C 283 65.39 -30.72 -8.79
CA VAL C 283 65.09 -29.85 -7.67
C VAL C 283 63.63 -29.94 -7.35
N TYR C 284 63.30 -30.25 -6.10
CA TYR C 284 61.93 -30.35 -5.67
C TYR C 284 61.62 -29.08 -4.89
N SER C 285 60.51 -28.43 -5.28
CA SER C 285 60.09 -27.16 -4.72
C SER C 285 59.51 -27.39 -3.32
N THR C 286 59.72 -26.43 -2.47
CA THR C 286 58.90 -26.28 -1.24
C THR C 286 57.96 -25.06 -1.27
N CYS C 287 57.82 -24.44 -2.43
CA CYS C 287 57.23 -23.13 -2.66
C CYS C 287 56.26 -23.20 -3.82
N GLY C 288 55.70 -24.36 -4.16
CA GLY C 288 54.68 -24.38 -5.14
C GLY C 288 55.04 -24.42 -6.60
N LEU C 289 56.29 -24.70 -6.92
CA LEU C 289 56.70 -24.85 -8.29
C LEU C 289 56.74 -26.36 -8.64
N ILE C 290 56.58 -26.64 -9.91
CA ILE C 290 56.56 -28.05 -10.39
C ILE C 290 57.94 -28.44 -10.95
N THR C 291 58.41 -29.61 -10.58
CA THR C 291 59.65 -30.20 -11.15
C THR C 291 59.32 -30.90 -12.46
N THR C 292 59.91 -30.50 -13.56
CA THR C 292 59.61 -31.07 -14.85
C THR C 292 60.92 -31.35 -15.65
N ILE C 293 60.77 -32.04 -16.73
CA ILE C 293 61.88 -32.32 -17.62
C ILE C 293 62.02 -31.08 -18.55
N CYS C 294 63.20 -30.45 -18.65
CA CYS C 294 63.40 -29.41 -19.62
C CYS C 294 63.57 -29.96 -21.05
N TYR C 295 64.49 -30.91 -21.23
CA TYR C 295 64.66 -31.59 -22.52
C TYR C 295 65.61 -32.77 -22.28
N LYS C 296 65.61 -33.70 -23.23
CA LYS C 296 66.56 -34.80 -23.34
C LYS C 296 66.60 -35.03 -24.82
N PHE C 297 67.64 -34.54 -25.47
CA PHE C 297 67.64 -34.64 -26.92
C PHE C 297 67.73 -36.12 -27.42
N ASN C 298 68.77 -36.81 -26.97
CA ASN C 298 69.12 -38.15 -27.39
C ASN C 298 69.00 -39.18 -26.27
N ASP C 299 68.80 -40.42 -26.70
CA ASP C 299 68.55 -41.53 -25.76
C ASP C 299 69.62 -41.70 -24.67
N ASN C 300 70.89 -41.44 -24.99
CA ASN C 300 71.97 -41.66 -24.04
C ASN C 300 72.26 -40.43 -23.21
N ASP C 301 71.54 -39.32 -23.40
CA ASP C 301 71.79 -38.07 -22.65
C ASP C 301 71.15 -38.20 -21.30
N LYS C 302 71.81 -37.69 -20.25
CA LYS C 302 71.09 -37.37 -19.05
C LYS C 302 70.14 -36.15 -19.32
N PRO C 303 68.92 -36.22 -18.82
CA PRO C 303 68.03 -35.09 -19.04
C PRO C 303 68.43 -33.84 -18.31
N LYS C 304 68.06 -32.69 -18.83
CA LYS C 304 68.13 -31.44 -18.09
C LYS C 304 66.71 -31.23 -17.53
N TYR C 305 66.70 -30.87 -16.26
CA TYR C 305 65.49 -30.61 -15.49
C TYR C 305 65.19 -29.13 -15.39
N ALA C 306 64.01 -28.84 -14.87
CA ALA C 306 63.52 -27.47 -14.74
C ALA C 306 62.59 -27.39 -13.53
N LEU C 307 62.42 -26.18 -13.05
CA LEU C 307 61.35 -25.75 -12.09
C LEU C 307 60.44 -24.90 -12.90
N GLU C 308 59.15 -25.08 -12.73
CA GLU C 308 58.17 -24.34 -13.55
C GLU C 308 57.06 -23.74 -12.68
N GLY C 309 56.76 -22.51 -13.03
CA GLY C 309 55.63 -21.74 -12.51
C GLY C 309 54.65 -21.51 -13.59
N SER C 310 53.43 -22.05 -13.37
CA SER C 310 52.36 -22.04 -14.37
C SER C 310 51.22 -21.11 -13.95
N ILE C 311 50.73 -20.30 -14.89
CA ILE C 311 49.61 -19.37 -14.69
C ILE C 311 48.55 -19.68 -15.76
N GLY C 312 47.33 -19.93 -15.32
CA GLY C 312 46.36 -20.40 -16.26
C GLY C 312 45.61 -19.29 -17.00
N THR C 313 45.34 -18.18 -16.31
CA THR C 313 44.58 -17.09 -16.96
C THR C 313 45.54 -16.01 -17.43
N ALA C 314 45.74 -15.88 -18.76
CA ALA C 314 46.56 -14.80 -19.38
C ALA C 314 45.87 -14.44 -20.68
N GLY C 315 46.33 -14.92 -21.83
CA GLY C 315 45.61 -14.87 -23.07
C GLY C 315 44.20 -15.46 -23.01
N SER C 316 44.07 -16.51 -22.19
CA SER C 316 42.73 -17.13 -21.98
C SER C 316 41.79 -16.09 -21.35
N GLY C 317 42.33 -15.23 -20.42
CA GLY C 317 41.59 -14.10 -19.84
C GLY C 317 41.20 -13.04 -20.91
N VAL C 318 42.18 -12.71 -21.76
CA VAL C 318 41.94 -11.72 -22.74
C VAL C 318 40.86 -12.22 -23.68
N SER C 319 40.89 -13.52 -23.98
CA SER C 319 39.86 -14.15 -24.82
C SER C 319 38.45 -14.08 -24.20
N TRP C 320 38.43 -14.28 -22.87
CA TRP C 320 37.21 -14.17 -22.13
C TRP C 320 36.62 -12.73 -22.20
N LEU C 321 37.49 -11.75 -22.04
CA LEU C 321 37.14 -10.33 -22.14
C LEU C 321 36.57 -10.04 -23.51
N LEU C 322 37.20 -10.54 -24.55
CA LEU C 322 36.75 -10.29 -25.91
C LEU C 322 35.36 -10.92 -26.08
N LYS C 323 35.17 -12.17 -25.65
CA LYS C 323 33.92 -12.82 -25.88
C LYS C 323 32.77 -12.09 -25.19
N ASN C 324 33.04 -11.51 -24.01
CA ASN C 324 32.03 -10.85 -23.19
C ASN C 324 32.05 -9.33 -23.35
N LYS C 325 32.74 -8.87 -24.40
CA LYS C 325 32.59 -7.50 -24.92
C LYS C 325 33.28 -6.45 -24.11
N LEU C 326 34.15 -6.85 -23.22
CA LEU C 326 34.91 -5.93 -22.43
C LEU C 326 36.11 -5.38 -23.21
N ILE C 327 36.56 -6.09 -24.25
CA ILE C 327 37.56 -5.57 -25.14
C ILE C 327 37.00 -5.82 -26.53
N ASP C 328 37.22 -4.85 -27.41
CA ASP C 328 36.77 -5.00 -28.81
C ASP C 328 37.78 -5.84 -29.63
N ASP C 329 39.09 -5.77 -29.29
CA ASP C 329 40.13 -6.59 -29.92
C ASP C 329 41.38 -6.66 -29.09
N PRO C 330 42.03 -7.86 -29.04
CA PRO C 330 43.22 -8.02 -28.23
C PRO C 330 44.36 -7.02 -28.49
N SER C 331 44.39 -6.51 -29.73
CA SER C 331 45.44 -5.61 -30.21
C SER C 331 45.43 -4.31 -29.45
N GLU C 332 44.29 -4.02 -28.88
CA GLU C 332 44.08 -2.78 -28.10
C GLU C 332 44.77 -2.70 -26.74
N ALA C 333 45.23 -3.84 -26.22
CA ALA C 333 45.63 -3.90 -24.87
C ALA C 333 46.76 -2.88 -24.58
N SER C 334 47.66 -2.60 -25.56
CA SER C 334 48.71 -1.61 -25.30
C SER C 334 48.13 -0.22 -25.17
N ASP C 335 47.29 0.10 -26.14
CA ASP C 335 46.66 1.43 -26.16
C ASP C 335 45.84 1.59 -24.88
N ILE C 336 45.12 0.54 -24.51
CA ILE C 336 44.38 0.54 -23.18
C ILE C 336 45.34 0.80 -22.04
N MET C 337 46.48 0.13 -21.99
CA MET C 337 47.42 0.48 -20.92
C MET C 337 48.15 1.84 -21.00
N GLU C 338 48.28 2.41 -22.20
CA GLU C 338 48.81 3.79 -22.31
C GLU C 338 47.81 4.83 -21.75
N LYS C 339 46.56 4.68 -22.24
CA LYS C 339 45.53 5.62 -21.96
C LYS C 339 45.06 5.52 -20.55
N CYS C 340 45.04 4.29 -20.06
CA CYS C 340 44.56 3.98 -18.77
CA CYS C 340 44.56 3.96 -18.74
C CYS C 340 45.77 3.74 -17.88
N GLU C 341 46.18 4.77 -17.16
N GLU C 341 46.20 4.80 -17.18
CA GLU C 341 47.44 4.74 -16.43
CA GLU C 341 47.46 4.80 -16.41
C GLU C 341 47.40 3.99 -15.12
C GLU C 341 47.39 3.96 -15.15
N ASN C 342 46.18 3.80 -14.62
CA ASN C 342 45.97 2.97 -13.43
C ASN C 342 44.53 2.39 -13.54
N THR C 343 44.19 1.48 -12.63
CA THR C 343 42.91 0.84 -12.69
C THR C 343 41.87 1.45 -11.77
N THR C 344 42.26 2.60 -11.17
CA THR C 344 41.56 3.28 -10.04
C THR C 344 41.21 2.33 -8.88
N GLY C 345 42.20 1.50 -8.58
CA GLY C 345 42.23 0.60 -7.47
C GLY C 345 41.45 -0.66 -7.74
N VAL C 346 40.88 -0.81 -8.93
CA VAL C 346 40.27 -2.10 -9.29
C VAL C 346 41.34 -3.20 -9.33
N ILE C 347 41.01 -4.38 -8.80
CA ILE C 347 41.84 -5.53 -8.87
C ILE C 347 41.02 -6.63 -9.45
N PHE C 348 41.66 -7.38 -10.29
CA PHE C 348 41.01 -8.55 -10.98
C PHE C 348 41.88 -9.76 -10.67
N VAL C 349 41.34 -10.69 -9.87
CA VAL C 349 42.07 -11.88 -9.56
C VAL C 349 41.67 -12.88 -10.65
N PRO C 350 42.54 -13.10 -11.68
CA PRO C 350 42.15 -13.83 -12.91
C PRO C 350 42.31 -15.36 -12.61
N ALA C 351 41.23 -15.92 -12.11
CA ALA C 351 41.24 -17.31 -11.48
C ALA C 351 40.07 -18.09 -12.08
N PHE C 352 39.87 -17.93 -13.38
CA PHE C 352 38.70 -18.56 -14.03
C PHE C 352 38.76 -20.08 -13.87
N SER C 353 39.97 -20.64 -13.93
CA SER C 353 40.16 -22.11 -13.66
C SER C 353 40.93 -22.36 -12.38
N GLY C 354 40.70 -21.55 -11.35
CA GLY C 354 41.46 -21.67 -10.12
C GLY C 354 42.77 -20.90 -10.23
N LEU C 355 43.50 -20.91 -9.15
CA LEU C 355 44.89 -20.45 -9.11
C LEU C 355 45.85 -21.64 -9.23
N TYR C 356 46.82 -21.52 -10.16
CA TYR C 356 47.88 -22.52 -10.35
C TYR C 356 49.04 -22.12 -9.48
N ALA C 357 50.27 -22.00 -10.08
CA ALA C 357 51.40 -21.76 -9.21
C ALA C 357 51.36 -20.30 -8.66
N PRO C 358 51.85 -20.11 -7.41
CA PRO C 358 52.36 -21.13 -6.44
C PRO C 358 51.33 -21.58 -5.39
N ARG C 359 50.14 -20.98 -5.40
CA ARG C 359 49.13 -21.25 -4.34
C ARG C 359 48.31 -22.52 -4.52
N TRP C 360 48.08 -22.88 -5.79
CA TRP C 360 47.40 -24.13 -6.12
C TRP C 360 46.04 -24.21 -5.34
N ARG C 361 45.14 -23.30 -5.70
CA ARG C 361 43.82 -23.25 -5.09
C ARG C 361 42.79 -23.44 -6.19
N SER C 362 42.31 -24.66 -6.33
CA SER C 362 41.35 -24.97 -7.40
C SER C 362 39.94 -24.42 -7.03
N ASP C 363 39.73 -24.08 -5.75
CA ASP C 363 38.49 -23.43 -5.25
C ASP C 363 38.39 -21.93 -5.56
N ALA C 364 39.48 -21.31 -5.99
CA ALA C 364 39.46 -19.91 -6.44
C ALA C 364 38.60 -19.79 -7.69
N ARG C 365 37.93 -18.64 -7.79
CA ARG C 365 37.21 -18.28 -9.02
C ARG C 365 37.60 -16.86 -9.37
N ALA C 366 37.36 -16.44 -10.60
CA ALA C 366 37.75 -15.11 -11.04
C ALA C 366 36.85 -14.10 -10.36
N SER C 367 37.49 -13.05 -9.80
CA SER C 367 36.85 -12.06 -8.92
C SER C 367 37.33 -10.67 -9.31
N ILE C 368 36.43 -9.69 -9.31
CA ILE C 368 36.74 -8.26 -9.58
C ILE C 368 36.35 -7.43 -8.39
N TYR C 369 37.27 -6.60 -7.91
CA TYR C 369 37.05 -5.76 -6.75
C TYR C 369 37.28 -4.29 -7.06
N GLY C 370 36.64 -3.43 -6.28
CA GLY C 370 37.02 -2.03 -6.27
C GLY C 370 36.34 -1.11 -7.22
N MET C 371 35.30 -1.60 -7.90
CA MET C 371 34.63 -0.79 -8.94
C MET C 371 33.71 0.31 -8.37
N THR C 372 33.74 1.43 -9.09
CA THR C 372 32.88 2.53 -8.91
C THR C 372 32.13 2.87 -10.21
N PHE C 373 31.24 3.90 -10.15
CA PHE C 373 30.56 4.32 -11.37
C PHE C 373 31.55 4.89 -12.43
N ASN C 374 32.68 5.40 -11.96
CA ASN C 374 33.77 5.89 -12.85
C ASN C 374 34.49 4.77 -13.63
N THR C 375 34.44 3.52 -13.08
CA THR C 375 35.13 2.37 -13.69
C THR C 375 34.53 2.08 -15.06
N GLU C 376 35.43 1.84 -16.02
CA GLU C 376 35.11 1.55 -17.39
C GLU C 376 35.71 0.23 -17.77
N ARG C 377 35.28 -0.27 -18.93
CA ARG C 377 35.86 -1.51 -19.51
C ARG C 377 37.38 -1.51 -19.47
N SER C 378 37.94 -0.39 -19.88
CA SER C 378 39.38 -0.20 -19.94
C SER C 378 40.07 -0.53 -18.61
N HIS C 379 39.52 -0.08 -17.49
CA HIS C 379 40.12 -0.33 -16.20
C HIS C 379 40.05 -1.81 -15.83
N ILE C 380 38.97 -2.47 -16.22
CA ILE C 380 38.80 -3.93 -15.96
C ILE C 380 39.81 -4.73 -16.75
N VAL C 381 39.94 -4.37 -18.03
CA VAL C 381 40.97 -4.96 -18.91
C VAL C 381 42.38 -4.81 -18.33
N ARG C 382 42.74 -3.59 -17.96
CA ARG C 382 44.06 -3.32 -17.34
C ARG C 382 44.26 -4.13 -16.09
N ALA C 383 43.20 -4.29 -15.30
CA ALA C 383 43.34 -4.94 -13.99
C ALA C 383 43.67 -6.45 -14.28
N LEU C 384 43.00 -7.00 -15.31
CA LEU C 384 43.23 -8.45 -15.65
C LEU C 384 44.76 -8.61 -16.02
N LEU C 385 45.25 -7.64 -16.81
CA LEU C 385 46.64 -7.66 -17.29
C LEU C 385 47.59 -7.48 -16.12
N GLU C 386 47.25 -6.57 -15.21
CA GLU C 386 48.01 -6.42 -14.00
C GLU C 386 48.05 -7.70 -13.20
N GLY C 387 46.90 -8.34 -13.08
CA GLY C 387 46.86 -9.65 -12.37
C GLY C 387 47.81 -10.73 -12.92
N ILE C 388 48.15 -10.67 -14.20
CA ILE C 388 49.20 -11.56 -14.75
C ILE C 388 50.51 -11.28 -14.06
N ALA C 389 50.91 -10.00 -14.06
CA ALA C 389 52.14 -9.56 -13.40
C ALA C 389 52.23 -9.91 -11.95
N PHE C 390 51.13 -9.64 -11.22
CA PHE C 390 51.13 -10.04 -9.80
C PHE C 390 51.31 -11.53 -9.55
N GLN C 391 50.68 -12.33 -10.41
CA GLN C 391 50.88 -13.78 -10.29
C GLN C 391 52.34 -14.20 -10.61
N LEU C 392 52.90 -13.57 -11.65
CA LEU C 392 54.25 -13.86 -12.04
C LEU C 392 55.22 -13.52 -10.91
N ASN C 393 54.96 -12.41 -10.21
CA ASN C 393 55.79 -12.01 -9.09
C ASN C 393 55.83 -13.05 -7.98
N GLU C 394 54.64 -13.61 -7.72
CA GLU C 394 54.59 -14.72 -6.75
C GLU C 394 55.45 -15.96 -7.14
N ILE C 395 55.39 -16.32 -8.39
CA ILE C 395 56.22 -17.32 -9.01
C ILE C 395 57.69 -17.00 -8.86
N VAL C 396 58.07 -15.75 -9.15
CA VAL C 396 59.50 -15.36 -9.07
C VAL C 396 59.99 -15.47 -7.62
N ASP C 397 59.12 -15.10 -6.69
CA ASP C 397 59.49 -15.21 -5.29
CA ASP C 397 59.46 -15.22 -5.29
C ASP C 397 59.71 -16.69 -4.90
N SER C 398 58.86 -17.61 -5.38
CA SER C 398 59.07 -19.00 -5.10
C SER C 398 60.42 -19.47 -5.72
N LEU C 399 60.68 -19.08 -6.95
CA LEU C 399 61.81 -19.53 -7.70
C LEU C 399 63.08 -19.08 -6.98
N THR C 400 63.14 -17.83 -6.54
CA THR C 400 64.38 -17.37 -5.87
C THR C 400 64.56 -18.14 -4.57
N SER C 401 63.49 -18.44 -3.85
CA SER C 401 63.60 -19.28 -2.66
CA SER C 401 63.61 -19.26 -2.66
C SER C 401 64.10 -20.68 -2.93
N ASP C 402 63.43 -21.35 -3.85
CA ASP C 402 63.85 -22.68 -4.24
C ASP C 402 65.29 -22.76 -4.78
N MET C 403 65.73 -21.69 -5.49
CA MET C 403 67.07 -21.70 -6.11
C MET C 403 68.15 -21.19 -5.17
N GLY C 404 67.77 -20.71 -3.99
CA GLY C 404 68.77 -20.16 -3.04
C GLY C 404 69.52 -18.92 -3.59
N ILE C 405 68.86 -18.11 -4.41
CA ILE C 405 69.37 -16.84 -4.95
C ILE C 405 68.54 -15.62 -4.42
N GLU C 406 69.11 -14.41 -4.52
CA GLU C 406 68.41 -13.19 -4.13
C GLU C 406 67.67 -12.60 -5.33
N MET C 407 68.18 -12.82 -6.53
CA MET C 407 67.55 -12.29 -7.75
C MET C 407 67.87 -13.09 -9.01
N LEU C 408 67.04 -12.97 -10.06
CA LEU C 408 67.43 -13.45 -11.37
C LEU C 408 68.16 -12.35 -12.11
N HIS C 409 69.26 -12.67 -12.79
CA HIS C 409 69.98 -11.63 -13.56
C HIS C 409 69.23 -11.11 -14.79
N VAL C 410 68.56 -12.04 -15.50
CA VAL C 410 67.67 -11.60 -16.54
C VAL C 410 66.56 -12.67 -16.61
N LEU C 411 65.38 -12.24 -17.02
CA LEU C 411 64.31 -13.14 -17.37
C LEU C 411 64.11 -12.93 -18.82
N ARG C 412 64.30 -13.98 -19.63
CA ARG C 412 64.09 -13.89 -21.07
C ARG C 412 62.61 -14.19 -21.32
N CYS C 413 61.94 -13.37 -22.08
CA CYS C 413 60.49 -13.40 -22.26
C CYS C 413 60.17 -13.44 -23.73
N ASP C 414 59.06 -14.12 -24.01
CA ASP C 414 58.56 -14.21 -25.33
C ASP C 414 57.07 -14.28 -25.36
N GLY C 415 56.51 -13.99 -26.50
CA GLY C 415 55.04 -14.06 -26.71
C GLY C 415 54.44 -12.79 -27.25
N GLY C 416 53.25 -12.92 -27.78
CA GLY C 416 52.59 -11.73 -28.24
C GLY C 416 52.54 -10.52 -27.35
N MET C 417 52.21 -10.75 -26.08
CA MET C 417 52.09 -9.70 -25.16
C MET C 417 53.39 -8.97 -24.85
N THR C 418 54.54 -9.57 -25.20
CA THR C 418 55.83 -8.95 -24.91
C THR C 418 56.10 -7.75 -25.84
N LYS C 419 55.26 -7.57 -26.85
CA LYS C 419 55.34 -6.33 -27.68
C LYS C 419 54.64 -5.09 -27.08
N ASN C 420 53.84 -5.30 -26.00
CA ASN C 420 53.04 -4.29 -25.32
C ASN C 420 54.01 -3.73 -24.30
N LYS C 421 54.60 -2.58 -24.63
CA LYS C 421 55.60 -1.94 -23.74
C LYS C 421 55.07 -1.57 -22.36
N PRO C 422 53.89 -0.92 -22.24
CA PRO C 422 53.43 -0.68 -20.86
C PRO C 422 53.16 -1.94 -20.06
N PHE C 423 52.70 -2.96 -20.71
CA PHE C 423 52.55 -4.25 -19.99
C PHE C 423 53.87 -4.82 -19.53
N MET C 424 54.86 -4.89 -20.43
CA MET C 424 56.17 -5.42 -20.05
C MET C 424 56.83 -4.54 -18.98
N GLN C 425 56.64 -3.21 -19.07
CA GLN C 425 57.21 -2.32 -18.06
C GLN C 425 56.59 -2.61 -16.66
N PHE C 426 55.27 -2.81 -16.66
CA PHE C 426 54.55 -3.14 -15.40
C PHE C 426 55.04 -4.47 -14.84
N ASN C 427 55.23 -5.46 -15.72
CA ASN C 427 55.80 -6.74 -15.26
C ASN C 427 57.18 -6.56 -14.63
N SER C 428 58.05 -5.79 -15.32
CA SER C 428 59.43 -5.58 -14.82
C SER C 428 59.40 -4.85 -13.50
N ASP C 429 58.51 -3.83 -13.40
CA ASP C 429 58.29 -3.05 -12.21
C ASP C 429 57.84 -3.98 -11.03
N ILE C 430 56.81 -4.77 -11.27
CA ILE C 430 56.25 -5.57 -10.13
C ILE C 430 57.11 -6.76 -9.77
N ILE C 431 57.66 -7.47 -10.74
CA ILE C 431 58.59 -8.63 -10.42
C ILE C 431 59.99 -8.20 -10.02
N ASN C 432 60.28 -6.88 -10.18
CA ASN C 432 61.60 -6.25 -9.95
C ASN C 432 62.81 -7.04 -10.59
N THR C 433 62.68 -7.31 -11.88
CA THR C 433 63.61 -8.15 -12.62
C THR C 433 63.79 -7.58 -13.97
N LYS C 434 65.05 -7.55 -14.42
CA LYS C 434 65.36 -7.17 -15.80
C LYS C 434 64.73 -8.20 -16.76
N ILE C 435 64.03 -7.73 -17.74
CA ILE C 435 63.36 -8.57 -18.76
C ILE C 435 64.01 -8.30 -20.15
N GLU C 436 64.49 -9.36 -20.79
CA GLU C 436 64.96 -9.31 -22.20
C GLU C 436 63.99 -10.02 -23.07
N VAL C 437 63.44 -9.30 -24.07
CA VAL C 437 62.48 -9.82 -24.97
C VAL C 437 63.16 -10.45 -26.19
N SER C 438 62.78 -11.67 -26.54
CA SER C 438 63.30 -12.31 -27.69
C SER C 438 62.94 -11.57 -28.98
N LYS C 439 63.87 -11.60 -29.94
CA LYS C 439 63.61 -11.10 -31.32
C LYS C 439 62.46 -11.91 -32.07
N TYR C 440 62.57 -13.23 -31.99
CA TYR C 440 61.56 -14.18 -32.48
C TYR C 440 60.32 -14.13 -31.55
N LYS C 441 59.05 -13.78 -31.86
CA LYS C 441 57.95 -14.02 -30.74
C LYS C 441 57.48 -15.51 -30.61
N GLU C 442 57.43 -16.12 -31.83
CA GLU C 442 57.03 -17.59 -31.96
C GLU C 442 58.16 -18.53 -31.58
N VAL C 443 58.72 -18.34 -30.37
CA VAL C 443 59.89 -19.14 -29.98
C VAL C 443 59.48 -20.62 -29.73
N THR C 444 58.19 -20.86 -29.40
CA THR C 444 57.74 -22.28 -29.30
C THR C 444 57.98 -23.09 -30.57
N SER C 445 57.47 -22.60 -31.71
CA SER C 445 57.69 -23.28 -33.01
C SER C 445 59.17 -23.36 -33.37
N LEU C 446 59.95 -22.31 -33.01
CA LEU C 446 61.37 -22.29 -33.30
C LEU C 446 62.08 -23.46 -32.57
N GLY C 447 61.71 -23.74 -31.33
CA GLY C 447 62.37 -24.83 -30.64
C GLY C 447 62.14 -26.21 -31.27
N ALA C 448 60.94 -26.44 -31.80
CA ALA C 448 60.58 -27.68 -32.45
C ALA C 448 61.33 -27.82 -33.79
N ALA C 449 61.54 -26.71 -34.48
CA ALA C 449 62.27 -26.75 -35.75
C ALA C 449 63.71 -27.07 -35.45
N VAL C 450 64.23 -26.53 -34.34
CA VAL C 450 65.61 -26.84 -33.90
C VAL C 450 65.78 -28.36 -33.64
N LEU C 451 64.86 -28.93 -32.86
CA LEU C 451 65.02 -30.31 -32.53
C LEU C 451 64.91 -31.19 -33.80
N ALA C 452 63.92 -30.92 -34.66
CA ALA C 452 63.67 -31.71 -35.84
C ALA C 452 64.93 -31.65 -36.78
N GLY C 453 65.42 -30.43 -37.02
CA GLY C 453 66.62 -30.25 -37.80
C GLY C 453 67.86 -30.90 -37.29
N LEU C 454 68.08 -30.81 -36.02
CA LEU C 454 69.24 -31.45 -35.38
C LEU C 454 69.18 -32.96 -35.58
N GLU C 455 67.97 -33.52 -35.54
CA GLU C 455 67.80 -34.98 -35.64
C GLU C 455 68.21 -35.47 -37.06
N VAL C 456 67.97 -34.67 -38.10
CA VAL C 456 68.36 -35.04 -39.45
C VAL C 456 69.66 -34.35 -39.97
N LYS C 457 70.42 -33.77 -39.04
CA LYS C 457 71.74 -33.20 -39.26
C LYS C 457 71.74 -32.01 -40.23
N ILE C 458 70.72 -31.16 -40.14
CA ILE C 458 70.68 -29.88 -40.94
C ILE C 458 71.87 -29.01 -40.55
N TRP C 459 72.15 -28.97 -39.25
CA TRP C 459 73.31 -28.30 -38.69
C TRP C 459 74.01 -29.43 -37.94
N ASP C 460 75.27 -29.20 -37.70
CA ASP C 460 76.11 -30.19 -36.99
C ASP C 460 75.74 -30.45 -35.52
N SER C 461 75.44 -29.34 -34.83
CA SER C 461 75.41 -29.30 -33.38
C SER C 461 74.53 -28.16 -32.98
N LEU C 462 74.03 -28.24 -31.77
CA LEU C 462 73.30 -27.15 -31.12
C LEU C 462 74.15 -25.90 -31.13
N ASP C 463 75.48 -26.04 -31.01
CA ASP C 463 76.30 -24.84 -30.91
C ASP C 463 76.33 -23.97 -32.15
N SER C 464 76.14 -24.56 -33.31
CA SER C 464 75.98 -23.76 -34.52
C SER C 464 74.67 -22.91 -34.58
N VAL C 465 73.65 -23.22 -33.76
CA VAL C 465 72.40 -22.43 -33.80
C VAL C 465 72.23 -21.49 -32.61
N LYS C 466 73.00 -21.66 -31.55
CA LYS C 466 72.76 -20.87 -30.33
C LYS C 466 72.86 -19.36 -30.43
N SER C 467 73.85 -18.81 -31.16
CA SER C 467 73.99 -17.33 -31.20
C SER C 467 72.79 -16.72 -31.88
N LEU C 468 72.36 -17.37 -32.96
CA LEU C 468 71.06 -17.14 -33.64
C LEU C 468 69.86 -17.08 -32.71
N LEU C 469 69.74 -18.09 -31.88
CA LEU C 469 68.65 -18.13 -30.96
C LEU C 469 68.74 -17.00 -29.91
N ARG C 470 69.88 -16.73 -29.32
CA ARG C 470 69.88 -15.76 -28.21
C ARG C 470 69.51 -14.28 -28.52
N ARG C 471 69.09 -13.95 -29.74
CA ARG C 471 68.87 -12.57 -30.10
C ARG C 471 67.74 -11.96 -29.35
N SER C 472 67.90 -10.67 -29.02
CA SER C 472 66.84 -9.93 -28.33
C SER C 472 66.56 -8.56 -29.01
N ASP C 473 65.37 -8.06 -28.86
CA ASP C 473 65.05 -6.76 -29.43
C ASP C 473 64.57 -5.63 -28.47
N ALA C 474 64.44 -5.98 -27.19
CA ALA C 474 63.93 -5.05 -26.19
C ALA C 474 64.36 -5.54 -24.81
N VAL C 475 64.57 -4.57 -23.95
CA VAL C 475 64.99 -4.73 -22.56
C VAL C 475 64.12 -3.79 -21.72
N PHE C 476 63.69 -4.33 -20.60
CA PHE C 476 63.00 -3.63 -19.53
C PHE C 476 63.67 -3.75 -18.20
N HIS C 477 63.79 -2.63 -17.51
CA HIS C 477 64.30 -2.64 -16.18
C HIS C 477 63.20 -2.01 -15.29
N SER C 478 63.20 -2.29 -14.01
CA SER C 478 62.22 -1.61 -13.14
C SER C 478 62.44 -0.10 -13.02
N LYS C 479 61.32 0.62 -13.11
CA LYS C 479 61.26 2.09 -12.95
C LYS C 479 60.41 2.45 -11.71
N MET C 480 60.08 1.47 -10.88
CA MET C 480 59.12 1.65 -9.80
C MET C 480 59.84 1.58 -8.49
N ASP C 481 59.49 2.50 -7.58
CA ASP C 481 59.98 2.67 -6.18
C ASP C 481 59.60 1.42 -5.36
N ASP C 482 60.42 1.01 -4.37
CA ASP C 482 59.99 -0.06 -3.53
C ASP C 482 58.76 0.27 -2.71
N LYS C 483 58.54 1.54 -2.44
CA LYS C 483 57.33 1.95 -1.71
C LYS C 483 56.05 1.66 -2.52
N LYS C 484 56.06 2.07 -3.77
CA LYS C 484 54.95 1.99 -4.63
C LYS C 484 54.72 0.46 -4.89
N ARG C 485 55.81 -0.28 -5.10
CA ARG C 485 55.67 -1.72 -5.39
CA ARG C 485 55.67 -1.70 -5.39
C ARG C 485 55.02 -2.45 -4.22
N LYS C 486 55.51 -2.17 -3.01
CA LYS C 486 54.98 -2.81 -1.81
C LYS C 486 53.55 -2.47 -1.63
N LYS C 487 53.16 -1.26 -1.95
CA LYS C 487 51.78 -0.84 -1.80
C LYS C 487 50.90 -1.62 -2.77
N LYS C 488 51.31 -1.67 -4.05
CA LYS C 488 50.51 -2.36 -5.07
C LYS C 488 50.39 -3.86 -4.75
N THR C 489 51.48 -4.47 -4.31
CA THR C 489 51.52 -5.93 -4.04
C THR C 489 50.68 -6.20 -2.82
N SER C 490 50.66 -5.27 -1.88
CA SER C 490 49.68 -5.39 -0.73
C SER C 490 48.20 -5.35 -1.18
N GLU C 491 47.87 -4.48 -2.11
CA GLU C 491 46.57 -4.38 -2.65
C GLU C 491 46.17 -5.70 -3.31
N TRP C 492 47.08 -6.25 -4.14
CA TRP C 492 46.84 -7.53 -4.76
C TRP C 492 46.60 -8.64 -3.73
N ASN C 493 47.48 -8.63 -2.77
CA ASN C 493 47.45 -9.68 -1.70
C ASN C 493 46.14 -9.66 -0.92
N LYS C 494 45.60 -8.50 -0.66
CA LYS C 494 44.34 -8.40 0.08
C LYS C 494 43.18 -8.88 -0.79
N ALA C 495 43.18 -8.55 -2.09
CA ALA C 495 42.17 -9.06 -3.06
C ALA C 495 42.28 -10.57 -3.20
N VAL C 496 43.48 -11.14 -3.25
CA VAL C 496 43.62 -12.65 -3.22
C VAL C 496 43.10 -13.27 -1.91
N GLU C 497 43.37 -12.60 -0.83
CA GLU C 497 42.85 -13.09 0.49
C GLU C 497 41.33 -13.08 0.46
N ARG C 498 40.71 -11.98 0.00
CA ARG C 498 39.23 -11.87 -0.11
C ARG C 498 38.71 -13.02 -0.95
N THR C 499 39.41 -13.34 -2.01
CA THR C 499 38.97 -14.38 -2.97
C THR C 499 39.04 -15.82 -2.37
N LEU C 500 39.98 -16.02 -1.46
CA LEU C 500 40.36 -17.36 -0.91
C LEU C 500 39.79 -17.63 0.48
N ILE C 501 39.45 -16.60 1.23
CA ILE C 501 39.04 -16.78 2.64
C ILE C 501 37.85 -17.75 2.72
N GLN C 502 37.94 -18.65 3.69
CA GLN C 502 36.93 -19.65 3.94
C GLN C 502 35.92 -19.10 4.94
N LEU C 503 34.65 -19.03 4.48
CA LEU C 503 33.53 -18.42 5.24
C LEU C 503 32.38 -19.47 5.40
N GLY D 1 -17.58 40.05 54.43
CA GLY D 1 -18.70 40.95 54.82
C GLY D 1 -18.26 42.36 55.13
N SER D 2 -18.87 43.40 54.53
CA SER D 2 -20.19 43.28 53.87
C SER D 2 -20.05 43.00 52.41
N MET D 3 -20.53 41.81 52.03
CA MET D 3 -20.43 41.41 50.64
C MET D 3 -21.76 41.86 50.00
N ASN D 4 -21.65 42.84 49.11
CA ASN D 4 -22.81 43.37 48.30
C ASN D 4 -22.87 42.55 47.01
N VAL D 5 -24.08 42.05 46.75
CA VAL D 5 -24.26 41.15 45.63
C VAL D 5 -25.54 41.52 44.88
N ILE D 6 -25.52 41.05 43.64
CA ILE D 6 -26.63 41.16 42.72
C ILE D 6 -27.09 39.73 42.49
N LEU D 7 -28.39 39.49 42.61
CA LEU D 7 -28.94 38.17 42.26
C LEU D 7 -29.49 38.23 40.86
N SER D 8 -29.06 37.34 40.01
CA SER D 8 -29.54 37.23 38.65
C SER D 8 -30.22 35.85 38.56
N ILE D 9 -31.47 35.87 38.19
CA ILE D 9 -32.28 34.69 37.95
C ILE D 9 -32.42 34.45 36.49
N ASP D 10 -32.07 33.23 36.04
CA ASP D 10 -32.25 32.84 34.62
C ASP D 10 -33.19 31.64 34.64
N GLN D 11 -34.47 31.92 34.41
CA GLN D 11 -35.47 30.90 34.40
C GLN D 11 -35.48 30.40 32.93
N SER D 12 -34.74 29.31 32.66
CA SER D 12 -34.50 28.88 31.31
C SER D 12 -35.47 27.79 30.89
N THR D 13 -35.30 27.25 29.67
CA THR D 13 -36.20 26.29 29.15
C THR D 13 -36.16 25.02 29.97
N GLN D 14 -34.94 24.49 30.18
CA GLN D 14 -34.73 23.21 30.79
C GLN D 14 -34.43 23.21 32.27
N SER D 15 -34.08 24.39 32.79
CA SER D 15 -33.72 24.52 34.18
C SER D 15 -33.85 25.97 34.60
N THR D 16 -33.83 26.19 35.91
CA THR D 16 -33.73 27.52 36.54
C THR D 16 -32.35 27.68 37.19
N LYS D 17 -31.72 28.82 36.96
CA LYS D 17 -30.39 29.07 37.44
C LYS D 17 -30.42 30.35 38.24
N VAL D 18 -29.70 30.33 39.34
CA VAL D 18 -29.47 31.52 40.15
C VAL D 18 -27.94 31.80 40.17
N PHE D 19 -27.59 33.06 39.97
CA PHE D 19 -26.19 33.54 40.11
C PHE D 19 -26.18 34.73 41.01
N PHE D 20 -25.23 34.70 41.91
CA PHE D 20 -24.96 35.83 42.80
C PHE D 20 -23.63 36.43 42.34
N TYR D 21 -23.70 37.66 41.90
CA TYR D 21 -22.56 38.39 41.38
C TYR D 21 -22.09 39.46 42.37
N ASP D 22 -20.79 39.59 42.58
CA ASP D 22 -20.31 40.74 43.33
C ASP D 22 -20.34 42.00 42.48
N GLU D 23 -20.04 43.19 43.05
CA GLU D 23 -20.18 44.42 42.26
C GLU D 23 -19.14 44.60 41.17
N GLU D 24 -18.18 43.70 41.09
CA GLU D 24 -17.24 43.60 39.98
C GLU D 24 -17.62 42.52 38.97
N LEU D 25 -18.83 41.98 39.15
CA LEU D 25 -19.35 40.95 38.25
C LEU D 25 -18.64 39.62 38.21
N ASN D 26 -17.98 39.28 39.33
CA ASN D 26 -17.52 37.93 39.58
C ASN D 26 -18.69 37.14 40.21
N ILE D 27 -18.83 35.91 39.73
CA ILE D 27 -19.76 34.99 40.31
C ILE D 27 -19.28 34.56 41.74
N VAL D 28 -20.02 34.91 42.76
CA VAL D 28 -19.69 34.47 44.11
C VAL D 28 -20.47 33.18 44.52
N HIS D 29 -21.61 32.90 43.89
CA HIS D 29 -22.27 31.64 44.07
C HIS D 29 -23.23 31.42 42.91
N SER D 30 -23.43 30.16 42.55
CA SER D 30 -24.43 29.82 41.51
C SER D 30 -24.98 28.40 41.76
N ASN D 31 -26.20 28.17 41.35
CA ASN D 31 -26.82 26.85 41.38
C ASN D 31 -27.94 26.75 40.36
N ASN D 32 -28.41 25.53 40.15
CA ASN D 32 -29.53 25.30 39.28
C ASN D 32 -30.35 24.08 39.66
N LEU D 33 -31.59 24.05 39.14
CA LEU D 33 -32.46 22.87 39.25
C LEU D 33 -33.21 22.72 37.90
N ASN D 34 -33.27 21.47 37.39
CA ASN D 34 -34.04 21.12 36.24
C ASN D 34 -35.50 21.12 36.65
N HIS D 35 -36.36 21.30 35.67
CA HIS D 35 -37.83 21.02 35.78
C HIS D 35 -38.23 20.20 34.58
N GLU D 36 -39.38 19.57 34.74
CA GLU D 36 -39.82 18.60 33.76
C GLU D 36 -40.20 19.24 32.47
N GLN D 37 -39.75 18.59 31.40
CA GLN D 37 -40.14 18.99 30.01
C GLN D 37 -41.27 18.04 29.58
N LYS D 38 -42.48 18.49 29.70
CA LYS D 38 -43.63 17.62 29.45
C LYS D 38 -44.00 17.60 27.98
N CYS D 39 -43.82 16.45 27.35
CA CYS D 39 -44.11 16.30 25.87
C CYS D 39 -45.06 15.08 25.71
N LEU D 40 -46.30 15.28 26.09
CA LEU D 40 -47.17 14.15 26.25
C LEU D 40 -47.93 13.67 25.04
N LYS D 41 -48.02 14.51 23.99
CA LYS D 41 -48.62 14.18 22.72
C LYS D 41 -47.67 14.82 21.67
N PRO D 42 -47.68 14.33 20.43
CA PRO D 42 -46.96 15.01 19.35
C PRO D 42 -47.28 16.53 19.26
N GLY D 43 -46.24 17.37 19.35
CA GLY D 43 -46.48 18.77 19.26
C GLY D 43 -46.65 19.44 20.62
N TRP D 44 -46.98 18.71 21.70
CA TRP D 44 -47.24 19.38 22.95
C TRP D 44 -45.92 19.53 23.75
N TYR D 45 -45.73 20.66 24.43
CA TYR D 45 -44.52 20.91 25.19
C TYR D 45 -45.00 21.92 26.28
N GLU D 46 -45.04 21.39 27.52
CA GLU D 46 -45.49 22.13 28.68
C GLU D 46 -44.51 22.14 29.85
N HIS D 47 -44.62 23.15 30.73
CA HIS D 47 -43.95 23.13 31.99
C HIS D 47 -45.01 23.28 33.08
N ASP D 48 -44.66 22.82 34.28
CA ASP D 48 -45.47 23.00 35.50
C ASP D 48 -45.04 24.35 36.11
N PRO D 49 -45.89 25.35 36.06
CA PRO D 49 -45.49 26.67 36.59
C PRO D 49 -45.21 26.73 38.09
N ILE D 50 -45.83 25.83 38.88
CA ILE D 50 -45.60 25.80 40.29
C ILE D 50 -44.26 25.10 40.59
N GLU D 51 -43.94 24.04 39.83
CA GLU D 51 -42.56 23.46 39.91
C GLU D 51 -41.45 24.49 39.64
N ILE D 52 -41.63 25.31 38.62
CA ILE D 52 -40.63 26.35 38.34
C ILE D 52 -40.50 27.25 39.60
N MET D 53 -41.62 27.67 40.17
CA MET D 53 -41.56 28.62 41.28
C MET D 53 -40.91 27.99 42.51
N THR D 54 -41.31 26.77 42.77
CA THR D 54 -40.76 26.01 43.89
C THR D 54 -39.23 25.85 43.82
N ASN D 55 -38.76 25.56 42.62
CA ASN D 55 -37.38 25.45 42.31
C ASN D 55 -36.67 26.78 42.53
N LEU D 56 -37.25 27.88 42.04
CA LEU D 56 -36.64 29.19 42.24
C LEU D 56 -36.52 29.52 43.71
N TYR D 57 -37.61 29.34 44.46
CA TYR D 57 -37.58 29.67 45.92
C TYR D 57 -36.50 28.85 46.61
N ASN D 58 -36.44 27.56 46.30
CA ASN D 58 -35.41 26.71 46.91
C ASN D 58 -33.98 27.12 46.55
N LEU D 59 -33.76 27.51 45.31
CA LEU D 59 -32.45 28.01 44.85
C LEU D 59 -32.11 29.34 45.56
N MET D 60 -33.06 30.27 45.69
CA MET D 60 -32.78 31.59 46.33
C MET D 60 -32.41 31.38 47.78
N ASN D 61 -33.11 30.45 48.41
CA ASN D 61 -32.94 30.21 49.86
C ASN D 61 -31.64 29.53 50.09
N GLU D 62 -31.36 28.55 49.27
CA GLU D 62 -29.98 27.92 49.35
C GLU D 62 -28.85 28.91 49.15
N GLY D 63 -28.98 29.78 48.14
CA GLY D 63 -27.91 30.72 47.81
C GLY D 63 -27.65 31.71 48.93
N ILE D 64 -28.70 32.25 49.53
CA ILE D 64 -28.50 33.24 50.59
C ILE D 64 -27.86 32.51 51.85
N LYS D 65 -28.24 31.27 52.08
CA LYS D 65 -27.58 30.45 53.15
C LYS D 65 -26.07 30.31 52.89
N VAL D 66 -25.72 29.93 51.66
CA VAL D 66 -24.35 29.77 51.31
C VAL D 66 -23.54 31.08 51.48
N LEU D 67 -24.13 32.17 51.06
CA LEU D 67 -23.46 33.46 51.11
C LEU D 67 -23.22 33.88 52.53
N LYS D 68 -24.23 33.69 53.36
CA LYS D 68 -24.14 34.11 54.74
C LYS D 68 -23.26 33.17 55.52
N ASP D 69 -23.18 31.88 55.16
CA ASP D 69 -22.21 30.94 55.76
C ASP D 69 -20.76 31.46 55.45
N LYS D 70 -20.53 32.10 54.29
CA LYS D 70 -19.20 32.42 53.73
C LYS D 70 -18.73 33.85 53.99
N TYR D 71 -19.66 34.78 54.16
CA TYR D 71 -19.33 36.20 54.34
C TYR D 71 -19.97 36.68 55.63
N THR D 72 -19.39 37.71 56.21
CA THR D 72 -19.81 38.12 57.57
C THR D 72 -21.11 38.94 57.54
N SER D 73 -21.32 39.65 56.46
CA SER D 73 -22.59 40.32 56.25
C SER D 73 -22.81 40.24 54.75
N VAL D 74 -24.05 39.97 54.38
CA VAL D 74 -24.44 39.89 52.93
C VAL D 74 -25.57 40.89 52.70
N ILE D 75 -25.42 41.75 51.71
CA ILE D 75 -26.51 42.57 51.28
C ILE D 75 -26.77 42.26 49.82
N ILE D 76 -27.97 41.80 49.51
CA ILE D 76 -28.44 41.67 48.17
C ILE D 76 -29.01 43.03 47.74
N LYS D 77 -28.28 43.71 46.87
CA LYS D 77 -28.62 45.07 46.46
C LYS D 77 -29.86 45.10 45.57
N CYS D 78 -30.03 44.05 44.76
CA CYS D 78 -31.06 44.05 43.75
C CYS D 78 -31.15 42.64 43.11
N ILE D 79 -32.26 42.46 42.44
CA ILE D 79 -32.50 41.25 41.65
C ILE D 79 -32.81 41.55 40.20
N GLY D 80 -32.16 40.82 39.31
CA GLY D 80 -32.44 40.90 37.87
C GLY D 80 -33.05 39.55 37.46
N ILE D 81 -34.02 39.61 36.54
CA ILE D 81 -34.77 38.43 36.06
C ILE D 81 -34.64 38.37 34.53
N THR D 82 -34.34 37.17 34.07
CA THR D 82 -34.37 36.88 32.65
C THR D 82 -34.92 35.50 32.46
N ASN D 83 -35.43 35.22 31.28
CA ASN D 83 -36.34 34.07 31.14
C ASN D 83 -36.43 33.56 29.71
N GLN D 84 -36.71 32.27 29.59
CA GLN D 84 -37.21 31.69 28.35
C GLN D 84 -38.41 32.52 27.90
N ARG D 85 -38.36 32.92 26.65
CA ARG D 85 -39.39 33.77 26.05
C ARG D 85 -40.62 32.95 25.51
N GLU D 86 -41.69 33.67 25.12
CA GLU D 86 -42.90 33.17 24.44
C GLU D 86 -43.79 32.25 25.25
N THR D 87 -43.12 31.42 26.07
CA THR D 87 -43.81 30.51 27.04
C THR D 87 -44.82 31.34 27.81
N VAL D 88 -46.04 30.83 27.89
CA VAL D 88 -47.18 31.59 28.42
C VAL D 88 -47.94 30.78 29.50
N ILE D 89 -48.38 31.51 30.56
CA ILE D 89 -49.14 30.98 31.64
C ILE D 89 -50.33 31.95 31.87
N ILE D 90 -51.52 31.43 32.13
CA ILE D 90 -52.72 32.24 32.43
C ILE D 90 -53.10 31.76 33.85
N TRP D 91 -53.27 32.73 34.74
CA TRP D 91 -53.58 32.43 36.18
C TRP D 91 -54.61 33.36 36.75
N ASP D 92 -55.17 32.96 37.87
CA ASP D 92 -56.12 33.80 38.58
C ASP D 92 -55.40 34.95 39.29
N ARG D 93 -55.98 36.14 39.15
CA ARG D 93 -55.35 37.33 39.71
C ARG D 93 -55.26 37.34 41.22
N ILE D 94 -56.31 36.89 41.89
CA ILE D 94 -56.29 36.89 43.36
C ILE D 94 -55.42 35.81 43.98
N THR D 95 -55.66 34.57 43.54
CA THR D 95 -55.01 33.42 44.16
C THR D 95 -53.62 33.08 43.61
N GLY D 96 -53.34 33.50 42.37
CA GLY D 96 -52.18 33.11 41.65
C GLY D 96 -52.19 31.71 41.10
N LYS D 97 -53.34 31.04 41.19
CA LYS D 97 -53.44 29.69 40.73
C LYS D 97 -53.38 29.67 39.19
N PRO D 98 -52.48 28.85 38.61
CA PRO D 98 -52.54 28.68 37.18
C PRO D 98 -53.81 28.01 36.70
N LEU D 99 -54.33 28.48 35.59
CA LEU D 99 -55.49 27.86 34.94
C LEU D 99 -55.22 26.69 34.00
N TYR D 100 -53.90 26.50 33.73
CA TYR D 100 -53.41 25.49 32.86
C TYR D 100 -51.90 25.56 33.01
N ASN D 101 -51.19 24.49 32.61
CA ASN D 101 -49.72 24.49 32.56
C ASN D 101 -49.20 25.62 31.72
N ALA D 102 -47.92 25.88 31.86
CA ALA D 102 -47.22 26.78 30.92
C ALA D 102 -47.19 26.02 29.57
N ILE D 103 -47.51 26.72 28.50
CA ILE D 103 -47.33 26.21 27.13
C ILE D 103 -46.01 26.88 26.60
N VAL D 104 -45.04 26.02 26.34
CA VAL D 104 -43.65 26.46 26.13
C VAL D 104 -43.55 26.97 24.70
N TRP D 105 -42.54 27.84 24.47
CA TRP D 105 -42.24 28.32 23.13
C TRP D 105 -42.14 27.19 22.08
N LEU D 106 -41.58 26.04 22.46
CA LEU D 106 -41.37 24.92 21.60
C LEU D 106 -42.67 24.15 21.20
N ASP D 107 -43.79 24.44 21.88
CA ASP D 107 -45.03 23.69 21.65
C ASP D 107 -45.46 24.10 20.20
N THR D 108 -46.09 23.12 19.52
CA THR D 108 -46.60 23.37 18.12
C THR D 108 -47.99 22.88 17.92
N ARG D 109 -48.74 22.66 19.05
CA ARG D 109 -50.13 22.26 18.86
C ARG D 109 -51.01 23.17 18.06
N VAL D 110 -50.60 24.43 18.01
CA VAL D 110 -51.32 25.46 17.29
C VAL D 110 -51.10 25.43 15.75
N GLU D 111 -50.35 24.47 15.23
CA GLU D 111 -50.09 24.40 13.75
C GLU D 111 -51.37 24.60 12.92
N GLU D 112 -52.42 23.85 13.26
CA GLU D 112 -53.64 23.96 12.50
C GLU D 112 -54.30 25.37 12.54
N LEU D 113 -54.34 25.98 13.72
CA LEU D 113 -54.86 27.34 13.92
C LEU D 113 -54.07 28.32 13.12
N VAL D 114 -52.73 28.16 13.15
CA VAL D 114 -51.86 29.09 12.39
C VAL D 114 -52.12 28.99 10.93
N THR D 115 -52.27 27.78 10.41
CA THR D 115 -52.63 27.63 9.00
C THR D 115 -53.99 28.36 8.68
N GLU D 116 -54.98 28.10 9.54
CA GLU D 116 -56.30 28.66 9.36
C GLU D 116 -56.25 30.20 9.35
N PHE D 117 -55.64 30.80 10.37
CA PHE D 117 -55.60 32.27 10.48
C PHE D 117 -54.70 32.87 9.42
N SER D 118 -53.61 32.20 9.09
CA SER D 118 -52.68 32.78 8.12
C SER D 118 -53.36 32.94 6.79
N ALA D 119 -54.27 32.07 6.42
CA ALA D 119 -54.92 32.21 5.06
C ALA D 119 -55.90 33.41 5.02
N LYS D 120 -56.23 33.98 6.19
CA LYS D 120 -57.23 35.06 6.30
C LYS D 120 -56.67 36.48 6.54
N TYR D 121 -55.38 36.59 6.83
CA TYR D 121 -54.75 37.86 7.07
C TYR D 121 -53.54 38.04 6.19
N ASN D 122 -53.23 39.27 5.77
CA ASN D 122 -51.98 39.57 5.03
C ASN D 122 -50.86 39.65 6.07
N ASN D 123 -49.92 38.74 5.93
CA ASN D 123 -48.73 38.71 6.86
C ASN D 123 -47.90 39.98 6.77
N ASN D 124 -47.91 40.72 5.66
CA ASN D 124 -47.22 42.01 5.66
C ASN D 124 -47.74 42.98 6.68
N ASP D 125 -49.07 42.98 6.86
CA ASP D 125 -49.73 43.82 7.81
C ASP D 125 -49.38 43.34 9.22
N ILE D 126 -49.40 42.01 9.40
CA ILE D 126 -49.08 41.48 10.73
C ILE D 126 -47.60 41.77 11.12
N GLN D 127 -46.71 41.68 10.14
CA GLN D 127 -45.30 41.96 10.36
C GLN D 127 -45.11 43.43 10.60
N LYS D 128 -45.78 44.29 9.82
CA LYS D 128 -45.58 45.74 10.05
C LYS D 128 -45.98 46.10 11.47
N LYS D 129 -47.08 45.49 11.97
CA LYS D 129 -47.54 45.84 13.32
C LYS D 129 -46.61 45.28 14.44
N THR D 130 -46.28 44.01 14.35
CA THR D 130 -45.69 43.25 15.42
C THR D 130 -44.23 42.85 15.24
N GLY D 131 -43.70 42.88 14.02
CA GLY D 131 -42.29 42.40 13.76
C GLY D 131 -42.16 40.96 13.21
N THR D 132 -43.31 40.25 13.19
CA THR D 132 -43.30 38.91 12.77
C THR D 132 -44.57 38.56 11.96
N TYR D 133 -44.48 37.48 11.21
CA TYR D 133 -45.66 36.83 10.61
C TYR D 133 -46.31 35.95 11.71
N PHE D 134 -47.56 35.56 11.47
CA PHE D 134 -48.14 34.48 12.28
C PHE D 134 -47.21 33.27 12.27
N ASN D 135 -47.02 32.65 13.46
CA ASN D 135 -46.23 31.47 13.57
C ASN D 135 -46.70 30.68 14.80
N THR D 136 -46.12 29.51 14.97
CA THR D 136 -46.48 28.60 16.12
C THR D 136 -45.70 28.95 17.41
N TYR D 137 -44.81 29.94 17.32
CA TYR D 137 -43.74 30.20 18.24
C TYR D 137 -44.07 31.23 19.29
N PHE D 138 -44.59 32.35 18.84
CA PHE D 138 -45.00 33.46 19.76
C PHE D 138 -46.16 33.09 20.65
N SER D 139 -46.43 33.93 21.63
CA SER D 139 -47.40 33.51 22.66
C SER D 139 -48.83 33.44 22.08
N ALA D 140 -49.17 34.37 21.19
CA ALA D 140 -50.56 34.65 20.92
C ALA D 140 -51.41 33.43 20.54
N PHE D 141 -50.90 32.61 19.57
CA PHE D 141 -51.72 31.46 19.16
C PHE D 141 -51.93 30.51 20.31
N LYS D 142 -50.99 30.40 21.19
CA LYS D 142 -51.16 29.51 22.44
C LYS D 142 -52.27 30.04 23.35
N ILE D 143 -52.31 31.34 23.49
CA ILE D 143 -53.37 32.02 24.25
C ILE D 143 -54.74 31.77 23.56
N LEU D 144 -54.77 31.90 22.26
CA LEU D 144 -55.98 31.60 21.51
C LEU D 144 -56.45 30.17 21.65
N TRP D 145 -55.52 29.24 21.57
CA TRP D 145 -55.85 27.80 21.74
C TRP D 145 -56.46 27.59 23.11
N LEU D 146 -55.85 28.17 24.14
CA LEU D 146 -56.41 28.05 25.50
C LEU D 146 -57.80 28.66 25.64
N ILE D 147 -58.03 29.84 25.01
CA ILE D 147 -59.39 30.40 24.94
C ILE D 147 -60.39 29.46 24.25
N GLN D 148 -59.98 28.87 23.15
CA GLN D 148 -60.88 28.04 22.37
C GLN D 148 -61.16 26.71 23.04
N ASN D 149 -60.28 26.21 23.90
CA ASN D 149 -60.37 24.83 24.45
C ASN D 149 -60.66 24.81 25.93
N ASN D 150 -60.66 25.97 26.57
CA ASN D 150 -60.78 26.00 28.07
C ASN D 150 -61.75 27.12 28.42
N PRO D 151 -63.05 26.80 28.56
CA PRO D 151 -64.03 27.84 28.83
C PRO D 151 -63.74 28.65 30.13
N GLU D 152 -63.12 28.09 31.16
CA GLU D 152 -62.78 28.88 32.36
C GLU D 152 -61.77 30.01 32.04
N ILE D 153 -60.78 29.71 31.17
CA ILE D 153 -59.84 30.70 30.72
C ILE D 153 -60.52 31.78 29.87
N LYS D 154 -61.34 31.38 28.88
CA LYS D 154 -62.14 32.33 28.10
C LYS D 154 -62.94 33.24 29.01
N GLN D 155 -63.65 32.65 30.01
CA GLN D 155 -64.48 33.42 30.89
C GLN D 155 -63.72 34.43 31.81
N LYS D 156 -62.57 34.00 32.34
CA LYS D 156 -61.81 34.78 33.26
C LYS D 156 -61.03 35.88 32.52
N ILE D 157 -60.69 35.64 31.29
CA ILE D 157 -60.16 36.73 30.42
C ILE D 157 -61.25 37.78 30.18
N ASP D 158 -62.43 37.34 29.77
CA ASP D 158 -63.54 38.26 29.51
C ASP D 158 -63.93 39.06 30.74
N ASP D 159 -63.94 38.47 31.94
CA ASP D 159 -64.37 39.16 33.12
C ASP D 159 -63.22 39.89 33.85
N GLY D 160 -62.00 39.77 33.31
CA GLY D 160 -60.88 40.52 33.90
C GLY D 160 -60.33 39.96 35.18
N THR D 161 -60.59 38.68 35.52
CA THR D 161 -60.05 38.05 36.75
C THR D 161 -58.80 37.21 36.49
N ALA D 162 -58.43 37.04 35.21
CA ALA D 162 -57.15 36.33 34.82
C ALA D 162 -56.01 37.32 34.60
N VAL D 163 -54.78 36.83 34.64
CA VAL D 163 -53.58 37.48 34.17
C VAL D 163 -52.99 36.55 33.12
N ILE D 164 -52.63 37.14 31.99
CA ILE D 164 -51.89 36.47 30.94
C ILE D 164 -50.44 36.95 31.05
N GLY D 165 -49.56 35.99 31.22
CA GLY D 165 -48.14 36.30 31.43
C GLY D 165 -47.13 35.37 30.80
N ASN D 166 -46.03 35.98 30.36
CA ASN D 166 -44.86 35.26 30.05
C ASN D 166 -44.14 34.93 31.41
N ILE D 167 -43.04 34.19 31.33
CA ILE D 167 -42.38 33.65 32.55
C ILE D 167 -41.92 34.74 33.44
N ASN D 168 -41.39 35.79 32.85
CA ASN D 168 -40.96 36.98 33.67
C ASN D 168 -42.08 37.55 34.52
N THR D 169 -43.26 37.71 33.89
CA THR D 169 -44.45 38.18 34.57
C THR D 169 -44.86 37.25 35.68
N TRP D 170 -44.82 35.94 35.42
CA TRP D 170 -45.08 34.95 36.47
C TRP D 170 -44.13 34.98 37.66
N LEU D 171 -42.83 35.09 37.39
CA LEU D 171 -41.88 35.16 38.48
C LEU D 171 -42.11 36.44 39.32
N ILE D 172 -42.35 37.56 38.64
CA ILE D 172 -42.44 38.86 39.35
C ILE D 172 -43.72 38.84 40.21
N PHE D 173 -44.79 38.32 39.63
CA PHE D 173 -46.08 38.23 40.28
C PHE D 173 -45.99 37.49 41.59
N ASN D 174 -45.37 36.33 41.53
CA ASN D 174 -45.21 35.50 42.72
C ASN D 174 -44.27 36.08 43.75
N LEU D 175 -43.13 36.59 43.27
CA LEU D 175 -42.13 37.18 44.20
C LEU D 175 -42.67 38.40 44.99
N THR D 176 -43.42 39.25 44.27
CA THR D 176 -43.95 40.48 44.80
C THR D 176 -45.32 40.36 45.43
N LYS D 177 -45.88 39.17 45.39
CA LYS D 177 -47.26 38.97 45.81
C LYS D 177 -48.26 39.89 45.09
N GLY D 178 -48.12 39.92 43.76
CA GLY D 178 -49.14 40.49 42.90
C GLY D 178 -48.83 41.50 41.83
N ASN D 179 -47.64 42.08 41.75
CA ASN D 179 -47.34 43.00 40.66
C ASN D 179 -47.49 42.26 39.34
N CYS D 180 -48.03 42.97 38.35
CA CYS D 180 -48.27 42.45 37.00
C CYS D 180 -47.51 43.36 36.02
N TYR D 181 -46.29 42.93 35.71
CA TYR D 181 -45.42 43.67 34.81
C TYR D 181 -44.84 42.76 33.79
N THR D 182 -44.48 43.35 32.64
CA THR D 182 -43.53 42.73 31.73
C THR D 182 -42.53 43.79 31.32
N ASP D 183 -41.62 43.42 30.42
CA ASP D 183 -40.66 44.35 29.84
C ASP D 183 -40.87 44.32 28.35
N VAL D 184 -40.36 45.35 27.73
CA VAL D 184 -40.56 45.53 26.31
C VAL D 184 -40.00 44.39 25.47
N THR D 185 -38.94 43.70 25.91
CA THR D 185 -38.42 42.61 25.07
C THR D 185 -39.35 41.37 25.10
N ASN D 186 -39.83 41.03 26.30
CA ASN D 186 -40.77 39.94 26.45
C ASN D 186 -42.11 40.22 25.73
N ALA D 187 -42.58 41.45 25.88
CA ALA D 187 -43.85 41.90 25.21
C ALA D 187 -43.76 41.75 23.71
N SER D 188 -42.56 42.00 23.16
CA SER D 188 -42.38 41.92 21.69
C SER D 188 -42.45 40.44 21.16
N ARG D 189 -42.52 39.46 22.08
CA ARG D 189 -42.55 38.01 21.73
C ARG D 189 -43.94 37.35 21.84
N THR D 190 -44.94 38.19 22.04
CA THR D 190 -46.33 37.81 22.22
C THR D 190 -47.24 37.77 20.99
N LEU D 191 -46.87 38.51 19.94
CA LEU D 191 -47.67 38.82 18.77
C LEU D 191 -48.82 39.75 19.07
N LEU D 192 -48.78 40.40 20.27
CA LEU D 192 -49.81 41.35 20.72
C LEU D 192 -49.36 42.81 20.83
N MET D 193 -48.03 43.03 20.77
CA MET D 193 -47.51 44.40 20.95
C MET D 193 -47.24 45.06 19.61
N ASP D 194 -47.52 46.35 19.53
CA ASP D 194 -47.11 47.19 18.37
C ASP D 194 -45.60 47.45 18.48
N ILE D 195 -44.83 46.98 17.51
CA ILE D 195 -43.36 46.93 17.60
C ILE D 195 -42.75 48.38 17.56
N ASN D 196 -43.55 49.29 17.01
CA ASN D 196 -43.14 50.74 16.89
C ASN D 196 -43.57 51.53 18.15
N THR D 197 -44.82 51.39 18.61
CA THR D 197 -45.29 52.19 19.73
C THR D 197 -44.94 51.59 21.07
N LEU D 198 -44.66 50.28 21.08
CA LEU D 198 -44.31 49.54 22.35
C LEU D 198 -45.54 49.44 23.25
N GLN D 199 -46.77 49.42 22.67
CA GLN D 199 -47.99 49.22 23.45
C GLN D 199 -48.72 47.98 23.03
N TRP D 200 -49.54 47.40 23.92
CA TRP D 200 -50.37 46.30 23.52
C TRP D 200 -51.28 46.93 22.43
N ASP D 201 -51.51 46.14 21.41
CA ASP D 201 -52.31 46.51 20.22
C ASP D 201 -53.73 45.96 20.31
N GLU D 202 -54.68 46.87 20.20
CA GLU D 202 -56.08 46.45 20.28
C GLU D 202 -56.45 45.53 19.10
N LYS D 203 -56.04 45.85 17.87
CA LYS D 203 -56.36 44.94 16.76
C LYS D 203 -55.80 43.55 16.92
N MET D 204 -54.55 43.44 17.39
CA MET D 204 -53.95 42.13 17.56
C MET D 204 -54.76 41.38 18.63
N CYS D 205 -55.11 42.05 19.69
CA CYS D 205 -55.88 41.36 20.74
C CYS D 205 -57.20 40.88 20.24
N LYS D 206 -57.84 41.69 19.45
CA LYS D 206 -59.10 41.27 18.85
C LYS D 206 -58.97 40.02 17.98
N ILE D 207 -57.93 39.99 17.12
CA ILE D 207 -57.66 38.77 16.34
C ILE D 207 -57.57 37.52 17.24
N PHE D 208 -56.89 37.64 18.37
CA PHE D 208 -56.60 36.48 19.24
C PHE D 208 -57.66 36.31 20.31
N ASN D 209 -58.76 37.02 20.17
CA ASN D 209 -59.95 36.77 21.09
C ASN D 209 -59.69 37.20 22.55
N ILE D 210 -58.80 38.17 22.71
CA ILE D 210 -58.54 38.74 23.99
C ILE D 210 -59.41 39.95 24.13
N THR D 211 -60.63 39.73 24.67
CA THR D 211 -61.69 40.72 24.69
C THR D 211 -61.48 41.81 25.76
N ASN D 212 -60.59 41.56 26.70
CA ASN D 212 -60.36 42.43 27.83
C ASN D 212 -58.90 42.62 28.06
N MET D 213 -58.36 43.78 27.65
CA MET D 213 -56.93 44.00 27.67
C MET D 213 -56.39 44.24 29.07
N SER D 214 -57.26 44.39 30.07
CA SER D 214 -56.78 44.61 31.40
C SER D 214 -56.07 43.38 32.04
N VAL D 215 -56.18 42.22 31.41
CA VAL D 215 -55.49 41.01 31.83
C VAL D 215 -54.00 40.97 31.46
N LEU D 216 -53.59 41.94 30.64
CA LEU D 216 -52.19 42.11 30.20
C LEU D 216 -51.44 42.96 31.15
N PRO D 217 -50.22 42.58 31.43
CA PRO D 217 -49.41 43.37 32.35
C PRO D 217 -48.82 44.64 31.74
N GLU D 218 -48.53 45.62 32.61
CA GLU D 218 -47.91 46.86 32.16
C GLU D 218 -46.52 46.62 31.60
N ILE D 219 -46.24 47.20 30.44
CA ILE D 219 -44.91 47.03 29.74
C ILE D 219 -43.97 48.06 30.27
N LYS D 220 -42.90 47.57 30.78
CA LYS D 220 -41.84 48.40 31.43
C LYS D 220 -40.56 48.38 30.61
N SER D 221 -39.72 49.36 30.86
CA SER D 221 -38.31 49.30 30.34
C SER D 221 -37.52 48.21 31.09
N ASN D 222 -36.33 47.88 30.60
CA ASN D 222 -35.58 46.77 31.10
C ASN D 222 -34.96 47.06 32.47
N CYS D 223 -34.61 48.34 32.67
CA CYS D 223 -34.21 48.88 34.01
C CYS D 223 -35.38 49.65 34.60
N SER D 224 -35.96 49.12 35.68
CA SER D 224 -37.20 49.65 36.20
C SER D 224 -37.47 49.19 37.61
N ASN D 225 -38.45 49.80 38.27
CA ASN D 225 -38.91 49.35 39.59
C ASN D 225 -40.00 48.28 39.44
N PHE D 226 -39.59 47.02 39.43
CA PHE D 226 -40.54 45.92 39.31
C PHE D 226 -41.21 45.53 40.60
N GLY D 227 -40.75 46.11 41.71
CA GLY D 227 -41.33 45.85 42.99
C GLY D 227 -40.35 45.29 43.96
N LEU D 228 -40.83 45.18 45.17
CA LEU D 228 -40.13 44.60 46.28
C LEU D 228 -40.56 43.16 46.48
N VAL D 229 -39.62 42.31 46.82
CA VAL D 229 -39.94 40.92 47.15
C VAL D 229 -40.75 40.89 48.46
N LYS D 230 -41.83 40.15 48.44
CA LYS D 230 -42.74 40.03 49.57
C LYS D 230 -43.09 38.60 49.88
N SER D 231 -42.79 37.65 48.96
CA SER D 231 -43.20 36.26 49.16
C SER D 231 -42.70 35.68 50.46
N GLU D 232 -43.60 35.06 51.20
CA GLU D 232 -43.20 34.36 52.43
C GLU D 232 -42.31 33.10 52.19
N HIS D 233 -42.24 32.64 50.95
CA HIS D 233 -41.39 31.50 50.59
C HIS D 233 -39.93 31.83 50.56
N VAL D 234 -39.58 33.13 50.49
CA VAL D 234 -38.18 33.58 50.52
C VAL D 234 -38.02 34.74 51.53
N PRO D 235 -38.12 34.41 52.82
CA PRO D 235 -38.18 35.44 53.89
C PRO D 235 -36.96 36.34 53.95
N ASP D 236 -35.77 35.78 53.69
CA ASP D 236 -34.55 36.56 53.76
C ASP D 236 -34.47 37.69 52.69
N TYR D 237 -35.35 37.59 51.66
CA TYR D 237 -35.34 38.52 50.56
C TYR D 237 -36.38 39.58 50.72
N LEU D 238 -37.02 39.61 51.88
CA LEU D 238 -38.11 40.62 52.12
C LEU D 238 -37.57 42.03 51.82
N ASN D 239 -38.31 42.75 50.99
CA ASN D 239 -38.02 44.13 50.63
C ASN D 239 -36.78 44.36 49.75
N ILE D 240 -36.20 43.29 49.19
CA ILE D 240 -35.17 43.44 48.15
C ILE D 240 -35.84 43.77 46.82
N PRO D 241 -35.36 44.86 46.14
CA PRO D 241 -35.99 45.28 44.88
C PRO D 241 -35.62 44.44 43.68
N ILE D 242 -36.62 44.19 42.83
CA ILE D 242 -36.42 43.63 41.50
C ILE D 242 -36.27 44.82 40.56
N THR D 243 -35.12 44.95 39.91
CA THR D 243 -34.76 46.16 39.19
C THR D 243 -34.37 46.00 37.74
N GLY D 244 -34.29 44.72 37.27
CA GLY D 244 -33.97 44.47 35.88
C GLY D 244 -34.76 43.27 35.38
N CYS D 245 -35.21 43.37 34.17
CA CYS D 245 -36.03 42.28 33.60
C CYS D 245 -35.90 42.32 32.05
N ILE D 246 -35.56 41.21 31.45
CA ILE D 246 -35.36 41.11 30.01
C ILE D 246 -35.49 39.68 29.54
N GLY D 247 -35.92 39.46 28.27
CA GLY D 247 -35.95 38.12 27.77
C GLY D 247 -34.55 37.54 27.63
N ASP D 248 -34.38 36.22 27.70
CA ASP D 248 -33.08 35.64 27.83
C ASP D 248 -32.13 35.91 26.68
N GLN D 249 -32.62 35.89 25.46
CA GLN D 249 -31.68 36.01 24.29
C GLN D 249 -31.25 37.48 24.18
N GLN D 250 -32.14 38.43 24.50
CA GLN D 250 -31.79 39.83 24.59
C GLN D 250 -30.82 40.07 25.78
N SER D 251 -31.00 39.31 26.84
CA SER D 251 -30.10 39.39 28.01
C SER D 251 -28.67 39.06 27.59
N ALA D 252 -28.55 38.08 26.71
CA ALA D 252 -27.23 37.68 26.13
C ALA D 252 -26.62 38.72 25.19
N CYS D 253 -27.44 39.61 24.64
CA CYS D 253 -26.98 40.81 23.94
C CYS D 253 -26.29 41.74 24.89
N ILE D 254 -26.93 42.00 26.02
CA ILE D 254 -26.32 42.90 27.04
C ILE D 254 -25.03 42.25 27.59
N GLY D 255 -25.06 40.97 27.93
CA GLY D 255 -23.91 40.32 28.43
C GLY D 255 -22.72 40.25 27.54
N GLN D 256 -22.94 40.30 26.21
CA GLN D 256 -21.88 40.26 25.14
C GLN D 256 -21.49 41.69 24.75
N ALA D 257 -22.18 42.69 25.31
CA ALA D 257 -21.96 44.11 25.01
C ALA D 257 -22.24 44.45 23.52
N ILE D 258 -23.32 43.87 22.97
CA ILE D 258 -23.75 44.02 21.57
C ILE D 258 -24.55 45.31 21.41
N PHE D 259 -23.89 46.45 21.58
CA PHE D 259 -24.54 47.73 21.84
C PHE D 259 -24.60 48.65 20.66
N ASP D 260 -23.79 48.39 19.66
CA ASP D 260 -23.67 49.27 18.48
C ASP D 260 -24.35 48.60 17.29
N GLU D 261 -24.85 49.44 16.38
CA GLU D 261 -25.55 49.01 15.21
C GLU D 261 -24.60 48.11 14.44
N GLY D 262 -25.11 46.97 14.02
CA GLY D 262 -24.35 46.03 13.22
C GLY D 262 -23.65 44.91 13.95
N GLU D 263 -23.57 45.05 15.28
CA GLU D 263 -22.99 43.99 16.05
C GLU D 263 -23.99 42.86 16.23
N ALA D 264 -23.46 41.67 16.26
CA ALA D 264 -24.25 40.46 16.28
C ALA D 264 -23.69 39.41 17.22
N LYS D 265 -24.61 38.66 17.84
CA LYS D 265 -24.28 37.54 18.69
C LYS D 265 -25.14 36.32 18.36
N CYS D 266 -24.62 35.17 18.76
CA CYS D 266 -25.33 33.89 18.72
C CYS D 266 -25.15 33.11 19.96
N THR D 267 -26.28 32.77 20.59
CA THR D 267 -26.27 31.97 21.80
C THR D 267 -26.72 30.53 21.48
N TYR D 268 -25.96 29.58 21.94
CA TYR D 268 -26.24 28.17 21.83
C TYR D 268 -26.73 27.67 23.13
N GLY D 269 -27.96 27.13 23.14
CA GLY D 269 -28.59 26.71 24.38
C GLY D 269 -29.59 25.61 23.98
N THR D 270 -30.74 25.62 24.66
CA THR D 270 -31.86 24.73 24.29
C THR D 270 -32.17 24.92 22.80
N GLY D 271 -32.27 26.18 22.40
CA GLY D 271 -32.33 26.56 21.02
C GLY D 271 -31.06 27.33 20.63
N VAL D 272 -30.97 27.81 19.40
CA VAL D 272 -29.89 28.74 19.00
C VAL D 272 -30.55 30.00 18.49
N PHE D 273 -29.98 31.15 18.95
CA PHE D 273 -30.63 32.43 18.70
C PHE D 273 -29.56 33.43 18.30
N LEU D 274 -29.67 33.90 17.08
CA LEU D 274 -28.75 34.98 16.59
C LEU D 274 -29.55 36.28 16.54
N LEU D 275 -28.94 37.36 17.10
CA LEU D 275 -29.50 38.64 17.12
C LEU D 275 -28.43 39.62 16.65
N ILE D 276 -28.88 40.47 15.76
CA ILE D 276 -28.07 41.62 15.23
C ILE D 276 -28.75 42.90 15.65
N ASN D 277 -27.97 43.81 16.25
CA ASN D 277 -28.43 45.07 16.73
C ASN D 277 -28.53 46.00 15.47
N THR D 278 -29.70 46.56 15.30
CA THR D 278 -30.08 47.39 14.16
C THR D 278 -30.14 48.86 14.60
N GLY D 279 -29.59 49.20 15.74
CA GLY D 279 -29.71 50.56 16.26
C GLY D 279 -31.11 51.00 16.64
N GLU D 280 -31.42 52.28 16.40
CA GLU D 280 -32.73 52.82 16.65
C GLU D 280 -33.72 52.54 15.51
N LYS D 281 -33.21 52.02 14.40
CA LYS D 281 -34.01 51.69 13.18
C LYS D 281 -34.73 50.33 13.30
N VAL D 282 -36.03 50.36 13.02
CA VAL D 282 -36.84 49.11 12.81
C VAL D 282 -36.51 48.61 11.41
N VAL D 283 -35.97 47.40 11.33
CA VAL D 283 -35.71 46.77 10.05
C VAL D 283 -36.67 45.57 9.92
N TYR D 284 -37.46 45.62 8.88
CA TYR D 284 -38.36 44.53 8.55
C TYR D 284 -37.70 43.62 7.50
N SER D 285 -37.60 42.34 7.87
CA SER D 285 -36.92 41.36 7.11
C SER D 285 -37.78 40.95 5.90
N THR D 286 -37.12 40.69 4.78
CA THR D 286 -37.75 39.95 3.66
C THR D 286 -37.21 38.51 3.48
N CYS D 287 -36.46 38.02 4.46
CA CYS D 287 -35.69 36.77 4.39
C CYS D 287 -35.92 35.90 5.65
N GLY D 288 -37.10 36.05 6.26
CA GLY D 288 -37.56 35.21 7.32
C GLY D 288 -36.99 35.41 8.71
N LEU D 289 -36.44 36.58 8.97
CA LEU D 289 -35.96 36.99 10.28
C LEU D 289 -37.04 37.82 11.01
N ILE D 290 -37.00 37.76 12.32
CA ILE D 290 -37.97 38.47 13.13
C ILE D 290 -37.44 39.82 13.61
N THR D 291 -38.23 40.85 13.51
CA THR D 291 -37.90 42.19 14.11
C THR D 291 -38.31 42.22 15.55
N THR D 292 -37.37 42.47 16.44
CA THR D 292 -37.63 42.42 17.85
C THR D 292 -36.96 43.61 18.53
N ILE D 293 -37.28 43.80 19.77
CA ILE D 293 -36.57 44.79 20.58
C ILE D 293 -35.31 44.19 21.13
N CYS D 294 -34.20 44.85 21.03
CA CYS D 294 -32.96 44.40 21.63
C CYS D 294 -32.94 44.80 23.12
N TYR D 295 -33.21 46.08 23.39
CA TYR D 295 -33.30 46.57 24.75
C TYR D 295 -33.76 48.02 24.77
N LYS D 296 -34.37 48.41 25.89
CA LYS D 296 -34.69 49.80 26.14
C LYS D 296 -34.47 49.95 27.66
N PHE D 297 -33.35 50.61 28.06
CA PHE D 297 -33.02 50.64 29.45
C PHE D 297 -34.02 51.45 30.27
N ASN D 298 -34.23 52.72 29.91
CA ASN D 298 -35.07 53.64 30.63
C ASN D 298 -36.22 54.14 29.80
N ASP D 299 -37.24 54.67 30.49
CA ASP D 299 -38.56 55.05 29.89
C ASP D 299 -38.47 56.00 28.76
N ASN D 300 -37.50 56.91 28.88
CA ASN D 300 -37.38 57.96 27.88
C ASN D 300 -36.36 57.64 26.79
N ASP D 301 -35.74 56.44 26.80
CA ASP D 301 -34.80 56.05 25.76
C ASP D 301 -35.56 55.61 24.58
N LYS D 302 -35.08 55.90 23.37
CA LYS D 302 -35.53 55.23 22.16
C LYS D 302 -35.01 53.78 22.29
N PRO D 303 -35.85 52.82 21.93
CA PRO D 303 -35.38 51.44 22.00
C PRO D 303 -34.34 51.16 20.91
N LYS D 304 -33.45 50.21 21.18
CA LYS D 304 -32.64 49.62 20.16
C LYS D 304 -33.32 48.33 19.69
N TYR D 305 -33.46 48.23 18.38
CA TYR D 305 -34.01 47.08 17.72
C TYR D 305 -33.01 46.04 17.27
N ALA D 306 -33.52 44.88 16.83
CA ALA D 306 -32.66 43.81 16.41
C ALA D 306 -33.42 43.01 15.33
N LEU D 307 -32.71 42.28 14.53
CA LEU D 307 -33.27 41.18 13.73
C LEU D 307 -32.85 39.88 14.38
N GLU D 308 -33.73 38.89 14.44
CA GLU D 308 -33.40 37.67 15.11
C GLU D 308 -33.69 36.47 14.19
N GLY D 309 -32.76 35.51 14.21
CA GLY D 309 -32.89 34.15 13.60
C GLY D 309 -32.95 33.15 14.74
N SER D 310 -34.05 32.38 14.77
CA SER D 310 -34.32 31.43 15.87
C SER D 310 -34.31 30.00 15.33
N ILE D 311 -33.67 29.11 16.10
CA ILE D 311 -33.52 27.70 15.81
C ILE D 311 -34.01 26.93 17.03
N GLY D 312 -35.06 26.12 16.84
CA GLY D 312 -35.67 25.43 17.94
C GLY D 312 -34.94 24.24 18.51
N THR D 313 -34.26 23.51 17.62
CA THR D 313 -33.66 22.23 18.00
C THR D 313 -32.19 22.44 18.12
N ALA D 314 -31.67 22.51 19.35
CA ALA D 314 -30.25 22.50 19.55
C ALA D 314 -29.98 21.66 20.77
N GLY D 315 -29.80 22.24 21.96
CA GLY D 315 -29.76 21.52 23.23
C GLY D 315 -31.02 20.68 23.47
N SER D 316 -32.18 21.18 22.99
CA SER D 316 -33.41 20.36 23.04
C SER D 316 -33.23 19.03 22.26
N GLY D 317 -32.52 19.10 21.14
CA GLY D 317 -32.22 17.94 20.34
C GLY D 317 -31.24 16.97 21.05
N VAL D 318 -30.21 17.50 21.71
CA VAL D 318 -29.26 16.69 22.51
C VAL D 318 -30.01 15.98 23.67
N SER D 319 -30.97 16.68 24.27
CA SER D 319 -31.76 16.11 25.34
CA SER D 319 -31.85 16.17 25.32
C SER D 319 -32.66 14.98 24.82
N TRP D 320 -33.19 15.14 23.60
CA TRP D 320 -33.94 14.05 22.98
C TRP D 320 -33.02 12.85 22.64
N LEU D 321 -31.81 13.13 22.17
CA LEU D 321 -30.84 12.03 21.90
C LEU D 321 -30.56 11.29 23.18
N LEU D 322 -30.38 12.03 24.27
CA LEU D 322 -30.09 11.43 25.54
C LEU D 322 -31.25 10.60 26.05
N LYS D 323 -32.47 11.11 25.95
CA LYS D 323 -33.67 10.40 26.40
C LYS D 323 -33.82 9.05 25.68
N ASN D 324 -33.49 9.04 24.38
CA ASN D 324 -33.68 7.87 23.55
C ASN D 324 -32.39 7.03 23.36
N LYS D 325 -31.39 7.29 24.24
CA LYS D 325 -30.22 6.43 24.42
C LYS D 325 -29.24 6.49 23.25
N LEU D 326 -29.37 7.50 22.40
CA LEU D 326 -28.46 7.74 21.26
C LEU D 326 -27.12 8.36 21.69
N ILE D 327 -27.15 9.03 22.82
CA ILE D 327 -25.91 9.54 23.50
C ILE D 327 -26.04 9.17 24.94
N ASP D 328 -24.91 8.89 25.59
CA ASP D 328 -24.98 8.42 26.98
C ASP D 328 -24.89 9.62 27.95
N ASP D 329 -24.22 10.68 27.52
CA ASP D 329 -24.14 11.91 28.32
C ASP D 329 -23.86 13.02 27.36
N PRO D 330 -24.48 14.20 27.57
CA PRO D 330 -24.21 15.26 26.62
C PRO D 330 -22.77 15.70 26.53
N SER D 331 -21.96 15.35 27.57
CA SER D 331 -20.55 15.72 27.61
C SER D 331 -19.79 15.16 26.44
N GLU D 332 -20.31 14.05 25.91
CA GLU D 332 -19.61 13.27 24.92
C GLU D 332 -19.62 13.82 23.50
N ALA D 333 -20.28 14.98 23.26
CA ALA D 333 -20.42 15.50 21.90
C ALA D 333 -19.03 15.86 21.27
N SER D 334 -18.10 16.36 22.10
CA SER D 334 -16.86 16.82 21.52
C SER D 334 -16.06 15.62 21.05
N ASP D 335 -15.94 14.66 21.96
CA ASP D 335 -15.29 13.39 21.67
C ASP D 335 -15.95 12.75 20.52
N ILE D 336 -17.28 12.75 20.51
CA ILE D 336 -18.02 12.21 19.31
C ILE D 336 -17.56 12.89 18.01
N MET D 337 -17.56 14.19 17.94
CA MET D 337 -17.10 14.82 16.68
C MET D 337 -15.58 14.70 16.38
N GLU D 338 -14.79 14.55 17.44
CA GLU D 338 -13.37 14.28 17.29
C GLU D 338 -13.17 12.89 16.65
N LYS D 339 -13.87 11.87 17.17
CA LYS D 339 -13.69 10.49 16.70
C LYS D 339 -14.46 10.14 15.48
N CYS D 340 -15.56 10.89 15.28
CA CYS D 340 -16.42 10.72 14.10
CA CYS D 340 -16.39 10.72 14.14
C CYS D 340 -16.16 11.90 13.23
N GLU D 341 -15.26 11.71 12.22
CA GLU D 341 -14.86 12.83 11.35
C GLU D 341 -15.95 13.25 10.40
N ASN D 342 -16.85 12.30 10.08
CA ASN D 342 -17.99 12.63 9.21
C ASN D 342 -19.18 11.81 9.63
N THR D 343 -20.32 11.97 8.93
CA THR D 343 -21.53 11.26 9.35
C THR D 343 -21.85 9.93 8.62
N THR D 344 -20.92 9.32 7.89
CA THR D 344 -21.31 8.13 7.00
C THR D 344 -22.31 8.52 5.92
N GLY D 345 -22.36 9.81 5.50
CA GLY D 345 -23.39 10.40 4.62
C GLY D 345 -24.79 10.75 5.21
N VAL D 346 -24.91 10.60 6.51
CA VAL D 346 -26.20 10.80 7.20
C VAL D 346 -26.47 12.27 7.39
N ILE D 347 -27.72 12.70 7.17
CA ILE D 347 -28.17 14.07 7.41
C ILE D 347 -29.38 13.96 8.36
N PHE D 348 -29.32 14.75 9.39
CA PHE D 348 -30.45 14.84 10.42
C PHE D 348 -31.05 16.24 10.26
N VAL D 349 -32.30 16.34 9.76
CA VAL D 349 -32.98 17.65 9.71
C VAL D 349 -33.74 17.74 11.07
N PRO D 350 -33.17 18.49 12.07
CA PRO D 350 -33.68 18.46 13.48
C PRO D 350 -34.87 19.48 13.55
N ALA D 351 -36.02 19.00 13.13
CA ALA D 351 -37.22 19.80 12.98
C ALA D 351 -38.36 19.23 13.89
N PHE D 352 -37.94 18.88 15.11
CA PHE D 352 -38.90 18.27 16.07
C PHE D 352 -40.14 19.14 16.29
N SER D 353 -39.93 20.47 16.33
CA SER D 353 -41.06 21.40 16.49
CA SER D 353 -40.99 21.46 16.55
C SER D 353 -41.17 22.26 15.25
N GLY D 354 -41.00 21.59 14.10
CA GLY D 354 -41.00 22.27 12.78
C GLY D 354 -39.71 23.03 12.57
N LEU D 355 -39.68 23.79 11.49
CA LEU D 355 -38.51 24.68 11.21
C LEU D 355 -38.93 26.11 11.53
N TYR D 356 -38.04 26.83 12.28
CA TYR D 356 -38.21 28.23 12.66
CA TYR D 356 -38.26 28.24 12.62
C TYR D 356 -37.46 28.99 11.56
N ALA D 357 -36.54 29.88 11.95
CA ALA D 357 -36.01 30.76 10.91
C ALA D 357 -34.98 30.05 10.01
N PRO D 358 -34.97 30.43 8.74
CA PRO D 358 -35.79 31.43 8.03
C PRO D 358 -36.97 30.86 7.21
N ARG D 359 -37.12 29.52 7.16
CA ARG D 359 -38.16 28.88 6.32
C ARG D 359 -39.56 28.84 6.94
N TRP D 360 -39.63 28.81 8.25
CA TRP D 360 -40.94 28.90 8.99
C TRP D 360 -41.93 27.87 8.42
N ARG D 361 -41.58 26.60 8.60
CA ARG D 361 -42.38 25.48 8.05
C ARG D 361 -42.81 24.65 9.27
N SER D 362 -44.06 24.86 9.67
CA SER D 362 -44.58 24.25 10.87
C SER D 362 -44.95 22.80 10.56
N ASP D 363 -44.98 22.43 9.30
CA ASP D 363 -45.25 21.03 8.86
C ASP D 363 -44.02 20.12 8.79
N ALA D 364 -42.83 20.73 8.85
CA ALA D 364 -41.55 20.02 9.00
C ALA D 364 -41.57 19.16 10.28
N ARG D 365 -41.01 17.97 10.14
CA ARG D 365 -40.77 17.08 11.32
C ARG D 365 -39.34 16.59 11.25
N ALA D 366 -38.81 16.15 12.38
CA ALA D 366 -37.45 15.66 12.45
C ALA D 366 -37.30 14.39 11.59
N SER D 367 -36.26 14.40 10.77
CA SER D 367 -36.04 13.38 9.76
C SER D 367 -34.57 13.05 9.66
N ILE D 368 -34.29 11.76 9.48
CA ILE D 368 -32.89 11.25 9.34
C ILE D 368 -32.82 10.49 8.02
N TYR D 369 -31.76 10.85 7.24
CA TYR D 369 -31.49 10.32 5.95
C TYR D 369 -30.12 9.67 5.87
N GLY D 370 -30.00 8.69 4.98
CA GLY D 370 -28.69 8.17 4.54
C GLY D 370 -28.01 7.08 5.30
N MET D 371 -28.76 6.39 6.13
CA MET D 371 -28.20 5.41 7.01
C MET D 371 -28.04 4.02 6.30
N THR D 372 -26.93 3.39 6.67
CA THR D 372 -26.53 2.08 6.25
C THR D 372 -26.22 1.27 7.48
N PHE D 373 -25.95 -0.02 7.32
CA PHE D 373 -25.64 -0.86 8.51
C PHE D 373 -24.37 -0.43 9.21
N ASN D 374 -23.46 0.21 8.49
CA ASN D 374 -22.27 0.89 9.04
C ASN D 374 -22.58 2.06 10.00
N THR D 375 -23.75 2.68 9.88
CA THR D 375 -24.09 3.88 10.68
C THR D 375 -24.24 3.46 12.12
N GLU D 376 -23.68 4.26 13.01
CA GLU D 376 -23.80 4.06 14.42
C GLU D 376 -24.42 5.29 15.06
N ARG D 377 -24.66 5.18 16.34
CA ARG D 377 -25.23 6.28 17.16
C ARG D 377 -24.45 7.52 17.03
N SER D 378 -23.13 7.35 17.01
CA SER D 378 -22.16 8.47 16.87
CA SER D 378 -22.32 8.51 16.99
C SER D 378 -22.47 9.34 15.67
N HIS D 379 -22.72 8.69 14.53
CA HIS D 379 -22.93 9.36 13.31
C HIS D 379 -24.24 10.16 13.38
N ILE D 380 -25.26 9.57 14.00
CA ILE D 380 -26.58 10.21 14.12
C ILE D 380 -26.48 11.46 15.02
N VAL D 381 -25.71 11.35 16.11
CA VAL D 381 -25.47 12.48 17.07
C VAL D 381 -24.71 13.59 16.34
N ARG D 382 -23.70 13.22 15.60
CA ARG D 382 -22.91 14.22 14.82
C ARG D 382 -23.80 14.92 13.75
N ALA D 383 -24.67 14.16 13.06
CA ALA D 383 -25.55 14.72 12.13
C ALA D 383 -26.49 15.72 12.79
N LEU D 384 -26.99 15.44 13.99
CA LEU D 384 -27.87 16.42 14.66
C LEU D 384 -27.12 17.78 14.84
N LEU D 385 -25.91 17.63 15.36
CA LEU D 385 -25.04 18.80 15.64
C LEU D 385 -24.74 19.53 14.34
N GLU D 386 -24.40 18.81 13.30
CA GLU D 386 -24.17 19.43 12.03
C GLU D 386 -25.39 20.23 11.51
N GLY D 387 -26.55 19.64 11.73
CA GLY D 387 -27.82 20.31 11.40
C GLY D 387 -27.99 21.65 12.06
N ILE D 388 -27.47 21.80 13.27
CA ILE D 388 -27.43 23.17 13.90
C ILE D 388 -26.66 24.17 13.07
N ALA D 389 -25.45 23.80 12.66
CA ALA D 389 -24.61 24.67 11.81
C ALA D 389 -25.30 25.00 10.44
N PHE D 390 -25.87 23.98 9.82
CA PHE D 390 -26.54 24.22 8.52
C PHE D 390 -27.72 25.21 8.66
N GLN D 391 -28.52 25.06 9.70
CA GLN D 391 -29.62 26.01 9.97
C GLN D 391 -29.05 27.42 10.24
N LEU D 392 -28.01 27.48 11.06
CA LEU D 392 -27.34 28.79 11.37
C LEU D 392 -26.84 29.50 10.10
N ASN D 393 -26.33 28.73 9.17
CA ASN D 393 -25.87 29.28 7.88
C ASN D 393 -27.00 29.92 7.10
N GLU D 394 -28.15 29.30 7.12
CA GLU D 394 -29.29 29.91 6.43
C GLU D 394 -29.65 31.24 7.06
N ILE D 395 -29.65 31.28 8.41
CA ILE D 395 -29.90 32.53 9.09
C ILE D 395 -28.88 33.63 8.78
N VAL D 396 -27.60 33.24 8.72
CA VAL D 396 -26.54 34.22 8.33
C VAL D 396 -26.77 34.77 6.90
N ASP D 397 -27.14 33.89 6.00
CA ASP D 397 -27.51 34.28 4.63
CA ASP D 397 -27.49 34.27 4.64
C ASP D 397 -28.66 35.26 4.63
N SER D 398 -29.71 34.99 5.40
CA SER D 398 -30.78 35.94 5.49
C SER D 398 -30.31 37.31 6.05
N LEU D 399 -29.53 37.28 7.11
CA LEU D 399 -29.07 38.47 7.85
C LEU D 399 -28.27 39.33 6.90
N THR D 400 -27.41 38.71 6.15
CA THR D 400 -26.55 39.51 5.24
C THR D 400 -27.37 40.11 4.13
N SER D 401 -28.36 39.39 3.63
CA SER D 401 -29.30 40.00 2.69
CA SER D 401 -29.30 39.99 2.68
C SER D 401 -30.06 41.18 3.27
N ASP D 402 -30.69 40.99 4.43
CA ASP D 402 -31.46 42.00 5.07
C ASP D 402 -30.66 43.29 5.39
N MET D 403 -29.40 43.09 5.78
CA MET D 403 -28.58 44.18 6.27
C MET D 403 -27.83 44.82 5.12
N GLY D 404 -27.85 44.18 3.99
CA GLY D 404 -27.28 44.76 2.78
C GLY D 404 -25.78 44.80 2.89
N ILE D 405 -25.21 43.71 3.39
CA ILE D 405 -23.82 43.52 3.55
C ILE D 405 -23.39 42.24 2.84
N GLU D 406 -22.07 42.10 2.69
CA GLU D 406 -21.51 40.96 1.98
C GLU D 406 -21.14 39.85 2.99
N MET D 407 -20.71 40.24 4.19
CA MET D 407 -20.27 39.31 5.23
C MET D 407 -20.59 39.97 6.54
N LEU D 408 -20.73 39.15 7.58
CA LEU D 408 -20.64 39.67 8.93
C LEU D 408 -19.15 39.76 9.37
N HIS D 409 -18.70 40.91 9.94
CA HIS D 409 -17.26 41.01 10.34
C HIS D 409 -16.88 39.94 11.39
N VAL D 410 -17.75 39.73 12.36
CA VAL D 410 -17.54 38.69 13.38
C VAL D 410 -18.91 38.35 14.03
N LEU D 411 -19.05 37.07 14.38
CA LEU D 411 -20.18 36.66 15.18
C LEU D 411 -19.68 36.30 16.59
N ARG D 412 -20.15 37.04 17.59
CA ARG D 412 -19.81 36.70 18.94
C ARG D 412 -20.78 35.64 19.44
N CYS D 413 -20.19 34.58 19.96
CA CYS D 413 -20.87 33.36 20.36
C CYS D 413 -20.73 33.03 21.83
N ASP D 414 -21.78 32.47 22.42
CA ASP D 414 -21.81 32.05 23.80
C ASP D 414 -22.68 30.82 24.01
N GLY D 415 -22.45 30.13 25.11
CA GLY D 415 -23.22 28.97 25.52
C GLY D 415 -22.33 27.77 25.63
N GLY D 416 -22.85 26.77 26.30
CA GLY D 416 -22.01 25.59 26.62
C GLY D 416 -21.37 24.93 25.42
N MET D 417 -22.09 24.81 24.31
CA MET D 417 -21.53 24.18 23.07
C MET D 417 -20.31 24.93 22.48
N THR D 418 -20.14 26.19 22.84
CA THR D 418 -19.06 27.00 22.25
C THR D 418 -17.68 26.55 22.78
N LYS D 419 -17.68 25.72 23.82
CA LYS D 419 -16.43 25.10 24.22
C LYS D 419 -16.03 23.86 23.44
N ASN D 420 -16.96 23.39 22.60
CA ASN D 420 -16.71 22.20 21.77
C ASN D 420 -15.97 22.68 20.53
N LYS D 421 -14.64 22.51 20.48
CA LYS D 421 -13.84 23.08 19.40
C LYS D 421 -14.25 22.52 18.02
N PRO D 422 -14.39 21.17 17.87
CA PRO D 422 -14.73 20.67 16.53
C PRO D 422 -16.11 21.17 16.10
N PHE D 423 -17.00 21.26 17.06
CA PHE D 423 -18.33 21.82 16.77
C PHE D 423 -18.22 23.29 16.30
N MET D 424 -17.50 24.13 17.06
CA MET D 424 -17.32 25.53 16.66
C MET D 424 -16.58 25.72 15.32
N GLN D 425 -15.62 24.84 15.07
CA GLN D 425 -14.91 24.85 13.79
C GLN D 425 -15.86 24.49 12.67
N PHE D 426 -16.72 23.48 12.88
CA PHE D 426 -17.70 23.15 11.83
C PHE D 426 -18.65 24.32 11.56
N ASN D 427 -19.12 24.97 12.64
CA ASN D 427 -19.95 26.17 12.52
C ASN D 427 -19.22 27.23 11.69
N SER D 428 -17.96 27.53 12.04
CA SER D 428 -17.21 28.56 11.29
C SER D 428 -17.04 28.24 9.82
N ASP D 429 -16.72 26.98 9.55
CA ASP D 429 -16.57 26.41 8.17
C ASP D 429 -17.88 26.62 7.38
N ILE D 430 -18.99 26.17 7.97
CA ILE D 430 -20.27 26.16 7.23
C ILE D 430 -20.87 27.54 7.07
N ILE D 431 -20.88 28.35 8.12
CA ILE D 431 -21.39 29.72 8.08
C ILE D 431 -20.41 30.74 7.44
N ASN D 432 -19.18 30.26 7.22
CA ASN D 432 -18.05 31.01 6.61
C ASN D 432 -17.93 32.42 7.25
N THR D 433 -17.95 32.42 8.60
CA THR D 433 -17.92 33.65 9.36
C THR D 433 -16.94 33.48 10.53
N LYS D 434 -16.22 34.54 10.88
CA LYS D 434 -15.30 34.45 12.01
C LYS D 434 -16.13 34.34 13.22
N ILE D 435 -15.80 33.47 14.15
CA ILE D 435 -16.56 33.35 15.37
C ILE D 435 -15.64 33.71 16.52
N GLU D 436 -16.11 34.56 17.41
CA GLU D 436 -15.38 34.88 18.58
C GLU D 436 -16.20 34.52 19.79
N VAL D 437 -15.60 33.71 20.63
CA VAL D 437 -16.21 33.11 21.79
C VAL D 437 -16.04 33.90 23.07
N SER D 438 -17.19 34.21 23.74
CA SER D 438 -17.15 34.99 24.97
C SER D 438 -16.31 34.20 26.01
N LYS D 439 -15.55 34.96 26.81
CA LYS D 439 -14.86 34.46 27.99
C LYS D 439 -15.83 33.90 29.08
N TYR D 440 -17.08 34.37 29.04
CA TYR D 440 -18.05 34.03 30.10
C TYR D 440 -19.03 33.01 29.57
N LYS D 441 -19.37 32.13 30.49
CA LYS D 441 -20.07 30.89 30.27
C LYS D 441 -21.63 31.03 30.35
N GLU D 442 -22.04 32.02 31.14
CA GLU D 442 -23.48 32.27 31.41
C GLU D 442 -23.73 33.78 31.15
N VAL D 443 -23.56 34.16 29.87
CA VAL D 443 -23.80 35.55 29.46
C VAL D 443 -25.24 36.01 29.62
N THR D 444 -26.21 35.07 29.56
CA THR D 444 -27.62 35.45 29.84
C THR D 444 -27.75 35.97 31.26
N SER D 445 -27.15 35.30 32.25
CA SER D 445 -27.32 35.78 33.64
C SER D 445 -26.57 37.08 33.86
N LEU D 446 -25.41 37.21 33.19
CA LEU D 446 -24.62 38.45 33.28
C LEU D 446 -25.40 39.65 32.79
N GLY D 447 -26.14 39.49 31.71
CA GLY D 447 -26.94 40.60 31.18
C GLY D 447 -28.00 41.10 32.13
N ALA D 448 -28.63 40.16 32.82
CA ALA D 448 -29.67 40.61 33.79
C ALA D 448 -29.06 41.29 35.06
N ALA D 449 -27.87 40.81 35.47
CA ALA D 449 -27.11 41.44 36.59
C ALA D 449 -26.72 42.87 36.21
N VAL D 450 -26.28 43.08 34.97
CA VAL D 450 -25.94 44.41 34.53
C VAL D 450 -27.16 45.32 34.59
N LEU D 451 -28.28 44.88 34.00
CA LEU D 451 -29.52 45.72 34.08
C LEU D 451 -29.92 46.06 35.45
N ALA D 452 -29.96 45.06 36.33
CA ALA D 452 -30.41 45.26 37.70
C ALA D 452 -29.50 46.29 38.42
N GLY D 453 -28.20 46.12 38.14
CA GLY D 453 -27.16 46.91 38.82
C GLY D 453 -27.16 48.33 38.31
N LEU D 454 -27.45 48.49 37.05
CA LEU D 454 -27.61 49.81 36.42
C LEU D 454 -28.79 50.55 37.04
N GLU D 455 -29.88 49.84 37.31
CA GLU D 455 -31.05 50.52 37.83
C GLU D 455 -30.84 51.04 39.26
N VAL D 456 -30.05 50.31 40.04
CA VAL D 456 -29.74 50.78 41.39
C VAL D 456 -28.38 51.51 41.51
N LYS D 457 -27.77 51.78 40.38
CA LYS D 457 -26.65 52.72 40.28
C LYS D 457 -25.47 52.16 41.03
N ILE D 458 -25.24 50.85 40.84
CA ILE D 458 -24.02 50.24 41.30
C ILE D 458 -22.76 50.81 40.58
N TRP D 459 -22.83 51.08 39.29
CA TRP D 459 -21.70 51.51 38.53
C TRP D 459 -21.87 52.99 38.12
N ASP D 460 -20.72 53.65 37.90
CA ASP D 460 -20.67 55.01 37.28
C ASP D 460 -21.61 55.04 36.04
N SER D 461 -21.47 54.02 35.17
CA SER D 461 -22.25 53.93 33.91
C SER D 461 -22.20 52.52 33.28
N LEU D 462 -22.89 52.36 32.16
CA LEU D 462 -22.70 51.23 31.23
C LEU D 462 -21.25 51.15 30.68
N ASP D 463 -20.66 52.30 30.34
CA ASP D 463 -19.29 52.40 29.76
C ASP D 463 -18.25 51.84 30.71
N SER D 464 -18.51 51.96 31.99
CA SER D 464 -17.70 51.31 33.01
C SER D 464 -17.72 49.74 32.97
N VAL D 465 -18.85 49.11 32.57
CA VAL D 465 -18.90 47.63 32.55
C VAL D 465 -18.55 47.07 31.15
N LYS D 466 -18.56 47.91 30.10
CA LYS D 466 -18.37 47.40 28.70
C LYS D 466 -17.09 46.55 28.47
N SER D 467 -15.96 46.93 29.10
CA SER D 467 -14.66 46.17 28.91
C SER D 467 -14.73 44.72 29.40
N LEU D 468 -15.28 44.58 30.61
CA LEU D 468 -15.55 43.27 31.17
C LEU D 468 -16.45 42.53 30.23
N LEU D 469 -17.55 43.14 29.86
CA LEU D 469 -18.52 42.41 29.03
C LEU D 469 -17.98 41.93 27.69
N ARG D 470 -17.00 42.63 27.16
CA ARG D 470 -16.54 42.38 25.78
C ARG D 470 -15.49 41.29 25.66
N ARG D 471 -15.06 40.72 26.78
CA ARG D 471 -13.89 39.81 26.78
C ARG D 471 -14.20 38.50 26.07
N SER D 472 -13.21 38.03 25.30
CA SER D 472 -13.29 36.82 24.53
C SER D 472 -12.09 35.97 24.80
N ASP D 473 -12.26 34.68 24.56
CA ASP D 473 -11.14 33.79 24.70
C ASP D 473 -10.80 32.93 23.52
N ALA D 474 -11.54 32.98 22.44
CA ALA D 474 -11.20 32.13 21.33
C ALA D 474 -11.75 32.67 20.09
N VAL D 475 -11.04 32.42 19.01
CA VAL D 475 -11.50 32.84 17.65
C VAL D 475 -11.35 31.65 16.70
N PHE D 476 -12.44 31.38 15.94
CA PHE D 476 -12.52 30.41 14.87
C PHE D 476 -12.65 31.15 13.55
N HIS D 477 -11.91 30.65 12.54
CA HIS D 477 -12.03 31.06 11.16
C HIS D 477 -12.17 29.76 10.36
N SER D 478 -12.77 29.87 9.21
CA SER D 478 -13.02 28.73 8.36
C SER D 478 -11.72 28.11 7.89
N LYS D 479 -11.70 26.79 7.97
CA LYS D 479 -10.64 25.97 7.43
C LYS D 479 -11.15 25.11 6.26
N MET D 480 -12.32 25.41 5.71
CA MET D 480 -12.94 24.56 4.70
C MET D 480 -12.92 25.30 3.39
N ASP D 481 -12.56 24.62 2.30
CA ASP D 481 -12.65 25.25 1.02
C ASP D 481 -14.04 25.39 0.48
N ASP D 482 -14.18 26.39 -0.40
CA ASP D 482 -15.45 26.77 -0.90
C ASP D 482 -16.15 25.60 -1.52
N LYS D 483 -15.40 24.71 -2.17
CA LYS D 483 -16.00 23.62 -2.95
C LYS D 483 -16.59 22.55 -2.02
N LYS D 484 -15.92 22.27 -0.93
CA LYS D 484 -16.38 21.30 0.03
C LYS D 484 -17.57 21.86 0.83
N ARG D 485 -17.51 23.17 1.12
CA ARG D 485 -18.62 23.87 1.84
C ARG D 485 -19.86 23.85 0.96
N LYS D 486 -19.70 24.20 -0.32
CA LYS D 486 -20.78 24.12 -1.30
C LYS D 486 -21.37 22.73 -1.38
N LYS D 487 -20.56 21.68 -1.34
CA LYS D 487 -21.03 20.36 -1.54
C LYS D 487 -21.90 19.94 -0.33
N LYS D 488 -21.38 20.28 0.83
CA LYS D 488 -22.07 19.97 2.09
C LYS D 488 -23.39 20.71 2.15
N THR D 489 -23.39 21.98 1.77
CA THR D 489 -24.62 22.77 1.95
C THR D 489 -25.65 22.30 0.94
N SER D 490 -25.20 21.86 -0.23
CA SER D 490 -26.03 21.19 -1.18
C SER D 490 -26.67 19.92 -0.65
N GLU D 491 -25.91 19.08 0.03
CA GLU D 491 -26.40 17.82 0.58
C GLU D 491 -27.49 18.13 1.64
N TRP D 492 -27.18 19.10 2.48
CA TRP D 492 -28.24 19.58 3.45
C TRP D 492 -29.50 20.10 2.77
N ASN D 493 -29.36 20.93 1.74
CA ASN D 493 -30.48 21.54 1.08
C ASN D 493 -31.35 20.47 0.47
N LYS D 494 -30.74 19.43 -0.09
CA LYS D 494 -31.54 18.30 -0.69
C LYS D 494 -32.30 17.55 0.39
N ALA D 495 -31.63 17.27 1.51
CA ALA D 495 -32.33 16.68 2.66
C ALA D 495 -33.53 17.52 3.15
N VAL D 496 -33.36 18.84 3.20
CA VAL D 496 -34.46 19.72 3.62
C VAL D 496 -35.56 19.68 2.58
N GLU D 497 -35.21 19.67 1.31
CA GLU D 497 -36.19 19.53 0.25
C GLU D 497 -37.00 18.26 0.41
N ARG D 498 -36.35 17.12 0.73
CA ARG D 498 -37.00 15.81 0.91
C ARG D 498 -38.02 15.96 2.07
N THR D 499 -37.61 16.68 3.09
CA THR D 499 -38.39 16.83 4.32
C THR D 499 -39.67 17.70 4.08
N LEU D 500 -39.60 18.62 3.12
CA LEU D 500 -40.58 19.63 2.93
C LEU D 500 -41.46 19.40 1.72
N ILE D 501 -41.08 18.53 0.82
CA ILE D 501 -41.77 18.48 -0.46
C ILE D 501 -43.22 18.00 -0.17
N GLN D 502 -44.14 18.70 -0.79
CA GLN D 502 -45.57 18.43 -0.62
C GLN D 502 -46.00 17.30 -1.58
N LEU D 503 -46.40 16.15 -1.00
CA LEU D 503 -46.74 14.94 -1.78
C LEU D 503 -48.23 14.47 -1.57
C1 EDO E . 5.74 22.77 6.41
O1 EDO E . 5.92 22.08 7.66
C2 EDO E . 5.33 24.13 6.70
O2 EDO E . 3.97 23.95 7.12
C1 EDO F . 25.66 6.54 -14.46
O1 EDO F . 24.39 6.42 -15.14
C2 EDO F . 25.75 5.43 -13.45
O2 EDO F . 25.82 4.20 -14.18
C1 EDO G . 7.79 10.19 -20.09
O1 EDO G . 8.06 10.06 -21.48
C2 EDO G . 8.55 9.20 -19.30
O2 EDO G . 7.91 7.97 -19.62
C1 EDO H . 23.43 17.93 16.75
O1 EDO H . 24.01 18.33 18.00
C2 EDO H . 22.10 17.27 16.94
O2 EDO H . 21.21 18.07 17.72
C1 EDO I . 20.34 5.20 9.46
O1 EDO I . 20.91 6.47 9.27
C2 EDO I . 19.62 5.22 10.84
O2 EDO I . 19.10 3.93 11.15
C1 EDO J . 31.81 7.98 -9.82
O1 EDO J . 32.54 6.95 -9.41
C2 EDO J . 30.61 7.95 -8.90
O2 EDO J . 29.66 8.36 -9.80
C1 EDO K . 28.35 25.50 -12.40
O1 EDO K . 29.76 25.67 -12.66
C2 EDO K . 27.69 24.36 -13.20
O2 EDO K . 28.74 24.26 -14.22
C1 EDO L . 29.62 22.92 15.53
O1 EDO L . 29.43 21.72 16.28
C2 EDO L . 31.07 23.27 15.13
O2 EDO L . 31.17 23.76 13.78
C1 EDO M . 19.09 23.21 1.56
O1 EDO M . 17.99 23.80 0.92
C2 EDO M . 19.42 21.85 1.01
O2 EDO M . 19.96 21.97 -0.29
C1 GOL N . 16.26 9.06 -6.35
O1 GOL N . 15.08 8.73 -7.09
C2 GOL N . 16.08 9.32 -4.91
O2 GOL N . 15.31 10.47 -4.70
C3 GOL N . 17.33 9.31 -4.16
O3 GOL N . 17.12 9.49 -2.74
C1 GOL O . 38.82 10.23 12.70
O1 GOL O . 38.83 10.05 11.29
C2 GOL O . 38.78 11.74 13.05
O2 GOL O . 40.07 12.23 13.35
C3 GOL O . 37.97 12.02 14.29
O3 GOL O . 37.20 13.19 14.20
C1 EDO P . -38.99 -31.93 -7.97
O1 EDO P . -38.36 -32.76 -7.00
C2 EDO P . -40.32 -32.57 -8.22
O2 EDO P . -40.83 -32.87 -6.89
C1 EDO Q . -28.53 -32.31 -10.98
O1 EDO Q . -29.52 -33.24 -11.43
C2 EDO Q . -29.27 -31.04 -10.63
O2 EDO Q . -29.99 -30.41 -11.70
C1 EDO R . -25.74 -6.29 11.30
O1 EDO R . -26.35 -7.34 12.12
C2 EDO R . -26.84 -5.55 10.61
O2 EDO R . -27.52 -4.93 11.70
C1 EDO S . -26.48 -13.11 -21.40
O1 EDO S . -27.09 -12.22 -22.30
C2 EDO S . -27.64 -13.90 -20.92
O2 EDO S . -27.91 -14.86 -21.93
C1 EDO T . -20.85 -19.25 -6.15
O1 EDO T . -21.51 -17.97 -6.29
C2 EDO T . -20.78 -20.13 -7.41
O2 EDO T . -20.31 -21.47 -6.94
C1 EDO U . -35.70 -37.98 -2.73
O1 EDO U . -37.00 -38.57 -2.90
C2 EDO U . -34.66 -39.05 -2.53
O2 EDO U . -35.10 -40.28 -3.14
C1 EDO V . -36.14 -9.06 -10.65
O1 EDO V . -34.77 -9.05 -10.86
C2 EDO V . -36.79 -9.44 -11.99
O2 EDO V . -38.16 -9.11 -11.91
C1 EDO W . -15.80 -19.48 -20.19
O1 EDO W . -15.28 -19.08 -18.95
C2 EDO W . -16.71 -18.30 -20.41
O2 EDO W . -16.04 -17.25 -19.72
C1 EDO X . -18.75 -27.28 -12.57
O1 EDO X . -19.63 -28.33 -13.06
C2 EDO X . -17.61 -26.78 -13.50
O2 EDO X . -18.01 -25.96 -14.63
C1 EDO Y . -21.56 -41.58 15.67
O1 EDO Y . -22.12 -40.83 16.75
C2 EDO Y . -22.40 -41.48 14.40
O2 EDO Y . -23.56 -42.31 14.36
C1 EDO Z . -10.69 -24.72 13.24
O1 EDO Z . -11.59 -25.14 14.27
C2 EDO Z . -11.27 -25.02 11.88
O2 EDO Z . -11.97 -23.88 11.36
C1 EDO AA . -11.19 -5.41 4.69
O1 EDO AA . -10.89 -5.52 3.30
C2 EDO AA . -11.38 -6.80 5.27
O2 EDO AA . -11.99 -7.68 4.32
C1 EDO BA . -22.38 -1.77 5.92
O1 EDO BA . -23.02 -0.60 5.65
C2 EDO BA . -23.26 -2.79 5.13
O2 EDO BA . -23.40 -3.97 5.89
C1 EDO CA . -9.44 -29.87 1.44
O1 EDO CA . -9.48 -30.27 2.82
C2 EDO CA . -8.49 -28.69 1.24
O2 EDO CA . -7.18 -29.02 1.66
C1 EDO DA . -20.62 -26.47 -16.43
O1 EDO DA . -19.38 -25.67 -16.64
C2 EDO DA . -21.51 -26.58 -17.68
O2 EDO DA . -21.77 -25.30 -18.32
C1 EDO EA . -17.43 0.78 -1.89
O1 EDO EA . -16.27 -0.01 -2.02
C2 EDO EA . -18.07 0.84 -3.26
O2 EDO EA . -17.53 -0.19 -4.12
C1 EDO FA . -47.34 -27.22 -12.76
O1 EDO FA . -46.82 -26.51 -13.91
C2 EDO FA . -46.72 -28.61 -12.54
O2 EDO FA . -46.58 -29.03 -11.17
C1 EDO GA . -26.39 -7.45 -24.10
O1 EDO GA . -27.55 -7.96 -23.47
C2 EDO GA . -26.62 -6.97 -25.50
O2 EDO GA . -25.74 -5.85 -25.61
C1 EDO HA . -48.17 4.01 9.38
O1 EDO HA . -48.90 2.90 10.06
C2 EDO HA . -47.82 5.22 10.28
O2 EDO HA . -48.86 5.60 11.21
C1 EDO IA . -31.25 -22.80 17.47
O1 EDO IA . -32.38 -21.94 17.75
C2 EDO IA . -30.35 -22.89 18.67
O2 EDO IA . -31.05 -23.52 19.76
C1 GOL JA . -30.88 -15.19 3.95
O1 GOL JA . -31.58 -16.07 4.86
C2 GOL JA . -31.27 -15.44 2.55
O2 GOL JA . -30.84 -16.71 2.10
C3 GOL JA . -30.72 -14.40 1.55
O3 GOL JA . -31.32 -14.53 0.29
C1 GOL KA . -31.13 -39.29 -7.65
O1 GOL KA . -30.97 -38.00 -7.93
C2 GOL KA . -31.01 -39.73 -6.16
O2 GOL KA . -31.22 -38.58 -5.23
C3 GOL KA . -31.99 -40.95 -5.96
O3 GOL KA . -32.62 -40.95 -4.70
C1 EDO LA . 63.62 -41.07 -23.50
O1 EDO LA . 63.93 -41.12 -22.07
C2 EDO LA . 64.07 -42.37 -24.19
O2 EDO LA . 65.49 -42.28 -24.21
C1 EDO MA . 38.63 -19.22 -22.51
O1 EDO MA . 38.40 -17.80 -22.45
C2 EDO MA . 38.20 -19.61 -23.83
O2 EDO MA . 39.16 -18.96 -24.72
C1 EDO NA . 58.19 -32.71 -49.72
O1 EDO NA . 59.59 -32.42 -49.87
C2 EDO NA . 57.14 -32.37 -50.79
O2 EDO NA . 57.40 -31.13 -51.49
C1 EDO OA . 52.85 -43.24 -5.42
O1 EDO OA . 53.01 -43.78 -4.10
C2 EDO OA . 54.12 -42.46 -5.57
O2 EDO OA . 55.26 -43.36 -5.53
C1 EDO PA . 73.03 -32.40 -28.03
O1 EDO PA . 72.51 -33.34 -29.02
C2 EDO PA . 72.77 -33.00 -26.65
O2 EDO PA . 72.77 -34.42 -26.82
C1 EDO QA . 70.70 -33.48 -31.76
O1 EDO QA . 72.03 -33.29 -31.27
C2 EDO QA . 70.21 -34.84 -31.41
O2 EDO QA . 70.14 -35.63 -32.62
C1 EDO RA . 54.84 -28.96 -6.14
O1 EDO RA . 55.59 -27.94 -5.45
C2 EDO RA . 53.57 -28.41 -6.75
O2 EDO RA . 52.87 -29.40 -7.38
C1 EDO SA . 29.76 -34.72 -22.70
O1 EDO SA . 30.13 -35.20 -21.29
C2 EDO SA . 30.32 -33.52 -23.56
O2 EDO SA . 31.60 -33.68 -24.35
C1 EDO TA . 55.72 -44.36 -39.58
O1 EDO TA . 54.41 -44.32 -40.56
C2 EDO TA . 56.72 -45.50 -39.53
O2 EDO TA . 58.13 -45.30 -39.95
C1 EDO UA . 35.74 -36.69 -30.99
O1 EDO UA . 35.30 -36.32 -29.65
C2 EDO UA . 34.83 -36.23 -32.12
O2 EDO UA . 35.14 -34.95 -32.67
C1 EDO VA . 49.05 -39.32 -21.22
O1 EDO VA . 47.88 -38.96 -21.94
C2 EDO VA . 49.50 -40.74 -21.44
O2 EDO VA . 50.04 -40.91 -22.77
C1 EDO WA . 31.41 -39.10 -19.30
O1 EDO WA . 30.28 -38.46 -19.91
C2 EDO WA . 32.48 -39.37 -20.32
O2 EDO WA . 31.97 -40.23 -21.34
C1 EDO XA . 35.72 -23.88 -17.90
O1 EDO XA . 34.47 -23.20 -17.23
C2 EDO XA . 37.26 -23.82 -17.47
O2 EDO XA . 38.08 -24.60 -16.49
C1 EDO YA . 47.24 -2.36 -8.31
O1 EDO YA . 48.18 -2.05 -9.38
C2 EDO YA . 45.99 -1.47 -8.46
O2 EDO YA . 46.31 -0.06 -8.32
C1 EDO ZA . 54.69 -15.23 -2.90
O1 EDO ZA . 55.38 -13.92 -3.03
C2 EDO ZA . 55.17 -16.42 -3.75
O2 EDO ZA . 55.86 -17.60 -3.23
C1 EDO AB . 51.94 -20.10 -1.28
O1 EDO AB . 52.40 -18.84 -1.77
C2 EDO AB . 52.73 -21.20 -1.96
O2 EDO AB . 53.93 -21.47 -1.23
C1 EDO BB . 66.05 -4.82 -10.97
O1 EDO BB . 65.70 -3.66 -10.23
C2 EDO BB . 65.06 -4.88 -12.09
O2 EDO BB . 65.41 -4.02 -13.16
C1 EDO CB . 51.08 -18.24 -37.68
O1 EDO CB . 50.71 -17.87 -36.39
C2 EDO CB . 50.66 -17.13 -38.61
O2 EDO CB . 49.21 -17.08 -38.86
C1 EDO DB . 50.74 -40.28 -51.63
O1 EDO DB . 49.38 -40.65 -51.35
C2 EDO DB . 50.92 -38.84 -51.86
O2 EDO DB . 52.22 -38.55 -52.45
C1 GOL EB . 49.82 -24.48 -22.74
O1 GOL EB . 50.66 -23.75 -23.66
C2 GOL EB . 50.68 -25.23 -21.83
O2 GOL EB . 51.32 -26.32 -22.46
C3 GOL EB . 49.84 -25.74 -20.62
O3 GOL EB . 50.64 -26.31 -19.65
C1 GOL FB . 69.18 -41.27 -30.88
O1 GOL FB . 69.25 -40.88 -29.50
C2 GOL FB . 69.17 -40.16 -31.94
O2 GOL FB . 68.31 -39.01 -31.54
C3 GOL FB . 70.65 -39.84 -32.31
O3 GOL FB . 70.71 -38.59 -32.94
C1 GOL GB . 42.55 -23.76 -44.18
O1 GOL GB . 42.69 -24.62 -45.28
C2 GOL GB . 43.85 -23.03 -43.88
O2 GOL GB . 44.64 -22.95 -45.06
C3 GOL GB . 43.58 -21.61 -43.36
O3 GOL GB . 43.27 -20.74 -44.43
C1 GOL HB . 70.01 -33.24 -22.85
O1 GOL HB . 69.74 -33.39 -24.20
C2 GOL HB . 71.48 -32.89 -22.85
O2 GOL HB . 71.72 -33.23 -21.51
C3 GOL HB . 71.77 -31.44 -23.30
O3 GOL HB . 71.68 -31.16 -24.72
C1 GOL IB . 70.74 -33.83 -44.43
O1 GOL IB . 70.48 -32.78 -43.55
C2 GOL IB . 69.57 -34.20 -45.36
O2 GOL IB . 68.94 -33.14 -46.04
C3 GOL IB . 70.01 -35.33 -46.29
O3 GOL IB . 69.61 -35.17 -47.65
C1 GOL JB . 60.01 6.43 -8.67
O1 GOL JB . 59.92 6.92 -7.33
C2 GOL JB . 61.47 6.25 -9.08
O2 GOL JB . 62.09 7.52 -9.36
C3 GOL JB . 62.30 5.55 -7.98
O3 GOL JB . 62.78 4.22 -8.35
C1 GOL KB . 48.25 -51.69 -11.82
O1 GOL KB . 46.87 -51.46 -11.93
C2 GOL KB . 48.96 -50.67 -12.69
O2 GOL KB . 50.27 -50.54 -12.10
C3 GOL KB . 48.88 -51.17 -14.11
O3 GOL KB . 49.73 -52.34 -14.22
C1 EDO LB . -41.36 50.67 28.10
O1 EDO LB . -41.46 51.06 26.70
C2 EDO LB . -41.94 51.67 29.02
O2 EDO LB . -41.00 52.76 28.88
C1 EDO MB . -41.02 14.31 7.19
O1 EDO MB . -40.34 13.94 8.37
C2 EDO MB . -42.04 15.45 7.24
O2 EDO MB . -41.34 16.65 7.42
C1 EDO NB . -37.05 18.05 24.40
O1 EDO NB . -36.11 17.04 24.09
C2 EDO NB . -37.35 17.84 25.86
O2 EDO NB . -36.15 18.09 26.65
C1 EDO OB . -25.70 27.21 36.18
O1 EDO OB . -24.49 26.50 35.97
C2 EDO OB . -25.57 27.70 37.54
O2 EDO OB . -25.45 26.52 38.30
C1 EDO PB . -52.30 44.28 12.03
O1 EDO PB . -52.55 45.64 12.43
C2 EDO PB . -53.55 43.53 12.18
O2 EDO PB . -54.45 44.17 11.30
C1 EDO QB . -40.78 36.30 9.97
O1 EDO QB . -41.91 36.17 10.72
C2 EDO QB . -40.87 37.66 9.21
O2 EDO QB . -39.68 37.66 8.38
C1 EDO RB . -52.00 46.88 30.23
O1 EDO RB . -51.95 47.27 31.61
C2 EDO RB . -53.46 46.77 29.79
O2 EDO RB . -53.66 46.82 28.34
C1 EDO SB . -48.21 37.61 27.23
O1 EDO SB . -48.26 36.43 28.03
C2 EDO SB . -49.03 38.75 27.81
O2 EDO SB . -48.50 39.24 29.03
C1 EDO TB . -43.84 17.19 21.76
O1 EDO TB . -43.99 16.63 20.54
C2 EDO TB . -43.44 18.63 21.53
O2 EDO TB . -42.90 18.94 22.77
C1 EDO UB . -45.57 34.48 46.90
O1 EDO UB . -46.63 34.76 45.99
C2 EDO UB . -46.01 33.55 48.02
O2 EDO UB . -47.05 34.17 48.78
C1 EDO VB . -34.69 44.51 5.02
O1 EDO VB . -33.71 45.58 4.99
C2 EDO VB . -35.01 44.01 3.60
O2 EDO VB . -34.54 42.65 3.36
C1 EDO WB . -44.44 45.03 6.16
O1 EDO WB . -43.85 43.86 5.66
C2 EDO WB . -43.34 45.98 6.56
O2 EDO WB . -43.78 47.29 6.17
C1 EDO XB . -32.32 23.17 46.42
O1 EDO XB . -33.29 23.74 47.27
C2 EDO XB . -31.27 24.17 45.99
O2 EDO XB . -30.30 23.36 45.36
C1 EDO YB . -51.46 34.35 5.16
O1 EDO YB . -51.71 35.44 5.01
C2 EDO YB . -50.02 34.36 5.16
O2 EDO YB . -49.96 33.18 4.81
C1 GOL ZB . -35.30 30.23 24.78
O1 GOL ZB . -34.08 30.39 25.51
C2 GOL ZB . -35.80 31.40 24.06
O2 GOL ZB . -36.14 32.46 24.89
C3 GOL ZB . -36.93 31.08 23.17
O3 GOL ZB . -37.31 32.12 22.26
#